data_7TCS
#
_entry.id   7TCS
#
_cell.length_a   63.550
_cell.length_b   82.990
_cell.length_c   96.580
_cell.angle_alpha   93.730
_cell.angle_beta   105.710
_cell.angle_gamma   114.240
#
_symmetry.space_group_name_H-M   'P 1'
#
loop_
_entity.id
_entity.type
_entity.pdbx_description
1 polymer 'Tyrosine phenol-lyase'
2 non-polymer 'POTASSIUM ION'
3 non-polymer 'DIMETHYL SULFOXIDE'
4 non-polymer (4Z)-4-({[(1E)-1-carboxy-3-(methylsulfanyl)propylidene]azaniumyl}methylidene)-2-methyl-5-[(phosphonooxy)methyl]-1,4-dihydropyridin-3-olate
5 non-polymer 'CESIUM ION'
6 non-polymer "PYRIDOXAL-5'-PHOSPHATE"
7 water water
#
_entity_poly.entity_id   1
_entity_poly.type   'polypeptide(L)'
_entity_poly.pdbx_seq_one_letter_code
;MNYPAEPFRIKSVETVSMIPRDERLKKMQEAGYNTFLLNSKDIYIDLLTDSGTNAMSDKQWAGMMMGDEAYAGSENFYHL
ERTVQELFGFKHIVPTHQGRGAENLLSQLAIKPGQYVAGNMYFTTTRYHQEKNGAVFVDIVRDEAHDAGLNIAFKGDIDL
KKLQKLIDEKGAENIAYICLAVTVNLAGGQPVSMANMRAVRELTAAHGIKVFYDATRCVENAYFIKEQEQGFENKSIAEI
VHEMFSYADGCTMSGKKDCLVNIGGFLCMNDDEMFSSAKELVVVYEGMPSYGGLAGRDMEAMAIGLREAMQYEYIEHRVK
QVRYLGDKLKAAGVPIVEPVGGHAVFLDARRFCEHLTQDEFPAQSLAASIYVETGVRSAERGIISAGRNNVTGEHHRPKL
ETVRLTIPRRVYTYAHMDVVADGIIKLYQHKEDIRGLKFIYEPKQLRFFTARFDYI
;
_entity_poly.pdbx_strand_id   A,B,C,D
#
# COMPACT_ATOMS: atom_id res chain seq x y z
N MET A 1 29.85 20.35 -8.20
CA MET A 1 28.87 21.46 -8.09
C MET A 1 28.52 21.68 -6.63
N ASN A 2 28.47 22.94 -6.21
CA ASN A 2 28.20 23.24 -4.81
C ASN A 2 26.83 22.72 -4.38
N TYR A 3 25.81 22.89 -5.23
CA TYR A 3 24.42 22.61 -4.89
C TYR A 3 23.74 21.89 -6.04
N PRO A 4 23.91 20.57 -6.10
CA PRO A 4 23.30 19.80 -7.19
C PRO A 4 21.78 19.74 -7.10
N ALA A 5 21.18 19.50 -8.25
CA ALA A 5 19.74 19.27 -8.26
C ALA A 5 19.40 17.95 -7.57
N GLU A 6 18.15 17.81 -7.16
CA GLU A 6 17.71 16.60 -6.51
C GLU A 6 17.87 15.41 -7.45
N PRO A 7 18.49 14.30 -6.98
CA PRO A 7 18.71 13.12 -7.83
C PRO A 7 17.49 12.19 -7.78
N PHE A 8 16.32 12.80 -7.79
CA PHE A 8 15.06 12.08 -7.77
C PHE A 8 13.99 13.06 -8.25
N ARG A 9 12.85 12.53 -8.65
CA ARG A 9 11.68 13.35 -8.89
CA ARG A 9 11.66 13.33 -8.91
C ARG A 9 10.65 13.08 -7.80
N ILE A 10 9.71 13.99 -7.66
CA ILE A 10 8.66 13.85 -6.68
C ILE A 10 7.62 12.86 -7.21
N LYS A 11 7.32 11.84 -6.41
CA LYS A 11 6.30 10.86 -6.74
C LYS A 11 4.97 11.21 -6.10
N SER A 12 4.97 11.68 -4.87
CA SER A 12 3.74 12.14 -4.23
C SER A 12 4.07 13.24 -3.23
N VAL A 13 3.04 14.03 -2.90
CA VAL A 13 3.20 15.22 -2.08
C VAL A 13 2.26 15.22 -0.87
N GLU A 14 2.58 16.11 0.08
CA GLU A 14 1.75 16.48 1.23
C GLU A 14 1.71 18.00 1.32
N THR A 15 0.52 18.58 1.47
CA THR A 15 0.40 20.03 1.50
CA THR A 15 0.42 20.04 1.48
C THR A 15 1.09 20.62 2.72
N VAL A 16 1.51 21.89 2.59
CA VAL A 16 2.05 22.66 3.71
C VAL A 16 1.24 23.93 3.82
N SER A 17 1.14 24.46 5.04
CA SER A 17 0.34 25.64 5.33
C SER A 17 0.96 26.40 6.48
N MET A 18 0.67 27.69 6.54
CA MET A 18 1.17 28.55 7.61
C MET A 18 0.00 29.23 8.28
N ILE A 19 -0.03 29.21 9.61
CA ILE A 19 -0.98 30.01 10.37
C ILE A 19 -0.29 31.34 10.68
N PRO A 20 -1.04 32.43 10.84
CA PRO A 20 -0.41 33.75 10.97
C PRO A 20 0.28 33.93 12.32
N ARG A 21 1.10 34.97 12.38
CA ARG A 21 1.98 35.17 13.52
C ARG A 21 1.21 35.26 14.83
N ASP A 22 0.09 35.99 14.85
CA ASP A 22 -0.65 36.14 16.10
C ASP A 22 -1.07 34.78 16.64
N GLU A 23 -1.46 33.88 15.73
CA GLU A 23 -1.88 32.55 16.15
C GLU A 23 -0.68 31.70 16.58
N ARG A 24 0.47 31.86 15.89
CA ARG A 24 1.68 31.16 16.30
C ARG A 24 2.13 31.59 17.70
N LEU A 25 2.01 32.88 18.01
CA LEU A 25 2.38 33.36 19.33
C LEU A 25 1.53 32.67 20.41
N LYS A 26 0.22 32.58 20.18
CA LYS A 26 -0.66 31.90 21.12
CA LYS A 26 -0.67 31.89 21.12
C LYS A 26 -0.29 30.43 21.26
N LYS A 27 -0.06 29.75 20.12
CA LYS A 27 0.32 28.35 20.17
C LYS A 27 1.65 28.15 20.93
N MET A 28 2.60 29.06 20.74
CA MET A 28 3.88 28.90 21.43
C MET A 28 3.70 29.04 22.93
N GLN A 29 2.82 29.96 23.35
CA GLN A 29 2.54 30.12 24.77
CA GLN A 29 2.54 30.12 24.77
C GLN A 29 1.85 28.88 25.32
N GLU A 30 0.89 28.33 24.57
CA GLU A 30 0.16 27.15 25.03
C GLU A 30 1.08 25.95 25.13
N ALA A 31 2.15 25.93 24.33
CA ALA A 31 3.19 24.91 24.37
C ALA A 31 4.27 25.18 25.40
N GLY A 32 4.04 26.12 26.33
CA GLY A 32 5.04 26.38 27.36
C GLY A 32 6.39 26.80 26.82
N TYR A 33 6.40 27.42 25.63
CA TYR A 33 7.63 27.90 24.98
C TYR A 33 8.60 26.77 24.65
N ASN A 34 8.10 25.54 24.51
CA ASN A 34 8.89 24.39 24.10
C ASN A 34 8.40 23.91 22.74
N THR A 35 9.26 24.02 21.72
CA THR A 35 8.84 23.60 20.38
C THR A 35 8.44 22.12 20.32
N PHE A 36 8.98 21.27 21.19
CA PHE A 36 8.57 19.86 21.21
C PHE A 36 7.10 19.70 21.53
N LEU A 37 6.45 20.70 22.13
CA LEU A 37 5.06 20.58 22.52
C LEU A 37 4.10 21.20 21.52
N LEU A 38 4.60 21.76 20.42
CA LEU A 38 3.73 22.26 19.36
C LEU A 38 3.11 21.10 18.57
N ASN A 39 1.94 21.36 18.03
CA ASN A 39 1.26 20.38 17.18
C ASN A 39 1.70 20.50 15.73
N SER A 40 1.82 19.35 15.08
CA SER A 40 2.29 19.28 13.71
C SER A 40 1.48 20.16 12.78
N LYS A 41 0.16 20.19 12.95
CA LYS A 41 -0.69 20.96 12.05
C LYS A 41 -0.40 22.45 12.13
N ASP A 42 0.22 22.92 13.22
CA ASP A 42 0.51 24.33 13.41
C ASP A 42 1.88 24.73 12.90
N ILE A 43 2.62 23.82 12.27
CA ILE A 43 3.97 24.09 11.80
CA ILE A 43 3.98 24.05 11.81
C ILE A 43 3.97 24.20 10.29
N TYR A 44 4.70 25.19 9.79
CA TYR A 44 4.83 25.37 8.34
C TYR A 44 5.92 24.48 7.76
N ILE A 45 7.16 24.65 8.22
CA ILE A 45 8.31 23.82 7.82
C ILE A 45 8.85 23.24 9.11
N ASP A 46 8.86 21.91 9.20
CA ASP A 46 9.10 21.24 10.49
C ASP A 46 10.51 20.68 10.51
N LEU A 47 11.44 21.44 11.11
CA LEU A 47 12.84 21.07 11.25
C LEU A 47 13.21 20.69 12.68
N LEU A 48 12.24 20.17 13.42
CA LEU A 48 12.52 19.69 14.77
C LEU A 48 13.56 18.59 14.75
N THR A 49 13.46 17.68 13.78
CA THR A 49 14.34 16.54 13.72
C THR A 49 14.29 15.88 12.36
N ASP A 50 15.41 15.27 12.01
CA ASP A 50 15.52 14.39 10.87
C ASP A 50 15.17 12.95 11.22
N SER A 51 14.62 12.70 12.40
CA SER A 51 14.32 11.35 12.86
C SER A 51 12.89 10.97 12.46
N GLY A 52 12.77 10.00 11.57
CA GLY A 52 11.48 9.40 11.25
C GLY A 52 10.61 10.26 10.37
N THR A 53 11.13 11.39 9.90
CA THR A 53 10.40 12.37 9.11
C THR A 53 10.75 12.29 7.64
N ASN A 54 11.50 11.26 7.23
CA ASN A 54 11.99 11.13 5.86
C ASN A 54 10.91 10.75 4.88
N ALA A 55 11.10 11.15 3.61
CA ALA A 55 10.26 10.65 2.52
C ALA A 55 10.83 9.36 1.97
N MET A 56 9.99 8.33 1.88
CA MET A 56 10.41 7.05 1.32
C MET A 56 10.28 7.06 -0.20
N SER A 57 10.93 6.09 -0.84
CA SER A 57 10.86 5.98 -2.29
C SER A 57 9.70 5.09 -2.72
N ASP A 58 9.47 5.10 -4.04
CA ASP A 58 8.54 4.17 -4.66
C ASP A 58 8.88 2.72 -4.35
N LYS A 59 10.17 2.36 -4.38
CA LYS A 59 10.58 0.99 -4.10
C LYS A 59 10.31 0.62 -2.65
N GLN A 60 10.47 1.57 -1.73
CA GLN A 60 10.13 1.31 -0.33
C GLN A 60 8.63 1.13 -0.16
N TRP A 61 7.83 1.98 -0.82
CA TRP A 61 6.38 1.82 -0.74
C TRP A 61 5.91 0.53 -1.37
N ALA A 62 6.59 0.05 -2.42
CA ALA A 62 6.29 -1.28 -2.95
C ALA A 62 6.55 -2.33 -1.88
N GLY A 63 7.66 -2.21 -1.17
CA GLY A 63 7.92 -3.11 -0.05
C GLY A 63 6.89 -3.05 1.05
N MET A 64 6.33 -1.86 1.28
CA MET A 64 5.28 -1.69 2.28
C MET A 64 4.03 -2.48 1.94
N MET A 65 3.83 -2.84 0.68
CA MET A 65 2.73 -3.68 0.26
C MET A 65 3.04 -5.16 0.37
N MET A 66 4.29 -5.51 0.67
N MET A 66 4.28 -5.53 0.65
CA MET A 66 4.77 -6.88 0.74
CA MET A 66 4.67 -6.94 0.76
C MET A 66 5.12 -7.29 2.16
C MET A 66 5.15 -7.26 2.16
N GLY A 67 4.45 -6.70 3.15
CA GLY A 67 4.71 -7.09 4.53
C GLY A 67 4.26 -8.52 4.76
N ASP A 68 5.17 -9.33 5.27
CA ASP A 68 4.95 -10.68 5.73
C ASP A 68 4.87 -10.52 7.25
N GLU A 69 3.65 -10.49 7.77
CA GLU A 69 3.39 -10.09 9.15
C GLU A 69 3.50 -11.26 10.13
N ALA A 70 4.10 -12.38 9.70
CA ALA A 70 4.27 -13.53 10.57
C ALA A 70 5.07 -13.17 11.82
N TYR A 71 4.71 -13.81 12.92
CA TYR A 71 5.34 -13.56 14.21
C TYR A 71 6.79 -14.01 14.22
N ALA A 72 7.13 -15.04 13.46
CA ALA A 72 8.49 -15.56 13.38
C ALA A 72 8.77 -16.00 11.96
N GLY A 73 10.00 -15.80 11.49
CA GLY A 73 10.36 -16.28 10.18
C GLY A 73 9.90 -15.42 9.02
N SER A 74 9.53 -14.17 9.29
CA SER A 74 9.08 -13.27 8.23
C SER A 74 10.18 -13.09 7.19
N GLU A 75 9.78 -13.14 5.91
CA GLU A 75 10.70 -12.83 4.82
C GLU A 75 11.30 -11.44 4.99
N ASN A 76 10.54 -10.51 5.57
CA ASN A 76 11.05 -9.15 5.73
C ASN A 76 12.21 -9.12 6.72
N PHE A 77 12.13 -9.94 7.78
CA PHE A 77 13.26 -10.02 8.70
C PHE A 77 14.48 -10.55 7.98
N TYR A 78 14.33 -11.62 7.21
CA TYR A 78 15.46 -12.20 6.49
CA TYR A 78 15.49 -12.17 6.52
C TYR A 78 16.08 -11.19 5.53
N HIS A 79 15.25 -10.39 4.86
N HIS A 79 15.24 -10.41 4.84
CA HIS A 79 15.79 -9.38 3.96
CA HIS A 79 15.76 -9.36 3.97
C HIS A 79 16.57 -8.32 4.74
C HIS A 79 16.58 -8.36 4.76
N LEU A 80 16.04 -7.87 5.88
CA LEU A 80 16.79 -6.92 6.70
C LEU A 80 18.10 -7.53 7.18
N GLU A 81 18.06 -8.77 7.68
CA GLU A 81 19.25 -9.43 8.17
C GLU A 81 20.30 -9.55 7.08
N ARG A 82 19.90 -9.99 5.89
CA ARG A 82 20.85 -10.14 4.79
CA ARG A 82 20.87 -10.14 4.81
C ARG A 82 21.45 -8.80 4.40
N THR A 83 20.62 -7.76 4.34
CA THR A 83 21.08 -6.45 3.91
C THR A 83 22.10 -5.88 4.89
N VAL A 84 21.78 -5.95 6.19
CA VAL A 84 22.69 -5.40 7.19
C VAL A 84 23.99 -6.21 7.25
N GLN A 85 23.91 -7.54 7.15
CA GLN A 85 25.13 -8.35 7.11
C GLN A 85 25.99 -7.98 5.92
N GLU A 86 25.38 -7.77 4.75
CA GLU A 86 26.16 -7.39 3.57
C GLU A 86 26.80 -6.02 3.75
N LEU A 87 26.02 -5.04 4.19
CA LEU A 87 26.45 -3.65 4.13
C LEU A 87 27.31 -3.25 5.32
N PHE A 88 27.03 -3.79 6.50
CA PHE A 88 27.78 -3.46 7.71
C PHE A 88 28.77 -4.53 8.15
N GLY A 89 28.50 -5.80 7.83
CA GLY A 89 29.45 -6.86 8.09
C GLY A 89 29.42 -7.48 9.47
N PHE A 90 28.46 -7.12 10.31
CA PHE A 90 28.35 -7.71 11.63
C PHE A 90 27.75 -9.10 11.55
N LYS A 91 28.10 -9.94 12.53
CA LYS A 91 27.68 -11.33 12.49
C LYS A 91 26.18 -11.49 12.77
N HIS A 92 25.64 -10.69 13.69
CA HIS A 92 24.29 -10.91 14.17
C HIS A 92 23.51 -9.59 14.26
N ILE A 93 22.19 -9.69 14.15
CA ILE A 93 21.32 -8.52 14.24
C ILE A 93 20.08 -8.86 15.06
N VAL A 94 19.65 -7.89 15.87
CA VAL A 94 18.39 -7.96 16.60
C VAL A 94 17.62 -6.69 16.26
N PRO A 95 16.44 -6.79 15.62
CA PRO A 95 15.66 -5.60 15.31
C PRO A 95 15.08 -4.99 16.58
N THR A 96 14.88 -3.68 16.55
CA THR A 96 14.24 -2.93 17.65
C THR A 96 13.32 -1.90 17.02
N HIS A 97 12.36 -1.39 17.80
CA HIS A 97 11.40 -0.50 17.13
C HIS A 97 12.03 0.82 16.74
N GLN A 98 13.05 1.27 17.46
CA GLN A 98 13.86 2.43 17.08
C GLN A 98 15.14 2.41 17.91
N GLY A 99 15.90 3.50 17.85
CA GLY A 99 17.26 3.47 18.38
C GLY A 99 17.33 3.27 19.88
N ARG A 100 16.49 3.98 20.63
CA ARG A 100 16.59 3.87 22.09
C ARG A 100 16.19 2.49 22.58
N GLY A 101 15.44 1.73 21.77
CA GLY A 101 15.21 0.33 22.11
C GLY A 101 16.50 -0.48 22.03
N ALA A 102 17.32 -0.21 21.02
CA ALA A 102 18.62 -0.85 20.93
C ALA A 102 19.55 -0.39 22.04
N GLU A 103 19.49 0.90 22.41
CA GLU A 103 20.31 1.42 23.50
C GLU A 103 19.93 0.77 24.82
N ASN A 104 18.63 0.58 25.06
CA ASN A 104 18.18 -0.14 26.24
C ASN A 104 18.81 -1.52 26.31
N LEU A 105 18.79 -2.25 25.19
CA LEU A 105 19.38 -3.59 25.18
C LEU A 105 20.89 -3.54 25.41
N LEU A 106 21.60 -2.69 24.66
CA LEU A 106 23.06 -2.65 24.80
C LEU A 106 23.47 -2.29 26.22
N SER A 107 22.82 -1.28 26.80
CA SER A 107 23.21 -0.78 28.11
C SER A 107 22.96 -1.82 29.19
N GLN A 108 21.84 -2.53 29.10
CA GLN A 108 21.56 -3.59 30.06
C GLN A 108 22.52 -4.76 29.88
N LEU A 109 22.95 -5.04 28.65
CA LEU A 109 23.76 -6.22 28.40
C LEU A 109 25.23 -5.98 28.71
N ALA A 110 25.74 -4.79 28.44
CA ALA A 110 27.18 -4.58 28.38
C ALA A 110 27.76 -3.74 29.50
N ILE A 111 26.93 -3.28 30.43
CA ILE A 111 27.37 -2.40 31.51
C ILE A 111 27.21 -3.10 32.85
N LYS A 112 28.29 -3.19 33.59
CA LYS A 112 28.22 -3.51 35.01
C LYS A 112 28.20 -2.21 35.80
N PRO A 113 27.29 -2.04 36.76
CA PRO A 113 27.21 -0.76 37.47
C PRO A 113 28.56 -0.34 38.04
N GLY A 114 28.86 0.94 37.90
CA GLY A 114 30.13 1.51 38.30
C GLY A 114 31.13 1.63 37.17
N GLN A 115 30.96 0.87 36.09
CA GLN A 115 31.89 0.96 34.99
C GLN A 115 31.73 2.29 34.24
N TYR A 116 32.73 2.60 33.43
CA TYR A 116 32.71 3.81 32.63
C TYR A 116 32.33 3.46 31.20
N VAL A 117 31.54 4.34 30.58
CA VAL A 117 31.31 4.31 29.14
C VAL A 117 31.87 5.62 28.59
N ALA A 118 32.80 5.53 27.64
CA ALA A 118 33.45 6.69 27.06
C ALA A 118 32.96 6.86 25.63
N GLY A 119 32.60 8.09 25.26
CA GLY A 119 32.04 8.36 23.96
C GLY A 119 32.54 9.68 23.41
N ASN A 120 32.38 9.85 22.09
CA ASN A 120 32.76 11.10 21.44
C ASN A 120 31.58 12.06 21.50
N MET A 121 31.43 12.67 22.68
CA MET A 121 30.32 13.55 23.06
C MET A 121 29.09 12.76 23.46
N TYR A 122 28.33 13.28 24.44
CA TYR A 122 27.12 12.62 24.89
C TYR A 122 26.01 12.75 23.84
N PHE A 123 25.01 11.87 23.95
CA PHE A 123 23.71 12.10 23.33
C PHE A 123 22.65 11.85 24.38
N THR A 124 21.47 12.45 24.20
CA THR A 124 20.50 12.51 25.28
C THR A 124 20.02 11.12 25.70
N THR A 125 19.40 10.38 24.77
CA THR A 125 18.87 9.06 25.15
C THR A 125 19.98 8.08 25.51
N THR A 126 21.09 8.18 24.78
CA THR A 126 22.23 7.28 24.99
C THR A 126 22.78 7.45 26.40
N ARG A 127 23.00 8.69 26.82
CA ARG A 127 23.57 8.93 28.14
C ARG A 127 22.59 8.49 29.23
N TYR A 128 21.29 8.74 29.03
CA TYR A 128 20.33 8.32 30.05
C TYR A 128 20.36 6.81 30.25
N HIS A 129 20.39 6.04 29.15
CA HIS A 129 20.42 4.59 29.31
C HIS A 129 21.75 4.10 29.88
N GLN A 130 22.86 4.75 29.55
CA GLN A 130 24.12 4.42 30.20
C GLN A 130 24.01 4.63 31.71
N GLU A 131 23.54 5.80 32.14
CA GLU A 131 23.53 6.16 33.55
C GLU A 131 22.48 5.36 34.33
N LYS A 132 21.32 5.09 33.72
CA LYS A 132 20.29 4.30 34.39
C LYS A 132 20.79 2.90 34.73
N ASN A 133 21.71 2.37 33.93
CA ASN A 133 22.28 1.06 34.15
C ASN A 133 23.59 1.12 34.93
N GLY A 134 23.91 2.28 35.50
CA GLY A 134 24.98 2.39 36.47
C GLY A 134 26.31 2.85 35.93
N ALA A 135 26.39 3.19 34.65
CA ALA A 135 27.66 3.63 34.11
C ALA A 135 27.91 5.10 34.41
N VAL A 136 29.19 5.47 34.40
CA VAL A 136 29.62 6.86 34.40
C VAL A 136 30.06 7.22 32.99
N PHE A 137 29.43 8.24 32.42
CA PHE A 137 29.79 8.66 31.06
C PHE A 137 31.02 9.56 31.08
N VAL A 138 31.97 9.27 30.20
CA VAL A 138 33.19 10.06 30.04
C VAL A 138 33.27 10.53 28.59
N ASP A 139 33.38 11.85 28.40
CA ASP A 139 33.51 12.43 27.07
C ASP A 139 34.97 12.37 26.62
N ILE A 140 35.24 11.68 25.52
CA ILE A 140 36.59 11.58 24.97
C ILE A 140 36.68 12.21 23.58
N VAL A 141 35.70 13.00 23.16
CA VAL A 141 35.83 13.71 21.90
C VAL A 141 36.96 14.72 21.99
N ARG A 142 37.59 15.01 20.86
CA ARG A 142 38.61 16.06 20.81
C ARG A 142 38.01 17.38 21.26
N ASP A 143 38.85 18.19 21.92
CA ASP A 143 38.37 19.44 22.51
C ASP A 143 37.75 20.36 21.46
N GLU A 144 38.27 20.35 20.24
CA GLU A 144 37.76 21.25 19.20
C GLU A 144 36.28 21.02 18.95
N ALA A 145 35.76 19.81 19.20
CA ALA A 145 34.36 19.56 18.94
C ALA A 145 33.45 20.47 19.76
N HIS A 146 33.92 20.98 20.89
CA HIS A 146 33.14 21.85 21.75
C HIS A 146 33.29 23.32 21.39
N ASP A 147 34.04 23.63 20.33
CA ASP A 147 34.33 25.00 19.90
C ASP A 147 33.49 25.30 18.67
N ALA A 148 32.37 26.00 18.88
CA ALA A 148 31.34 26.08 17.85
C ALA A 148 31.87 26.67 16.56
N GLY A 149 32.60 27.78 16.65
CA GLY A 149 33.03 28.53 15.50
C GLY A 149 34.30 28.05 14.83
N LEU A 150 34.95 27.03 15.37
CA LEU A 150 36.21 26.54 14.82
C LEU A 150 35.95 25.59 13.67
N ASN A 151 36.28 26.02 12.45
CA ASN A 151 35.98 25.26 11.24
C ASN A 151 37.16 24.35 10.94
N ILE A 152 37.09 23.11 11.46
CA ILE A 152 38.07 22.08 11.16
C ILE A 152 37.35 20.80 10.74
N ALA A 153 38.05 19.99 9.95
CA ALA A 153 37.47 18.75 9.45
C ALA A 153 37.51 17.65 10.51
N PHE A 154 36.57 16.70 10.37
CA PHE A 154 36.50 15.53 11.26
C PHE A 154 36.53 15.92 12.73
N LYS A 155 35.65 16.87 13.08
CA LYS A 155 35.52 17.35 14.45
C LYS A 155 35.00 16.30 15.41
N GLY A 156 34.39 15.23 14.91
CA GLY A 156 33.88 14.20 15.77
C GLY A 156 34.90 13.19 16.27
N ASP A 157 36.14 13.28 15.80
CA ASP A 157 37.14 12.26 16.14
C ASP A 157 37.36 12.20 17.65
N ILE A 158 37.64 10.99 18.13
CA ILE A 158 38.05 10.78 19.52
C ILE A 158 39.49 11.25 19.70
N ASP A 159 39.75 11.89 20.84
CA ASP A 159 41.11 12.20 21.25
C ASP A 159 41.72 10.95 21.90
N LEU A 160 42.67 10.33 21.21
CA LEU A 160 43.26 9.10 21.74
C LEU A 160 43.94 9.34 23.08
N LYS A 161 44.45 10.56 23.32
CA LYS A 161 45.08 10.85 24.60
C LYS A 161 44.07 10.77 25.74
N LYS A 162 42.83 11.22 25.50
CA LYS A 162 41.79 11.12 26.52
C LYS A 162 41.42 9.66 26.77
N LEU A 163 41.35 8.85 25.72
CA LEU A 163 41.06 7.43 25.90
C LEU A 163 42.19 6.74 26.64
N GLN A 164 43.44 7.01 26.26
CA GLN A 164 44.56 6.40 26.95
C GLN A 164 44.56 6.79 28.42
N LYS A 165 44.22 8.06 28.71
CA LYS A 165 44.20 8.51 30.10
C LYS A 165 43.14 7.77 30.91
N LEU A 166 41.96 7.58 30.33
CA LEU A 166 40.92 6.81 31.01
C LEU A 166 41.40 5.41 31.32
N ILE A 167 42.01 4.75 30.33
CA ILE A 167 42.54 3.41 30.55
C ILE A 167 43.57 3.42 31.68
N ASP A 168 44.48 4.39 31.66
CA ASP A 168 45.55 4.41 32.66
C ASP A 168 45.02 4.67 34.05
N GLU A 169 44.05 5.57 34.18
CA GLU A 169 43.57 5.97 35.49
C GLU A 169 42.56 4.99 36.06
N LYS A 170 41.68 4.44 35.22
CA LYS A 170 40.57 3.64 35.73
C LYS A 170 40.76 2.14 35.53
N GLY A 171 41.59 1.72 34.57
CA GLY A 171 41.75 0.30 34.28
C GLY A 171 40.79 -0.17 33.20
N ALA A 172 41.33 -0.93 32.24
CA ALA A 172 40.52 -1.38 31.11
C ALA A 172 39.33 -2.23 31.56
N GLU A 173 39.50 -3.04 32.60
CA GLU A 173 38.42 -3.90 33.07
C GLU A 173 37.25 -3.10 33.61
N ASN A 174 37.44 -1.82 33.92
CA ASN A 174 36.39 -0.97 34.44
C ASN A 174 35.74 -0.10 33.37
N ILE A 175 36.10 -0.30 32.12
CA ILE A 175 35.48 0.39 30.99
C ILE A 175 34.53 -0.62 30.34
N ALA A 176 33.23 -0.32 30.39
CA ALA A 176 32.25 -1.21 29.79
C ALA A 176 32.44 -1.30 28.28
N TYR A 177 32.53 -0.15 27.62
CA TYR A 177 32.78 -0.10 26.19
C TYR A 177 33.03 1.35 25.81
N ILE A 178 33.51 1.54 24.58
CA ILE A 178 33.58 2.85 23.95
C ILE A 178 32.37 2.97 23.04
N CYS A 179 31.69 4.10 23.10
CA CYS A 179 30.56 4.43 22.24
C CYS A 179 31.06 5.44 21.22
N LEU A 180 31.22 5.02 19.97
CA LEU A 180 31.75 5.87 18.91
C LEU A 180 30.61 6.17 17.94
N ALA A 181 30.16 7.42 17.95
CA ALA A 181 29.01 7.82 17.14
C ALA A 181 29.49 8.41 15.81
N VAL A 182 28.78 8.05 14.75
CA VAL A 182 29.02 8.55 13.40
C VAL A 182 27.69 8.98 12.78
N THR A 183 27.61 10.22 12.33
CA THR A 183 28.38 11.37 12.76
C THR A 183 28.08 11.66 14.22
N VAL A 184 28.65 12.73 14.76
CA VAL A 184 28.40 13.17 16.13
C VAL A 184 27.32 14.25 16.10
N ASN A 185 26.12 13.88 16.53
CA ASN A 185 24.94 14.74 16.44
C ASN A 185 25.14 16.06 17.16
N LEU A 186 25.43 16.02 18.45
CA LEU A 186 25.43 17.25 19.23
C LEU A 186 26.65 18.13 19.03
N ALA A 187 27.68 17.66 18.32
CA ALA A 187 28.77 18.54 17.90
C ALA A 187 28.43 19.32 16.64
N GLY A 188 27.23 19.13 16.10
CA GLY A 188 26.83 19.73 14.86
C GLY A 188 26.69 18.78 13.69
N GLY A 189 26.58 17.49 13.93
CA GLY A 189 26.60 16.56 12.83
C GLY A 189 27.98 16.35 12.25
N GLN A 190 29.01 16.27 13.11
CA GLN A 190 30.40 16.30 12.68
C GLN A 190 30.93 14.90 12.45
N PRO A 191 31.65 14.69 11.36
CA PRO A 191 32.08 13.32 11.02
C PRO A 191 33.32 12.88 11.79
N VAL A 192 33.49 11.56 11.80
CA VAL A 192 34.66 10.88 12.32
C VAL A 192 35.42 10.30 11.14
N SER A 193 36.75 10.45 11.16
CA SER A 193 37.60 9.95 10.09
C SER A 193 37.82 8.45 10.20
N MET A 194 38.06 7.81 9.05
CA MET A 194 38.46 6.41 9.08
C MET A 194 39.75 6.21 9.86
N ALA A 195 40.71 7.13 9.73
CA ALA A 195 41.95 6.99 10.46
C ALA A 195 41.69 6.92 11.95
N ASN A 196 40.76 7.72 12.44
CA ASN A 196 40.43 7.72 13.86
C ASN A 196 39.77 6.41 14.27
N MET A 197 38.81 5.94 13.47
CA MET A 197 38.19 4.65 13.77
C MET A 197 39.22 3.54 13.87
N ARG A 198 40.20 3.54 12.96
CA ARG A 198 41.28 2.56 12.98
C ARG A 198 42.11 2.69 14.24
N ALA A 199 42.48 3.92 14.63
CA ALA A 199 43.31 4.10 15.82
C ALA A 199 42.56 3.69 17.09
N VAL A 200 41.27 4.01 17.17
CA VAL A 200 40.47 3.58 18.30
C VAL A 200 40.36 2.06 18.35
N ARG A 201 40.19 1.42 17.21
CA ARG A 201 40.14 -0.03 17.19
C ARG A 201 41.45 -0.62 17.72
N GLU A 202 42.58 -0.07 17.28
CA GLU A 202 43.86 -0.63 17.68
C GLU A 202 44.06 -0.50 19.18
N LEU A 203 43.75 0.67 19.75
CA LEU A 203 44.03 0.87 21.17
C LEU A 203 43.09 0.05 22.03
N THR A 204 41.80 0.02 21.69
CA THR A 204 40.86 -0.78 22.50
C THR A 204 41.19 -2.26 22.40
N ALA A 205 41.53 -2.74 21.19
CA ALA A 205 41.81 -4.17 21.05
C ALA A 205 42.99 -4.60 21.91
N ALA A 206 44.03 -3.76 21.98
CA ALA A 206 45.20 -4.07 22.78
C ALA A 206 44.87 -4.21 24.26
N HIS A 207 43.76 -3.63 24.71
CA HIS A 207 43.35 -3.71 26.11
C HIS A 207 42.09 -4.54 26.31
N GLY A 208 41.60 -5.21 25.27
CA GLY A 208 40.40 -6.03 25.42
C GLY A 208 39.11 -5.27 25.59
N ILE A 209 39.05 -4.02 25.15
CA ILE A 209 37.89 -3.16 25.34
C ILE A 209 37.03 -3.21 24.08
N LYS A 210 35.71 -3.32 24.28
CA LYS A 210 34.79 -3.36 23.16
C LYS A 210 34.41 -1.95 22.71
N VAL A 211 34.12 -1.82 21.42
CA VAL A 211 33.71 -0.58 20.80
C VAL A 211 32.39 -0.83 20.08
N PHE A 212 31.36 -0.11 20.46
CA PHE A 212 30.05 -0.19 19.81
C PHE A 212 29.76 1.14 19.15
N TYR A 213 29.51 1.11 17.84
CA TYR A 213 29.24 2.35 17.13
C TYR A 213 27.78 2.73 17.29
N ASP A 214 27.52 4.03 17.30
CA ASP A 214 26.18 4.54 17.06
C ASP A 214 26.11 4.86 15.58
N ALA A 215 25.42 4.01 14.82
CA ALA A 215 25.44 4.01 13.38
C ALA A 215 24.37 4.91 12.78
N THR A 216 23.66 5.67 13.60
CA THR A 216 22.42 6.34 13.18
C THR A 216 22.62 7.23 11.95
N ARG A 217 23.74 7.95 11.86
CA ARG A 217 24.02 8.81 10.71
C ARG A 217 25.32 8.40 10.03
N CYS A 218 25.49 7.09 9.87
CA CYS A 218 26.75 6.57 9.35
C CYS A 218 26.93 6.86 7.86
N VAL A 219 25.84 7.03 7.12
CA VAL A 219 25.97 7.28 5.69
C VAL A 219 26.39 8.72 5.43
N GLU A 220 25.80 9.67 6.14
CA GLU A 220 26.34 11.02 6.16
C GLU A 220 27.82 10.99 6.49
N ASN A 221 28.22 10.21 7.50
CA ASN A 221 29.61 10.15 7.88
C ASN A 221 30.46 9.66 6.71
N ALA A 222 30.00 8.60 6.05
CA ALA A 222 30.72 8.05 4.92
C ALA A 222 30.89 9.06 3.80
N TYR A 223 29.86 9.88 3.54
CA TYR A 223 29.97 10.94 2.54
C TYR A 223 31.12 11.88 2.89
N PHE A 224 31.18 12.32 4.15
CA PHE A 224 32.26 13.23 4.53
C PHE A 224 33.63 12.59 4.32
N ILE A 225 33.76 11.29 4.63
CA ILE A 225 35.02 10.59 4.36
C ILE A 225 35.35 10.63 2.88
N LYS A 226 34.37 10.32 2.03
CA LYS A 226 34.62 10.31 0.60
C LYS A 226 35.01 11.70 0.11
N GLU A 227 34.35 12.72 0.62
CA GLU A 227 34.58 14.07 0.14
C GLU A 227 35.89 14.66 0.65
N GLN A 228 36.30 14.31 1.88
CA GLN A 228 37.36 15.07 2.53
C GLN A 228 38.52 14.27 3.10
N GLU A 229 38.39 12.98 3.34
CA GLU A 229 39.49 12.22 3.93
C GLU A 229 40.42 11.71 2.84
N GLN A 230 41.68 12.06 2.93
CA GLN A 230 42.63 11.66 1.91
C GLN A 230 42.63 10.14 1.75
N GLY A 231 42.57 9.69 0.50
CA GLY A 231 42.61 8.29 0.18
C GLY A 231 41.26 7.68 -0.13
N PHE A 232 40.17 8.38 0.12
CA PHE A 232 38.84 7.84 -0.08
C PHE A 232 38.10 8.46 -1.26
N GLU A 233 38.76 9.31 -2.02
CA GLU A 233 38.11 10.04 -3.11
C GLU A 233 37.42 9.11 -4.10
N ASN A 234 37.98 7.94 -4.35
CA ASN A 234 37.47 7.03 -5.37
C ASN A 234 36.87 5.76 -4.79
N LYS A 235 36.62 5.72 -3.49
CA LYS A 235 35.92 4.61 -2.86
C LYS A 235 34.43 4.90 -2.89
N SER A 236 33.63 3.84 -3.04
CA SER A 236 32.18 4.05 -2.99
C SER A 236 31.71 4.26 -1.56
N ILE A 237 30.53 4.88 -1.43
CA ILE A 237 29.91 5.01 -0.12
C ILE A 237 29.79 3.65 0.55
N ALA A 238 29.35 2.62 -0.20
CA ALA A 238 29.18 1.31 0.42
C ALA A 238 30.52 0.74 0.90
N GLU A 239 31.58 0.90 0.11
CA GLU A 239 32.89 0.42 0.54
C GLU A 239 33.35 1.12 1.81
N ILE A 240 33.09 2.43 1.89
CA ILE A 240 33.46 3.20 3.07
C ILE A 240 32.68 2.71 4.29
N VAL A 241 31.36 2.54 4.13
CA VAL A 241 30.54 2.07 5.24
C VAL A 241 31.03 0.72 5.75
N HIS A 242 31.29 -0.21 4.84
CA HIS A 242 31.73 -1.53 5.25
C HIS A 242 33.04 -1.45 6.02
N GLU A 243 33.99 -0.63 5.55
CA GLU A 243 35.25 -0.50 6.26
C GLU A 243 35.05 0.13 7.63
N MET A 244 34.24 1.19 7.72
CA MET A 244 33.98 1.82 9.00
C MET A 244 33.60 0.79 10.06
N PHE A 245 32.61 -0.05 9.75
CA PHE A 245 32.12 -1.00 10.74
C PHE A 245 33.06 -2.18 10.96
N SER A 246 34.06 -2.38 10.09
CA SER A 246 35.07 -3.40 10.36
C SER A 246 35.90 -3.07 11.60
N TYR A 247 35.85 -1.82 12.07
CA TYR A 247 36.59 -1.39 13.25
C TYR A 247 35.73 -1.41 14.51
N ALA A 248 34.54 -2.02 14.47
CA ALA A 248 33.63 -2.03 15.60
C ALA A 248 33.29 -3.45 16.01
N ASP A 249 32.83 -3.59 17.26
CA ASP A 249 32.32 -4.87 17.76
C ASP A 249 30.82 -5.02 17.64
N GLY A 250 30.12 -3.98 17.22
CA GLY A 250 28.69 -3.99 17.07
C GLY A 250 28.23 -2.56 16.89
N CYS A 251 26.91 -2.39 16.83
CA CYS A 251 26.37 -1.05 16.73
C CYS A 251 24.94 -1.00 17.23
N THR A 252 24.53 0.20 17.61
CA THR A 252 23.13 0.58 17.74
C THR A 252 22.77 1.41 16.51
N MET A 253 21.53 1.31 16.08
CA MET A 253 21.07 2.05 14.92
CA MET A 253 21.07 2.05 14.92
C MET A 253 19.65 2.53 15.14
N SER A 254 19.43 3.83 14.97
CA SER A 254 18.09 4.36 14.74
C SER A 254 17.92 4.43 13.23
N GLY A 255 17.13 3.49 12.67
CA GLY A 255 16.87 3.50 11.23
C GLY A 255 16.12 4.72 10.76
N LYS A 256 15.48 5.41 11.69
CA LYS A 256 14.71 6.61 11.43
C LYS A 256 15.55 7.75 10.91
N LYS A 257 16.89 7.62 10.89
CA LYS A 257 17.75 8.62 10.29
C LYS A 257 18.23 8.10 8.94
N ASP A 258 19.45 7.54 8.86
CA ASP A 258 20.01 7.30 7.54
C ASP A 258 19.43 6.10 6.81
N CYS A 259 18.58 5.26 7.44
CA CYS A 259 17.90 4.18 6.73
C CYS A 259 16.62 4.66 5.99
N LEU A 260 16.33 5.96 6.03
CA LEU A 260 15.32 6.55 5.17
C LEU A 260 13.92 6.03 5.48
N VAL A 261 13.62 5.86 6.76
CA VAL A 261 12.33 5.33 7.18
C VAL A 261 11.69 6.19 8.26
N ASN A 262 10.44 5.85 8.59
CA ASN A 262 9.65 6.59 9.56
C ASN A 262 9.60 5.93 10.92
N ILE A 263 10.11 4.70 11.02
CA ILE A 263 10.15 3.92 12.25
C ILE A 263 11.15 2.81 11.99
N GLY A 264 11.81 2.34 13.04
CA GLY A 264 12.73 1.21 12.95
C GLY A 264 14.12 1.45 13.48
N GLY A 265 14.73 0.37 13.98
CA GLY A 265 16.12 0.38 14.40
C GLY A 265 16.61 -1.03 14.58
N PHE A 266 17.86 -1.16 15.05
CA PHE A 266 18.41 -2.49 15.32
C PHE A 266 19.69 -2.39 16.15
N LEU A 267 20.03 -3.52 16.75
CA LEU A 267 21.30 -3.74 17.43
C LEU A 267 22.07 -4.83 16.69
N CYS A 268 23.32 -4.55 16.34
CA CYS A 268 24.20 -5.54 15.75
C CYS A 268 25.32 -5.88 16.72
N MET A 269 25.81 -7.11 16.64
CA MET A 269 26.97 -7.48 17.41
C MET A 269 27.65 -8.67 16.74
N ASN A 270 28.94 -8.79 16.98
CA ASN A 270 29.67 -9.93 16.46
C ASN A 270 29.74 -11.07 17.46
N ASP A 271 29.53 -10.81 18.75
CA ASP A 271 29.76 -11.82 19.77
C ASP A 271 28.55 -12.74 19.92
N ASP A 272 28.81 -14.05 19.85
CA ASP A 272 27.73 -15.04 19.92
C ASP A 272 27.00 -14.98 21.25
N GLU A 273 27.73 -14.89 22.37
CA GLU A 273 27.06 -14.90 23.67
CA GLU A 273 27.06 -14.90 23.67
C GLU A 273 26.24 -13.63 23.88
N MET A 274 26.76 -12.48 23.45
CA MET A 274 25.97 -11.25 23.56
C MET A 274 24.70 -11.35 22.74
N PHE A 275 24.78 -11.96 21.56
CA PHE A 275 23.60 -12.16 20.70
C PHE A 275 22.55 -13.00 21.42
N SER A 276 22.97 -14.11 22.03
CA SER A 276 22.02 -14.93 22.78
CA SER A 276 22.03 -14.92 22.79
C SER A 276 21.39 -14.13 23.91
N SER A 277 22.19 -13.38 24.67
CA SER A 277 21.65 -12.57 25.75
C SER A 277 20.72 -11.48 25.22
N ALA A 278 21.07 -10.88 24.08
CA ALA A 278 20.21 -9.85 23.49
C ALA A 278 18.87 -10.42 23.06
N LYS A 279 18.86 -11.63 22.49
CA LYS A 279 17.60 -12.25 22.09
C LYS A 279 16.73 -12.55 23.31
N GLU A 280 17.34 -12.93 24.43
CA GLU A 280 16.54 -13.16 25.63
C GLU A 280 15.91 -11.87 26.14
N LEU A 281 16.59 -10.74 25.98
CA LEU A 281 16.10 -9.46 26.50
C LEU A 281 15.15 -8.74 25.55
N VAL A 282 15.31 -8.91 24.24
CA VAL A 282 14.46 -8.18 23.30
C VAL A 282 13.01 -8.61 23.48
N VAL A 283 12.77 -9.85 23.86
CA VAL A 283 11.41 -10.31 24.03
CA VAL A 283 11.41 -10.36 24.07
C VAL A 283 10.72 -9.61 25.19
N VAL A 284 11.48 -9.11 26.16
CA VAL A 284 10.91 -8.43 27.30
C VAL A 284 10.33 -7.08 26.89
N TYR A 285 11.05 -6.34 26.05
CA TYR A 285 10.77 -4.93 25.83
C TYR A 285 10.23 -4.63 24.44
N GLU A 286 10.64 -5.38 23.43
CA GLU A 286 10.33 -5.03 22.05
C GLU A 286 9.44 -6.04 21.35
N GLY A 287 9.81 -7.31 21.40
CA GLY A 287 9.15 -8.36 20.65
C GLY A 287 10.13 -9.48 20.36
N MET A 288 9.72 -10.41 19.48
CA MET A 288 10.57 -11.54 19.16
CA MET A 288 10.57 -11.55 19.14
C MET A 288 11.84 -11.07 18.44
N PRO A 289 12.92 -11.86 18.51
CA PRO A 289 14.12 -11.51 17.72
C PRO A 289 13.85 -11.43 16.24
N SER A 290 12.70 -11.95 15.80
CA SER A 290 12.26 -12.03 14.42
C SER A 290 11.41 -10.84 13.99
N TYR A 291 11.11 -9.91 14.89
CA TYR A 291 10.47 -8.65 14.46
C TYR A 291 10.79 -7.45 15.34
N GLY A 292 11.11 -7.66 16.62
CA GLY A 292 11.67 -6.58 17.44
C GLY A 292 10.82 -5.35 17.59
N GLY A 293 9.50 -5.52 17.67
CA GLY A 293 8.61 -4.39 17.79
C GLY A 293 8.28 -3.66 16.52
N LEU A 294 8.56 -4.25 15.37
CA LEU A 294 8.24 -3.68 14.07
C LEU A 294 7.28 -4.58 13.30
N ALA A 295 6.38 -3.94 12.55
CA ALA A 295 5.66 -4.67 11.52
C ALA A 295 6.62 -5.18 10.44
N GLY A 296 6.25 -6.30 9.83
CA GLY A 296 7.07 -6.84 8.77
C GLY A 296 7.34 -5.83 7.68
N ARG A 297 6.31 -5.09 7.27
CA ARG A 297 6.48 -4.08 6.24
C ARG A 297 7.55 -3.06 6.61
N ASP A 298 7.74 -2.79 7.90
CA ASP A 298 8.74 -1.80 8.29
C ASP A 298 10.15 -2.36 8.27
N MET A 299 10.33 -3.64 8.60
CA MET A 299 11.63 -4.25 8.37
C MET A 299 11.98 -4.21 6.90
N GLU A 300 11.00 -4.42 6.03
CA GLU A 300 11.22 -4.39 4.59
C GLU A 300 11.63 -3.00 4.13
N ALA A 301 10.89 -1.98 4.56
CA ALA A 301 11.20 -0.61 4.16
C ALA A 301 12.59 -0.18 4.65
N MET A 302 12.98 -0.63 5.83
CA MET A 302 14.28 -0.28 6.39
C MET A 302 15.39 -0.96 5.60
N ALA A 303 15.19 -2.22 5.21
CA ALA A 303 16.18 -2.94 4.40
C ALA A 303 16.38 -2.24 3.06
N ILE A 304 15.29 -1.83 2.43
CA ILE A 304 15.36 -1.16 1.14
C ILE A 304 16.00 0.20 1.30
N GLY A 305 15.62 0.95 2.34
CA GLY A 305 16.14 2.29 2.52
C GLY A 305 17.62 2.32 2.82
N LEU A 306 18.11 1.42 3.66
CA LEU A 306 19.54 1.40 3.93
C LEU A 306 20.35 1.19 2.66
N ARG A 307 19.87 0.31 1.78
CA ARG A 307 20.57 0.09 0.52
C ARG A 307 20.48 1.32 -0.39
N GLU A 308 19.31 1.98 -0.44
CA GLU A 308 19.18 3.21 -1.24
C GLU A 308 20.12 4.30 -0.75
N ALA A 309 20.36 4.35 0.55
CA ALA A 309 21.18 5.40 1.13
C ALA A 309 22.62 5.32 0.64
N MET A 310 23.05 4.17 0.10
CA MET A 310 24.42 4.03 -0.36
CA MET A 310 24.41 3.98 -0.38
C MET A 310 24.66 4.69 -1.71
N GLN A 311 23.63 5.22 -2.35
CA GLN A 311 23.81 5.87 -3.65
C GLN A 311 24.51 7.21 -3.48
N TYR A 312 25.64 7.38 -4.16
CA TYR A 312 26.44 8.58 -4.00
C TYR A 312 25.62 9.85 -4.24
N GLU A 313 24.88 9.88 -5.35
CA GLU A 313 24.18 11.12 -5.72
C GLU A 313 23.14 11.49 -4.67
N TYR A 314 22.47 10.50 -4.08
CA TYR A 314 21.51 10.77 -3.02
C TYR A 314 22.19 11.43 -1.82
N ILE A 315 23.28 10.83 -1.32
CA ILE A 315 23.83 11.36 -0.07
C ILE A 315 24.59 12.67 -0.32
N GLU A 316 25.20 12.81 -1.50
CA GLU A 316 25.82 14.09 -1.88
C GLU A 316 24.80 15.22 -1.83
N HIS A 317 23.65 15.01 -2.48
CA HIS A 317 22.63 16.04 -2.45
C HIS A 317 22.12 16.26 -1.05
N ARG A 318 21.89 15.18 -0.30
CA ARG A 318 21.40 15.34 1.07
C ARG A 318 22.29 16.29 1.86
N VAL A 319 23.59 16.05 1.85
CA VAL A 319 24.51 16.84 2.67
C VAL A 319 24.65 18.24 2.10
N LYS A 320 24.72 18.38 0.77
CA LYS A 320 24.90 19.71 0.18
C LYS A 320 23.66 20.58 0.33
N GLN A 321 22.48 19.98 0.47
CA GLN A 321 21.29 20.78 0.73
C GLN A 321 21.36 21.43 2.10
N VAL A 322 21.80 20.67 3.11
CA VAL A 322 22.03 21.24 4.42
C VAL A 322 23.10 22.34 4.34
N ARG A 323 24.16 22.09 3.59
CA ARG A 323 25.24 23.06 3.45
C ARG A 323 24.74 24.34 2.82
N TYR A 324 23.85 24.24 1.83
CA TYR A 324 23.25 25.43 1.23
C TYR A 324 22.63 26.34 2.29
N LEU A 325 21.82 25.76 3.16
CA LEU A 325 21.20 26.55 4.23
C LEU A 325 22.28 27.18 5.10
N GLY A 326 23.28 26.40 5.52
CA GLY A 326 24.31 26.93 6.38
C GLY A 326 25.15 28.00 5.71
N ASP A 327 25.46 27.82 4.43
CA ASP A 327 26.24 28.82 3.71
C ASP A 327 25.48 30.15 3.65
N LYS A 328 24.18 30.09 3.37
CA LYS A 328 23.40 31.32 3.29
CA LYS A 328 23.40 31.32 3.29
C LYS A 328 23.35 32.03 4.63
N LEU A 329 23.14 31.27 5.71
CA LEU A 329 23.10 31.89 7.03
C LEU A 329 24.44 32.50 7.39
N LYS A 330 25.53 31.76 7.17
CA LYS A 330 26.85 32.27 7.54
C LYS A 330 27.18 33.55 6.77
N ALA A 331 26.90 33.56 5.47
CA ALA A 331 27.25 34.74 4.67
C ALA A 331 26.47 35.97 5.11
N ALA A 332 25.26 35.78 5.64
CA ALA A 332 24.47 36.89 6.13
C ALA A 332 24.81 37.29 7.56
N GLY A 333 25.82 36.67 8.18
CA GLY A 333 26.21 37.04 9.52
C GLY A 333 25.58 36.28 10.66
N VAL A 334 24.73 35.30 10.38
CA VAL A 334 24.09 34.54 11.46
C VAL A 334 25.11 33.57 12.04
N PRO A 335 25.28 33.52 13.36
CA PRO A 335 26.32 32.65 13.94
C PRO A 335 25.89 31.19 13.94
N ILE A 336 26.76 30.33 13.40
CA ILE A 336 26.47 28.91 13.31
C ILE A 336 27.66 28.10 13.82
N VAL A 337 27.40 26.83 14.12
CA VAL A 337 28.48 25.86 14.29
C VAL A 337 29.10 25.59 12.94
N GLU A 338 30.43 25.51 12.90
CA GLU A 338 31.12 25.22 11.65
C GLU A 338 32.05 24.04 11.86
N PRO A 339 32.34 23.29 10.80
CA PRO A 339 31.64 23.34 9.51
C PRO A 339 30.23 22.80 9.67
N VAL A 340 29.39 23.05 8.66
CA VAL A 340 28.05 22.51 8.67
C VAL A 340 28.12 21.00 8.65
N GLY A 341 27.24 20.35 9.41
CA GLY A 341 27.21 18.91 9.52
C GLY A 341 26.30 18.25 8.50
N GLY A 342 26.09 16.95 8.70
CA GLY A 342 25.43 16.16 7.68
C GLY A 342 23.93 16.28 7.63
N HIS A 343 23.30 16.67 8.75
CA HIS A 343 21.85 16.53 8.88
C HIS A 343 21.16 17.80 9.31
N ALA A 344 21.90 18.86 9.59
CA ALA A 344 21.30 20.03 10.20
C ALA A 344 22.29 21.17 10.18
N VAL A 345 21.75 22.38 10.26
CA VAL A 345 22.53 23.56 10.59
C VAL A 345 22.25 23.87 12.06
N PHE A 346 23.31 24.09 12.82
CA PHE A 346 23.18 24.42 14.23
C PHE A 346 23.49 25.91 14.42
N LEU A 347 22.48 26.67 14.81
CA LEU A 347 22.69 28.06 15.18
C LEU A 347 23.38 28.12 16.53
N ASP A 348 24.32 29.03 16.68
CA ASP A 348 25.07 29.21 17.92
C ASP A 348 24.31 30.25 18.75
N ALA A 349 23.46 29.76 19.66
CA ALA A 349 22.60 30.61 20.44
C ALA A 349 23.37 31.44 21.45
N ARG A 350 24.59 31.02 21.80
CA ARG A 350 25.43 31.81 22.67
C ARG A 350 25.76 33.14 22.00
N ARG A 351 26.11 33.12 20.72
CA ARG A 351 26.40 34.33 19.97
C ARG A 351 25.14 35.00 19.44
N PHE A 352 24.11 34.23 19.10
CA PHE A 352 22.85 34.82 18.64
C PHE A 352 22.23 35.66 19.75
N CYS A 353 22.32 35.19 21.00
CA CYS A 353 21.70 35.85 22.13
C CYS A 353 22.73 36.21 23.20
N GLU A 354 23.72 37.03 22.83
CA GLU A 354 24.78 37.36 23.77
C GLU A 354 24.27 38.13 24.98
N HIS A 355 23.07 38.69 24.91
CA HIS A 355 22.51 39.42 26.03
C HIS A 355 21.95 38.50 27.11
N LEU A 356 21.89 37.18 26.87
CA LEU A 356 21.37 36.23 27.84
C LEU A 356 22.52 35.36 28.34
N THR A 357 22.39 34.89 29.58
CA THR A 357 23.31 33.88 30.08
C THR A 357 22.74 32.49 29.77
N GLN A 358 23.61 31.48 29.82
CA GLN A 358 23.14 30.12 29.53
C GLN A 358 22.07 29.67 30.52
N ASP A 359 22.11 30.19 31.75
CA ASP A 359 21.12 29.87 32.77
C ASP A 359 19.73 30.41 32.46
N GLU A 360 19.63 31.35 31.52
CA GLU A 360 18.36 31.85 31.01
C GLU A 360 17.91 31.11 29.76
N PHE A 361 18.59 30.03 29.37
CA PHE A 361 18.15 29.11 28.34
C PHE A 361 18.00 29.77 26.97
N PRO A 362 19.07 30.40 26.47
CA PRO A 362 18.95 31.13 25.20
C PRO A 362 18.60 30.23 24.02
N ALA A 363 19.09 29.00 23.96
CA ALA A 363 18.72 28.15 22.84
C ALA A 363 17.24 27.81 22.88
N GLN A 364 16.71 27.46 24.05
CA GLN A 364 15.29 27.15 24.14
C GLN A 364 14.47 28.35 23.70
N SER A 365 14.87 29.55 24.12
CA SER A 365 14.09 30.74 23.76
C SER A 365 14.23 31.09 22.28
N LEU A 366 15.42 30.93 21.73
CA LEU A 366 15.62 31.19 20.31
C LEU A 366 14.74 30.27 19.46
N ALA A 367 14.66 28.98 19.83
CA ALA A 367 13.78 28.07 19.08
C ALA A 367 12.34 28.53 19.13
N ALA A 368 11.89 29.01 20.29
CA ALA A 368 10.53 29.53 20.40
C ALA A 368 10.33 30.73 19.49
N SER A 369 11.27 31.68 19.50
CA SER A 369 11.17 32.88 18.68
C SER A 369 11.20 32.56 17.20
N ILE A 370 12.03 31.60 16.79
CA ILE A 370 12.05 31.19 15.39
C ILE A 370 10.66 30.74 14.97
N TYR A 371 9.99 29.94 15.78
CA TYR A 371 8.66 29.50 15.40
C TYR A 371 7.68 30.66 15.33
N VAL A 372 7.69 31.51 16.36
CA VAL A 372 6.76 32.63 16.37
C VAL A 372 6.95 33.49 15.13
N GLU A 373 8.20 33.79 14.77
CA GLU A 373 8.44 34.74 13.70
C GLU A 373 8.31 34.15 12.30
N THR A 374 8.45 32.83 12.14
CA THR A 374 8.56 32.22 10.82
C THR A 374 7.68 31.01 10.58
N GLY A 375 7.14 30.37 11.61
CA GLY A 375 6.45 29.11 11.45
C GLY A 375 7.35 27.92 11.24
N VAL A 376 8.65 28.09 11.35
CA VAL A 376 9.62 27.00 11.27
C VAL A 376 9.85 26.46 12.67
N ARG A 377 9.74 25.14 12.82
CA ARG A 377 10.07 24.49 14.08
C ARG A 377 11.50 23.98 14.05
N SER A 378 12.22 24.22 15.16
CA SER A 378 13.61 23.82 15.36
C SER A 378 13.75 23.29 16.77
N ALA A 379 14.88 22.66 17.07
CA ALA A 379 15.10 21.97 18.34
C ALA A 379 16.18 22.63 19.20
N GLU A 380 15.88 22.79 20.49
CA GLU A 380 16.91 23.14 21.46
C GLU A 380 17.96 22.02 21.52
N ARG A 381 19.23 22.40 21.43
CA ARG A 381 20.37 21.47 21.63
C ARG A 381 21.45 22.21 22.43
N GLY A 382 21.15 22.41 23.72
CA GLY A 382 22.00 23.13 24.63
C GLY A 382 21.78 22.66 26.06
N ILE A 383 21.65 23.61 27.00
CA ILE A 383 21.62 23.27 28.41
C ILE A 383 20.37 22.44 28.76
N ILE A 384 19.23 22.70 28.11
CA ILE A 384 18.04 21.92 28.42
C ILE A 384 18.24 20.46 28.03
N SER A 385 18.66 20.22 26.80
CA SER A 385 18.91 18.86 26.33
C SER A 385 19.99 18.15 27.14
N ALA A 386 20.98 18.90 27.64
CA ALA A 386 22.09 18.28 28.38
C ALA A 386 21.64 17.64 29.68
N GLY A 387 20.56 18.15 30.28
CA GLY A 387 20.02 17.54 31.47
C GLY A 387 20.74 17.90 32.75
N ARG A 388 20.35 17.23 33.82
CA ARG A 388 20.96 17.42 35.12
C ARG A 388 22.11 16.45 35.34
N ASN A 389 23.12 16.90 36.06
CA ASN A 389 24.19 16.04 36.56
C ASN A 389 23.60 15.09 37.59
N ASN A 390 23.71 13.79 37.35
CA ASN A 390 23.09 12.80 38.21
C ASN A 390 23.85 12.57 39.51
N VAL A 391 24.89 13.36 39.77
CA VAL A 391 25.63 13.31 41.02
C VAL A 391 25.43 14.58 41.84
N THR A 392 25.46 15.75 41.19
CA THR A 392 25.39 17.01 41.91
C THR A 392 24.02 17.66 41.88
N GLY A 393 23.18 17.28 40.92
CA GLY A 393 21.88 17.90 40.77
C GLY A 393 21.87 19.21 40.03
N GLU A 394 23.03 19.73 39.66
CA GLU A 394 23.11 20.96 38.89
C GLU A 394 22.92 20.64 37.41
N HIS A 395 22.56 21.68 36.64
CA HIS A 395 22.53 21.52 35.19
C HIS A 395 23.92 21.12 34.71
N HIS A 396 23.97 20.19 33.74
CA HIS A 396 25.13 20.11 32.87
C HIS A 396 25.19 21.41 32.08
N ARG A 397 26.40 21.90 31.82
CA ARG A 397 26.59 23.20 31.16
C ARG A 397 27.45 23.00 29.92
N PRO A 398 26.86 22.53 28.82
CA PRO A 398 27.66 22.31 27.62
C PRO A 398 28.18 23.61 27.06
N LYS A 399 29.40 23.58 26.51
CA LYS A 399 29.89 24.75 25.80
C LYS A 399 29.01 25.06 24.61
N LEU A 400 28.54 24.02 23.92
CA LEU A 400 27.68 24.21 22.75
C LEU A 400 26.25 24.46 23.22
N GLU A 401 25.76 25.67 23.00
CA GLU A 401 24.40 26.10 23.31
C GLU A 401 23.80 26.47 21.96
N THR A 402 23.06 25.52 21.36
CA THR A 402 22.70 25.61 19.95
C THR A 402 21.22 25.35 19.72
N VAL A 403 20.74 25.82 18.56
CA VAL A 403 19.41 25.52 18.05
C VAL A 403 19.60 24.81 16.72
N ARG A 404 18.96 23.66 16.57
CA ARG A 404 19.19 22.78 15.43
C ARG A 404 18.06 22.91 14.42
N LEU A 405 18.42 23.32 13.20
CA LEU A 405 17.55 23.33 12.02
C LEU A 405 17.79 21.99 11.33
N THR A 406 16.98 20.99 11.68
CA THR A 406 17.24 19.60 11.32
C THR A 406 16.46 19.25 10.06
N ILE A 407 17.13 18.69 9.06
CA ILE A 407 16.58 18.57 7.72
C ILE A 407 16.16 17.10 7.50
N PRO A 408 14.87 16.81 7.42
CA PRO A 408 14.46 15.45 7.01
C PRO A 408 14.98 15.13 5.61
N ARG A 409 15.21 13.84 5.35
CA ARG A 409 15.76 13.45 4.06
C ARG A 409 14.67 13.36 2.99
N ARG A 410 14.92 14.01 1.86
CA ARG A 410 14.10 13.93 0.65
C ARG A 410 12.73 14.57 0.79
N VAL A 411 12.58 15.55 1.69
CA VAL A 411 11.29 16.16 1.98
C VAL A 411 11.19 17.58 1.44
N TYR A 412 12.24 18.38 1.60
CA TYR A 412 12.22 19.80 1.29
C TYR A 412 13.15 20.11 0.12
N THR A 413 12.98 21.30 -0.42
CA THR A 413 13.75 21.78 -1.57
C THR A 413 14.67 22.94 -1.17
N TYR A 414 15.49 23.40 -2.12
CA TYR A 414 16.30 24.58 -1.86
C TYR A 414 15.42 25.82 -1.67
N ALA A 415 14.25 25.87 -2.30
CA ALA A 415 13.36 27.01 -2.09
C ALA A 415 12.86 27.05 -0.66
N HIS A 416 12.57 25.89 -0.07
CA HIS A 416 12.21 25.88 1.35
C HIS A 416 13.39 26.30 2.21
N MET A 417 14.61 25.89 1.85
CA MET A 417 15.79 26.35 2.58
C MET A 417 15.90 27.87 2.53
N ASP A 418 15.61 28.46 1.37
CA ASP A 418 15.66 29.92 1.27
C ASP A 418 14.67 30.59 2.21
N VAL A 419 13.46 30.04 2.30
CA VAL A 419 12.47 30.59 3.24
C VAL A 419 12.99 30.53 4.67
N VAL A 420 13.51 29.38 5.06
CA VAL A 420 14.06 29.23 6.41
C VAL A 420 15.16 30.25 6.66
N ALA A 421 16.14 30.32 5.76
CA ALA A 421 17.24 31.26 5.92
C ALA A 421 16.75 32.70 6.02
N ASP A 422 15.83 33.10 5.14
CA ASP A 422 15.36 34.48 5.15
C ASP A 422 14.71 34.82 6.49
N GLY A 423 13.92 33.89 7.05
CA GLY A 423 13.24 34.17 8.29
C GLY A 423 14.21 34.26 9.46
N ILE A 424 15.23 33.40 9.47
CA ILE A 424 16.23 33.42 10.54
CA ILE A 424 16.18 33.46 10.58
C ILE A 424 17.06 34.70 10.46
N ILE A 425 17.45 35.08 9.25
CA ILE A 425 18.21 36.30 9.04
C ILE A 425 17.44 37.52 9.53
N LYS A 426 16.13 37.55 9.25
CA LYS A 426 15.32 38.66 9.73
C LYS A 426 15.25 38.70 11.25
N LEU A 427 15.07 37.55 11.90
CA LEU A 427 15.03 37.52 13.36
C LEU A 427 16.36 37.96 13.96
N TYR A 428 17.48 37.52 13.37
CA TYR A 428 18.78 37.94 13.85
C TYR A 428 18.93 39.45 13.92
N GLN A 429 18.30 40.17 12.99
CA GLN A 429 18.41 41.63 13.00
C GLN A 429 17.79 42.27 14.24
N HIS A 430 16.92 41.56 14.95
CA HIS A 430 16.37 42.06 16.22
C HIS A 430 16.55 41.03 17.33
N LYS A 431 17.73 40.38 17.33
CA LYS A 431 18.06 39.34 18.29
C LYS A 431 17.94 39.80 19.74
N GLU A 432 18.15 41.10 20.01
CA GLU A 432 18.08 41.59 21.37
C GLU A 432 16.69 41.47 21.98
N ASP A 433 15.67 41.21 21.16
CA ASP A 433 14.30 41.07 21.64
C ASP A 433 14.01 39.70 22.24
N ILE A 434 14.93 38.75 22.13
CA ILE A 434 14.68 37.38 22.62
C ILE A 434 14.86 37.36 24.13
N ARG A 435 13.83 36.91 24.84
CA ARG A 435 13.80 36.98 26.30
C ARG A 435 14.25 35.66 26.91
N GLY A 436 14.82 35.76 28.12
CA GLY A 436 15.20 34.57 28.84
C GLY A 436 14.01 33.78 29.36
N LEU A 437 14.24 32.49 29.60
CA LEU A 437 13.21 31.59 30.07
C LEU A 437 13.62 30.97 31.41
N LYS A 438 12.62 30.45 32.13
CA LYS A 438 12.81 29.68 33.34
C LYS A 438 11.85 28.49 33.32
N PHE A 439 12.24 27.41 34.00
CA PHE A 439 11.39 26.23 34.06
C PHE A 439 10.13 26.54 34.85
N ILE A 440 9.00 26.04 34.38
CA ILE A 440 7.82 25.87 35.22
C ILE A 440 7.46 24.40 35.42
N TYR A 441 7.88 23.51 34.53
CA TYR A 441 7.72 22.06 34.70
C TYR A 441 8.96 21.38 34.14
N GLU A 442 9.63 20.58 34.98
CA GLU A 442 10.84 19.89 34.56
C GLU A 442 10.71 18.39 34.79
N PRO A 443 10.62 17.58 33.72
CA PRO A 443 10.67 16.13 33.90
C PRO A 443 11.97 15.69 34.57
N LYS A 444 11.93 14.51 35.19
CA LYS A 444 13.09 14.02 35.92
C LYS A 444 14.20 13.48 35.03
N GLN A 445 13.92 13.17 33.76
CA GLN A 445 14.95 12.84 32.79
C GLN A 445 14.47 13.26 31.41
N LEU A 446 15.41 13.29 30.47
CA LEU A 446 15.12 13.64 29.09
C LEU A 446 14.18 14.85 29.03
N ARG A 447 14.54 15.87 29.80
CA ARG A 447 13.58 16.92 30.14
C ARG A 447 13.20 17.77 28.95
N PHE A 448 14.03 17.82 27.92
CA PHE A 448 13.81 18.69 26.77
C PHE A 448 12.56 18.29 25.98
N PHE A 449 12.15 17.02 26.05
CA PHE A 449 11.02 16.59 25.24
C PHE A 449 9.71 17.24 25.69
N THR A 450 9.54 17.45 27.00
CA THR A 450 8.23 17.86 27.50
C THR A 450 8.25 18.96 28.56
N ALA A 451 9.40 19.55 28.86
CA ALA A 451 9.43 20.62 29.85
C ALA A 451 8.61 21.80 29.38
N ARG A 452 8.14 22.59 30.34
CA ARG A 452 7.46 23.84 30.07
CA ARG A 452 7.44 23.84 30.07
C ARG A 452 8.16 24.98 30.78
N PHE A 453 8.11 26.15 30.15
CA PHE A 453 8.84 27.32 30.59
C PHE A 453 7.93 28.53 30.64
N ASP A 454 8.44 29.61 31.22
CA ASP A 454 7.85 30.94 31.13
C ASP A 454 8.99 31.93 30.99
N TYR A 455 8.67 33.11 30.45
CA TYR A 455 9.68 34.16 30.33
C TYR A 455 10.05 34.69 31.71
N ILE A 456 11.33 35.02 31.87
CA ILE A 456 11.85 35.59 33.11
C ILE A 456 11.25 36.98 33.31
N MET B 1 -9.95 -32.84 -4.84
CA MET B 1 -11.06 -32.47 -3.91
C MET B 1 -12.11 -31.70 -4.71
N ASN B 2 -13.39 -31.97 -4.41
CA ASN B 2 -14.46 -31.26 -5.10
C ASN B 2 -14.34 -29.76 -4.89
N TYR B 3 -14.07 -29.33 -3.65
CA TYR B 3 -14.11 -27.92 -3.28
C TYR B 3 -12.91 -27.58 -2.41
N PRO B 4 -11.78 -27.29 -3.04
CA PRO B 4 -10.57 -26.96 -2.27
C PRO B 4 -10.69 -25.62 -1.56
N ALA B 5 -9.91 -25.50 -0.49
CA ALA B 5 -9.80 -24.23 0.21
C ALA B 5 -9.08 -23.20 -0.66
N GLU B 6 -9.23 -21.93 -0.30
CA GLU B 6 -8.61 -20.84 -1.06
C GLU B 6 -7.08 -21.00 -1.02
N PRO B 7 -6.42 -20.96 -2.18
CA PRO B 7 -4.95 -21.11 -2.21
C PRO B 7 -4.24 -19.78 -2.01
N PHE B 8 -4.74 -19.01 -1.05
CA PHE B 8 -4.24 -17.68 -0.72
C PHE B 8 -4.84 -17.33 0.64
N ARG B 9 -4.27 -16.32 1.26
CA ARG B 9 -4.77 -15.74 2.49
C ARG B 9 -5.39 -14.40 2.15
N ILE B 10 -6.27 -13.91 3.04
CA ILE B 10 -6.77 -12.54 2.89
C ILE B 10 -5.71 -11.57 3.41
N LYS B 11 -5.35 -10.59 2.57
CA LYS B 11 -4.44 -9.51 2.96
C LYS B 11 -5.20 -8.27 3.41
N SER B 12 -6.28 -7.90 2.71
CA SER B 12 -7.11 -6.80 3.16
C SER B 12 -8.55 -7.04 2.75
N VAL B 13 -9.46 -6.37 3.46
CA VAL B 13 -10.90 -6.59 3.33
C VAL B 13 -11.64 -5.29 3.00
N GLU B 14 -12.90 -5.46 2.59
CA GLU B 14 -13.89 -4.43 2.33
C GLU B 14 -15.23 -4.88 2.93
N THR B 15 -15.91 -3.98 3.65
CA THR B 15 -17.14 -4.37 4.32
C THR B 15 -18.27 -4.64 3.32
N VAL B 16 -19.23 -5.47 3.74
CA VAL B 16 -20.46 -5.70 2.97
C VAL B 16 -21.66 -5.33 3.84
N SER B 17 -22.77 -5.01 3.19
CA SER B 17 -23.95 -4.56 3.91
C SER B 17 -25.19 -4.90 3.10
N MET B 18 -26.32 -5.00 3.80
CA MET B 18 -27.62 -5.26 3.19
C MET B 18 -28.58 -4.14 3.59
N ILE B 19 -29.46 -3.77 2.66
CA ILE B 19 -30.54 -2.83 2.94
C ILE B 19 -31.86 -3.58 2.92
N PRO B 20 -32.90 -3.05 3.57
CA PRO B 20 -34.16 -3.81 3.72
C PRO B 20 -34.85 -4.08 2.38
N ARG B 21 -35.69 -5.11 2.38
CA ARG B 21 -36.38 -5.48 1.14
C ARG B 21 -37.17 -4.31 0.55
N ASP B 22 -37.87 -3.55 1.40
CA ASP B 22 -38.67 -2.44 0.89
C ASP B 22 -37.80 -1.40 0.20
N GLU B 23 -36.59 -1.17 0.71
CA GLU B 23 -35.68 -0.23 0.05
C GLU B 23 -35.15 -0.82 -1.24
N ARG B 24 -34.84 -2.12 -1.24
CA ARG B 24 -34.43 -2.77 -2.48
C ARG B 24 -35.54 -2.69 -3.54
N LEU B 25 -36.80 -2.87 -3.13
CA LEU B 25 -37.91 -2.74 -4.07
C LEU B 25 -37.92 -1.36 -4.72
N LYS B 26 -37.79 -0.32 -3.90
CA LYS B 26 -37.80 1.04 -4.42
C LYS B 26 -36.63 1.26 -5.36
N LYS B 27 -35.46 0.72 -5.01
CA LYS B 27 -34.29 0.92 -5.85
C LYS B 27 -34.43 0.21 -7.18
N MET B 28 -35.00 -1.00 -7.19
CA MET B 28 -35.16 -1.73 -8.44
C MET B 28 -36.11 -1.00 -9.38
N GLN B 29 -37.15 -0.40 -8.84
CA GLN B 29 -38.06 0.40 -9.67
C GLN B 29 -37.36 1.65 -10.17
N GLU B 30 -36.55 2.29 -9.33
CA GLU B 30 -35.85 3.49 -9.76
C GLU B 30 -34.84 3.17 -10.85
N ALA B 31 -34.35 1.94 -10.88
CA ALA B 31 -33.44 1.44 -11.91
C ALA B 31 -34.17 0.91 -13.14
N GLY B 32 -35.46 1.17 -13.27
CA GLY B 32 -36.20 0.67 -14.40
C GLY B 32 -36.12 -0.83 -14.56
N TYR B 33 -36.00 -1.56 -13.44
CA TYR B 33 -35.95 -3.02 -13.43
C TYR B 33 -34.76 -3.58 -14.21
N ASN B 34 -33.71 -2.80 -14.37
CA ASN B 34 -32.48 -3.24 -14.99
C ASN B 34 -31.39 -3.24 -13.92
N THR B 35 -30.86 -4.43 -13.59
CA THR B 35 -29.84 -4.50 -12.55
C THR B 35 -28.59 -3.68 -12.91
N PHE B 36 -28.32 -3.46 -14.20
CA PHE B 36 -27.16 -2.66 -14.58
C PHE B 36 -27.29 -1.21 -14.10
N LEU B 37 -28.50 -0.75 -13.80
CA LEU B 37 -28.73 0.63 -13.37
C LEU B 37 -28.78 0.77 -11.85
N LEU B 38 -28.61 -0.32 -11.12
CA LEU B 38 -28.50 -0.25 -9.66
C LEU B 38 -27.15 0.34 -9.23
N ASN B 39 -27.15 0.97 -8.05
CA ASN B 39 -25.94 1.57 -7.49
C ASN B 39 -25.19 0.56 -6.64
N SER B 40 -23.85 0.60 -6.74
CA SER B 40 -23.01 -0.35 -6.02
C SER B 40 -23.30 -0.33 -4.53
N LYS B 41 -23.52 0.85 -3.97
CA LYS B 41 -23.72 0.94 -2.53
C LYS B 41 -24.96 0.17 -2.08
N ASP B 42 -25.92 -0.05 -2.97
CA ASP B 42 -27.18 -0.71 -2.61
C ASP B 42 -27.17 -2.22 -2.85
N ILE B 43 -26.02 -2.78 -3.21
CA ILE B 43 -25.89 -4.21 -3.51
C ILE B 43 -25.20 -4.86 -2.32
N TYR B 44 -25.63 -6.08 -1.97
CA TYR B 44 -24.99 -6.85 -0.89
C TYR B 44 -23.85 -7.72 -1.41
N ILE B 45 -24.14 -8.61 -2.33
CA ILE B 45 -23.15 -9.45 -2.99
C ILE B 45 -23.30 -9.17 -4.47
N ASP B 46 -22.25 -8.66 -5.08
CA ASP B 46 -22.36 -8.07 -6.41
C ASP B 46 -21.81 -9.05 -7.44
N LEU B 47 -22.73 -9.80 -8.05
CA LEU B 47 -22.40 -10.79 -9.08
C LEU B 47 -22.84 -10.34 -10.47
N LEU B 48 -22.87 -9.02 -10.69
CA LEU B 48 -23.23 -8.53 -12.02
C LEU B 48 -22.24 -9.01 -13.07
N THR B 49 -20.95 -9.03 -12.72
CA THR B 49 -19.92 -9.40 -13.67
C THR B 49 -18.63 -9.74 -12.96
N ASP B 50 -17.85 -10.59 -13.62
CA ASP B 50 -16.49 -10.89 -13.23
C ASP B 50 -15.51 -9.95 -13.91
N SER B 51 -15.99 -8.88 -14.54
CA SER B 51 -15.13 -7.96 -15.28
C SER B 51 -14.69 -6.80 -14.39
N GLY B 52 -13.40 -6.76 -14.08
CA GLY B 52 -12.79 -5.65 -13.39
C GLY B 52 -13.08 -5.59 -11.92
N THR B 53 -13.70 -6.61 -11.37
CA THR B 53 -14.15 -6.68 -9.99
C THR B 53 -13.25 -7.59 -9.15
N ASN B 54 -12.13 -8.02 -9.71
CA ASN B 54 -11.25 -8.98 -9.05
C ASN B 54 -10.44 -8.34 -7.93
N ALA B 55 -10.05 -9.17 -6.97
CA ALA B 55 -9.12 -8.79 -5.91
C ALA B 55 -7.70 -9.05 -6.39
N MET B 56 -6.86 -8.01 -6.33
CA MET B 56 -5.46 -8.13 -6.66
C MET B 56 -4.67 -8.68 -5.48
N SER B 57 -3.44 -9.09 -5.78
CA SER B 57 -2.56 -9.63 -4.75
C SER B 57 -1.65 -8.53 -4.16
N ASP B 58 -0.94 -8.92 -3.10
CA ASP B 58 0.10 -8.07 -2.54
C ASP B 58 1.17 -7.74 -3.56
N LYS B 59 1.55 -8.70 -4.40
CA LYS B 59 2.55 -8.44 -5.43
C LYS B 59 2.03 -7.46 -6.47
N GLN B 60 0.76 -7.55 -6.82
CA GLN B 60 0.19 -6.57 -7.74
C GLN B 60 0.15 -5.19 -7.12
N TRP B 61 -0.26 -5.08 -5.84
CA TRP B 61 -0.28 -3.78 -5.17
C TRP B 61 1.12 -3.20 -4.99
N ALA B 62 2.13 -4.05 -4.79
CA ALA B 62 3.50 -3.56 -4.82
C ALA B 62 3.80 -2.95 -6.19
N GLY B 63 3.39 -3.63 -7.25
CA GLY B 63 3.57 -3.07 -8.58
C GLY B 63 2.84 -1.77 -8.78
N MET B 64 1.70 -1.60 -8.12
CA MET B 64 0.92 -0.36 -8.20
C MET B 64 1.66 0.83 -7.61
N MET B 65 2.68 0.58 -6.75
CA MET B 65 3.53 1.62 -6.21
C MET B 65 4.71 1.95 -7.11
N MET B 66 4.90 1.17 -8.19
N MET B 66 4.93 1.19 -8.18
CA MET B 66 6.04 1.28 -9.09
CA MET B 66 6.06 1.39 -9.07
C MET B 66 5.64 1.79 -10.47
C MET B 66 5.59 1.69 -10.48
N GLY B 67 4.53 2.51 -10.57
CA GLY B 67 4.13 3.06 -11.84
C GLY B 67 5.13 4.06 -12.37
N ASP B 68 5.65 3.81 -13.57
CA ASP B 68 6.45 4.74 -14.36
C ASP B 68 5.43 5.42 -15.28
N GLU B 69 5.02 6.64 -14.93
CA GLU B 69 3.89 7.31 -15.53
C GLU B 69 4.27 8.13 -16.75
N ALA B 70 5.44 7.87 -17.32
CA ALA B 70 5.89 8.57 -18.52
C ALA B 70 4.87 8.41 -19.63
N TYR B 71 4.73 9.46 -20.43
CA TYR B 71 3.79 9.44 -21.55
C TYR B 71 4.22 8.43 -22.60
N ALA B 72 5.51 8.17 -22.74
CA ALA B 72 6.02 7.27 -23.77
C ALA B 72 7.18 6.47 -23.22
N GLY B 73 7.18 5.18 -23.52
CA GLY B 73 8.29 4.33 -23.15
C GLY B 73 8.35 3.90 -21.71
N SER B 74 7.21 3.82 -21.03
CA SER B 74 7.19 3.40 -19.64
C SER B 74 7.78 2.00 -19.46
N GLU B 75 8.58 1.84 -18.39
CA GLU B 75 9.08 0.52 -18.05
C GLU B 75 7.96 -0.48 -17.82
N ASN B 76 6.81 -0.02 -17.31
CA ASN B 76 5.72 -0.94 -17.06
C ASN B 76 5.21 -1.54 -18.36
N PHE B 77 5.21 -0.77 -19.46
CA PHE B 77 4.83 -1.37 -20.72
C PHE B 77 5.77 -2.50 -21.11
N TYR B 78 7.08 -2.29 -20.97
CA TYR B 78 8.01 -3.34 -21.36
C TYR B 78 7.85 -4.59 -20.49
N HIS B 79 7.48 -4.43 -19.22
N HIS B 79 7.49 -4.42 -19.21
CA HIS B 79 7.19 -5.60 -18.40
CA HIS B 79 7.17 -5.57 -18.37
C HIS B 79 5.95 -6.33 -18.89
C HIS B 79 5.97 -6.32 -18.91
N LEU B 80 4.91 -5.58 -19.26
CA LEU B 80 3.72 -6.23 -19.81
C LEU B 80 4.03 -6.91 -21.13
N GLU B 81 4.76 -6.24 -22.01
CA GLU B 81 5.11 -6.81 -23.31
C GLU B 81 5.87 -8.12 -23.14
N ARG B 82 6.88 -8.13 -22.27
CA ARG B 82 7.67 -9.33 -22.07
C ARG B 82 6.84 -10.46 -21.50
N THR B 83 5.95 -10.14 -20.56
CA THR B 83 5.10 -11.16 -19.96
C THR B 83 4.15 -11.78 -20.98
N VAL B 84 3.49 -10.95 -21.78
CA VAL B 84 2.54 -11.48 -22.74
C VAL B 84 3.24 -12.26 -23.83
N GLN B 85 4.38 -11.78 -24.32
CA GLN B 85 5.16 -12.54 -25.29
C GLN B 85 5.54 -13.91 -24.74
N GLU B 86 5.96 -13.95 -23.48
CA GLU B 86 6.36 -15.23 -22.88
C GLU B 86 5.16 -16.16 -22.77
N LEU B 87 4.06 -15.66 -22.21
CA LEU B 87 2.97 -16.56 -21.85
C LEU B 87 2.04 -16.88 -23.02
N PHE B 88 1.81 -15.91 -23.92
CA PHE B 88 0.92 -16.16 -25.04
C PHE B 88 1.66 -16.49 -26.33
N GLY B 89 2.91 -16.06 -26.48
CA GLY B 89 3.68 -16.42 -27.65
C GLY B 89 3.38 -15.65 -28.90
N PHE B 90 2.77 -14.47 -28.79
CA PHE B 90 2.55 -13.63 -29.96
C PHE B 90 3.74 -12.70 -30.15
N LYS B 91 3.98 -12.33 -31.41
CA LYS B 91 5.14 -11.50 -31.72
C LYS B 91 4.98 -10.09 -31.16
N HIS B 92 3.78 -9.51 -31.25
CA HIS B 92 3.58 -8.09 -30.97
C HIS B 92 2.36 -7.88 -30.09
N ILE B 93 2.42 -6.82 -29.28
CA ILE B 93 1.32 -6.45 -28.40
C ILE B 93 1.11 -4.94 -28.43
N VAL B 94 -0.16 -4.54 -28.40
CA VAL B 94 -0.56 -3.14 -28.34
C VAL B 94 -1.50 -3.06 -27.14
N PRO B 95 -1.18 -2.28 -26.11
CA PRO B 95 -2.09 -2.17 -24.96
C PRO B 95 -3.31 -1.35 -25.30
N THR B 96 -4.42 -1.65 -24.60
CA THR B 96 -5.67 -0.90 -24.72
C THR B 96 -6.27 -0.75 -23.33
N HIS B 97 -7.22 0.17 -23.16
CA HIS B 97 -7.65 0.39 -21.79
C HIS B 97 -8.53 -0.75 -21.28
N GLN B 98 -9.22 -1.45 -22.19
CA GLN B 98 -9.91 -2.70 -21.88
C GLN B 98 -10.21 -3.42 -23.20
N GLY B 99 -11.03 -4.47 -23.12
CA GLY B 99 -11.17 -5.37 -24.25
C GLY B 99 -11.83 -4.71 -25.46
N ARG B 100 -12.89 -3.94 -25.26
CA ARG B 100 -13.57 -3.35 -26.40
C ARG B 100 -12.71 -2.32 -27.10
N GLY B 101 -11.71 -1.76 -26.43
CA GLY B 101 -10.73 -0.94 -27.15
C GLY B 101 -9.91 -1.77 -28.13
N ALA B 102 -9.55 -2.98 -27.73
CA ALA B 102 -8.86 -3.89 -28.64
C ALA B 102 -9.78 -4.35 -29.77
N GLU B 103 -11.06 -4.59 -29.47
CA GLU B 103 -12.01 -4.98 -30.49
C GLU B 103 -12.19 -3.87 -31.53
N ASN B 104 -12.27 -2.62 -31.07
CA ASN B 104 -12.35 -1.49 -31.99
C ASN B 104 -11.17 -1.52 -32.96
N LEU B 105 -9.96 -1.70 -32.44
CA LEU B 105 -8.80 -1.74 -33.32
C LEU B 105 -8.87 -2.91 -34.28
N LEU B 106 -9.08 -4.13 -33.76
CA LEU B 106 -9.10 -5.30 -34.62
C LEU B 106 -10.14 -5.14 -35.73
N SER B 107 -11.35 -4.71 -35.37
CA SER B 107 -12.42 -4.66 -36.36
C SER B 107 -12.15 -3.61 -37.42
N GLN B 108 -11.56 -2.49 -37.04
CA GLN B 108 -11.20 -1.49 -38.05
C GLN B 108 -10.06 -1.96 -38.93
N LEU B 109 -9.14 -2.75 -38.39
CA LEU B 109 -7.96 -3.14 -39.16
C LEU B 109 -8.24 -4.29 -40.11
N ALA B 110 -9.13 -5.20 -39.74
CA ALA B 110 -9.20 -6.51 -40.37
C ALA B 110 -10.48 -6.77 -41.15
N ILE B 111 -11.43 -5.83 -41.17
CA ILE B 111 -12.72 -6.04 -41.83
C ILE B 111 -12.84 -5.07 -42.99
N LYS B 112 -13.18 -5.60 -44.17
CA LYS B 112 -13.65 -4.76 -45.25
C LYS B 112 -15.17 -4.89 -45.36
N PRO B 113 -15.90 -3.84 -45.71
CA PRO B 113 -17.37 -3.93 -45.69
C PRO B 113 -17.88 -5.07 -46.56
N GLY B 114 -18.90 -5.76 -46.05
CA GLY B 114 -19.46 -6.91 -46.72
C GLY B 114 -18.84 -8.24 -46.36
N GLN B 115 -17.69 -8.25 -45.69
CA GLN B 115 -17.07 -9.51 -45.33
C GLN B 115 -17.81 -10.17 -44.16
N TYR B 116 -17.50 -11.44 -43.95
CA TYR B 116 -18.08 -12.22 -42.87
C TYR B 116 -17.04 -12.40 -41.77
N VAL B 117 -17.49 -12.32 -40.53
CA VAL B 117 -16.71 -12.75 -39.38
C VAL B 117 -17.49 -13.92 -38.78
N ALA B 118 -16.84 -15.06 -38.63
CA ALA B 118 -17.47 -16.26 -38.09
C ALA B 118 -16.88 -16.54 -36.71
N GLY B 119 -17.74 -16.86 -35.75
CA GLY B 119 -17.29 -17.06 -34.39
C GLY B 119 -18.09 -18.14 -33.69
N ASN B 120 -17.53 -18.65 -32.59
CA ASN B 120 -18.24 -19.62 -31.75
C ASN B 120 -19.14 -18.87 -30.78
N MET B 121 -20.31 -18.49 -31.30
CA MET B 121 -21.32 -17.71 -30.58
CA MET B 121 -21.31 -17.70 -30.60
C MET B 121 -20.90 -16.24 -30.48
N TYR B 122 -21.87 -15.34 -30.61
CA TYR B 122 -21.63 -13.90 -30.52
C TYR B 122 -21.27 -13.52 -29.08
N PHE B 123 -20.60 -12.38 -28.94
CA PHE B 123 -20.59 -11.62 -27.70
C PHE B 123 -21.04 -10.19 -28.02
N THR B 124 -21.57 -9.50 -27.01
CA THR B 124 -22.27 -8.24 -27.27
C THR B 124 -21.36 -7.19 -27.91
N THR B 125 -20.30 -6.79 -27.21
CA THR B 125 -19.44 -5.72 -27.73
C THR B 125 -18.72 -6.18 -28.98
N THR B 126 -18.30 -7.45 -29.01
CA THR B 126 -17.56 -7.98 -30.13
C THR B 126 -18.39 -7.91 -31.40
N ARG B 127 -19.65 -8.36 -31.33
CA ARG B 127 -20.51 -8.36 -32.50
C ARG B 127 -20.80 -6.95 -32.96
N TYR B 128 -21.01 -6.03 -32.01
CA TYR B 128 -21.31 -4.66 -32.42
C TYR B 128 -20.14 -4.08 -33.21
N HIS B 129 -18.91 -4.28 -32.74
CA HIS B 129 -17.77 -3.73 -33.47
C HIS B 129 -17.57 -4.42 -34.81
N GLN B 130 -17.86 -5.71 -34.91
CA GLN B 130 -17.84 -6.37 -36.21
C GLN B 130 -18.84 -5.71 -37.15
N GLU B 131 -20.10 -5.59 -36.70
CA GLU B 131 -21.16 -5.10 -37.58
C GLU B 131 -20.97 -3.65 -37.94
N LYS B 132 -20.53 -2.82 -36.99
CA LYS B 132 -20.37 -1.40 -37.27
C LYS B 132 -19.27 -1.14 -38.29
N ASN B 133 -18.33 -2.06 -38.44
CA ASN B 133 -17.31 -1.96 -39.48
C ASN B 133 -17.69 -2.72 -40.75
N GLY B 134 -18.94 -3.18 -40.86
CA GLY B 134 -19.46 -3.70 -42.10
C GLY B 134 -19.49 -5.20 -42.23
N ALA B 135 -19.16 -5.95 -41.18
CA ALA B 135 -19.17 -7.40 -41.28
C ALA B 135 -20.55 -7.95 -40.98
N VAL B 136 -20.82 -9.13 -41.53
CA VAL B 136 -21.93 -9.98 -41.12
C VAL B 136 -21.37 -11.05 -40.19
N PHE B 137 -21.97 -11.19 -39.00
CA PHE B 137 -21.54 -12.23 -38.07
C PHE B 137 -22.22 -13.56 -38.38
N VAL B 138 -21.44 -14.63 -38.36
CA VAL B 138 -21.94 -15.98 -38.59
C VAL B 138 -21.55 -16.85 -37.41
N ASP B 139 -22.54 -17.49 -36.80
CA ASP B 139 -22.30 -18.37 -35.66
C ASP B 139 -21.94 -19.76 -36.17
N ILE B 140 -20.74 -20.22 -35.81
CA ILE B 140 -20.28 -21.54 -36.19
C ILE B 140 -19.99 -22.43 -34.98
N VAL B 141 -20.49 -22.04 -33.80
CA VAL B 141 -20.39 -22.93 -32.66
C VAL B 141 -21.20 -24.20 -32.92
N ARG B 142 -20.82 -25.29 -32.25
CA ARG B 142 -21.57 -26.53 -32.34
C ARG B 142 -22.98 -26.33 -31.81
N ASP B 143 -23.94 -27.01 -32.44
CA ASP B 143 -25.33 -26.84 -32.04
C ASP B 143 -25.55 -27.11 -30.56
N GLU B 144 -24.75 -28.02 -29.98
CA GLU B 144 -24.96 -28.36 -28.57
C GLU B 144 -24.81 -27.15 -27.66
N ALA B 145 -23.99 -26.17 -28.06
CA ALA B 145 -23.77 -25.01 -27.21
C ALA B 145 -25.06 -24.25 -26.90
N HIS B 146 -26.08 -24.38 -27.74
CA HIS B 146 -27.33 -23.66 -27.57
C HIS B 146 -28.38 -24.45 -26.79
N ASP B 147 -28.01 -25.61 -26.24
CA ASP B 147 -28.91 -26.48 -25.50
C ASP B 147 -28.53 -26.39 -24.03
N ALA B 148 -29.30 -25.63 -23.26
CA ALA B 148 -28.87 -25.22 -21.92
C ALA B 148 -28.66 -26.42 -21.01
N GLY B 149 -29.56 -27.39 -21.06
CA GLY B 149 -29.50 -28.52 -20.16
C GLY B 149 -28.59 -29.64 -20.57
N LEU B 150 -28.04 -29.59 -21.78
CA LEU B 150 -27.19 -30.67 -22.28
C LEU B 150 -25.83 -30.57 -21.61
N ASN B 151 -25.49 -31.56 -20.78
CA ASN B 151 -24.20 -31.59 -20.09
C ASN B 151 -23.24 -32.39 -20.96
N ILE B 152 -22.44 -31.69 -21.75
CA ILE B 152 -21.35 -32.31 -22.50
C ILE B 152 -20.11 -31.45 -22.37
N ALA B 153 -18.95 -32.09 -22.54
CA ALA B 153 -17.68 -31.42 -22.41
C ALA B 153 -17.40 -30.55 -23.64
N PHE B 154 -16.67 -29.46 -23.41
CA PHE B 154 -16.20 -28.58 -24.49
C PHE B 154 -17.32 -28.16 -25.42
N LYS B 155 -18.38 -27.61 -24.79
CA LYS B 155 -19.54 -27.12 -25.52
C LYS B 155 -19.22 -25.90 -26.39
N GLY B 156 -18.08 -25.26 -26.16
CA GLY B 156 -17.73 -24.10 -26.94
C GLY B 156 -17.07 -24.37 -28.28
N ASP B 157 -16.79 -25.63 -28.58
CA ASP B 157 -16.05 -25.96 -29.80
C ASP B 157 -16.78 -25.47 -31.04
N ILE B 158 -16.00 -25.10 -32.05
CA ILE B 158 -16.53 -24.76 -33.35
C ILE B 158 -16.92 -26.03 -34.09
N ASP B 159 -18.05 -25.98 -34.79
CA ASP B 159 -18.45 -27.04 -35.71
C ASP B 159 -17.70 -26.82 -37.02
N LEU B 160 -16.71 -27.67 -37.29
CA LEU B 160 -15.90 -27.49 -38.48
C LEU B 160 -16.75 -27.57 -39.75
N LYS B 161 -17.87 -28.30 -39.71
CA LYS B 161 -18.74 -28.40 -40.87
C LYS B 161 -19.41 -27.07 -41.19
N LYS B 162 -19.77 -26.30 -40.16
CA LYS B 162 -20.31 -24.96 -40.40
C LYS B 162 -19.24 -24.04 -40.96
N LEU B 163 -18.00 -24.17 -40.48
CA LEU B 163 -16.93 -23.34 -41.01
C LEU B 163 -16.66 -23.69 -42.47
N GLN B 164 -16.59 -24.97 -42.79
CA GLN B 164 -16.36 -25.38 -44.17
C GLN B 164 -17.49 -24.92 -45.09
N LYS B 165 -18.73 -24.97 -44.59
CA LYS B 165 -19.86 -24.55 -45.41
C LYS B 165 -19.77 -23.07 -45.73
N LEU B 166 -19.44 -22.25 -44.73
CA LEU B 166 -19.27 -20.81 -44.95
C LEU B 166 -18.21 -20.55 -46.01
N ILE B 167 -17.07 -21.22 -45.88
CA ILE B 167 -16.01 -21.08 -46.89
C ILE B 167 -16.54 -21.47 -48.27
N ASP B 168 -17.24 -22.59 -48.35
CA ASP B 168 -17.71 -23.07 -49.66
C ASP B 168 -18.72 -22.10 -50.27
N GLU B 169 -19.58 -21.52 -49.44
CA GLU B 169 -20.67 -20.70 -49.99
C GLU B 169 -20.22 -19.27 -50.26
N LYS B 170 -19.37 -18.71 -49.40
CA LYS B 170 -19.01 -17.31 -49.52
C LYS B 170 -17.61 -17.07 -50.07
N GLY B 171 -16.73 -18.06 -50.01
CA GLY B 171 -15.37 -17.87 -50.47
C GLY B 171 -14.45 -17.34 -49.40
N ALA B 172 -13.23 -17.90 -49.32
CA ALA B 172 -12.33 -17.56 -48.23
C ALA B 172 -11.98 -16.08 -48.23
N GLU B 173 -11.83 -15.50 -49.43
CA GLU B 173 -11.46 -14.09 -49.54
C GLU B 173 -12.48 -13.17 -48.89
N ASN B 174 -13.73 -13.62 -48.76
CA ASN B 174 -14.80 -12.81 -48.18
C ASN B 174 -14.98 -13.05 -46.69
N ILE B 175 -14.12 -13.85 -46.08
CA ILE B 175 -14.11 -14.02 -44.64
C ILE B 175 -13.01 -13.14 -44.09
N ALA B 176 -13.39 -12.14 -43.30
CA ALA B 176 -12.39 -11.26 -42.70
C ALA B 176 -11.49 -12.07 -41.77
N TYR B 177 -12.08 -12.83 -40.86
CA TYR B 177 -11.35 -13.67 -39.92
C TYR B 177 -12.34 -14.54 -39.16
N ILE B 178 -11.80 -15.51 -38.45
CA ILE B 178 -12.54 -16.34 -37.50
C ILE B 178 -12.24 -15.80 -36.11
N CYS B 179 -13.28 -15.59 -35.32
CA CYS B 179 -13.16 -15.11 -33.95
C CYS B 179 -13.45 -16.28 -33.02
N LEU B 180 -12.41 -16.84 -32.42
CA LEU B 180 -12.53 -18.03 -31.58
C LEU B 180 -12.35 -17.59 -30.13
N ALA B 181 -13.44 -17.64 -29.36
CA ALA B 181 -13.41 -17.19 -27.97
C ALA B 181 -13.17 -18.35 -27.02
N VAL B 182 -12.37 -18.08 -25.98
CA VAL B 182 -12.06 -19.05 -24.93
C VAL B 182 -12.16 -18.38 -23.57
N THR B 183 -12.96 -18.93 -22.66
CA THR B 183 -14.10 -19.79 -22.92
C THR B 183 -15.15 -19.03 -23.70
N VAL B 184 -16.30 -19.65 -23.94
CA VAL B 184 -17.43 -19.00 -24.61
C VAL B 184 -18.38 -18.47 -23.54
N ASN B 185 -18.35 -17.15 -23.34
CA ASN B 185 -19.08 -16.51 -22.26
C ASN B 185 -20.56 -16.88 -22.31
N LEU B 186 -21.24 -16.58 -23.41
CA LEU B 186 -22.68 -16.66 -23.44
C LEU B 186 -23.22 -18.07 -23.61
N ALA B 187 -22.36 -19.07 -23.86
CA ALA B 187 -22.81 -20.45 -23.78
C ALA B 187 -22.81 -20.96 -22.34
N GLY B 188 -22.45 -20.11 -21.38
CA GLY B 188 -22.29 -20.50 -20.01
C GLY B 188 -20.87 -20.55 -19.52
N GLY B 189 -19.93 -19.89 -20.20
CA GLY B 189 -18.53 -20.02 -19.86
C GLY B 189 -17.98 -21.38 -20.22
N GLN B 190 -18.33 -21.88 -21.44
CA GLN B 190 -18.04 -23.23 -21.88
C GLN B 190 -16.70 -23.27 -22.59
N PRO B 191 -15.85 -24.25 -22.29
CA PRO B 191 -14.51 -24.27 -22.86
C PRO B 191 -14.47 -24.83 -24.28
N VAL B 192 -13.34 -24.53 -24.94
CA VAL B 192 -12.98 -25.06 -26.26
C VAL B 192 -11.81 -25.99 -26.07
N SER B 193 -11.84 -27.12 -26.77
CA SER B 193 -10.78 -28.11 -26.62
C SER B 193 -9.55 -27.74 -27.45
N MET B 194 -8.40 -28.24 -27.02
CA MET B 194 -7.19 -28.05 -27.80
C MET B 194 -7.33 -28.69 -29.18
N ALA B 195 -7.98 -29.84 -29.26
CA ALA B 195 -8.17 -30.50 -30.55
C ALA B 195 -8.94 -29.61 -31.51
N ASN B 196 -9.95 -28.90 -30.99
CA ASN B 196 -10.76 -28.03 -31.83
C ASN B 196 -9.95 -26.82 -32.29
N MET B 197 -9.15 -26.24 -31.40
CA MET B 197 -8.31 -25.11 -31.80
C MET B 197 -7.32 -25.53 -32.88
N ARG B 198 -6.72 -26.70 -32.73
CA ARG B 198 -5.82 -27.21 -33.76
C ARG B 198 -6.55 -27.47 -35.07
N ALA B 199 -7.75 -28.07 -35.00
CA ALA B 199 -8.50 -28.33 -36.22
C ALA B 199 -8.84 -27.03 -36.93
N VAL B 200 -9.27 -26.01 -36.18
CA VAL B 200 -9.61 -24.74 -36.79
C VAL B 200 -8.39 -24.11 -37.45
N ARG B 201 -7.23 -24.19 -36.81
CA ARG B 201 -6.01 -23.66 -37.41
C ARG B 201 -5.71 -24.37 -38.72
N GLU B 202 -5.77 -25.70 -38.72
CA GLU B 202 -5.44 -26.47 -39.92
C GLU B 202 -6.35 -26.09 -41.08
N LEU B 203 -7.65 -25.97 -40.82
CA LEU B 203 -8.60 -25.72 -41.88
C LEU B 203 -8.48 -24.29 -42.40
N THR B 204 -8.36 -23.31 -41.50
CA THR B 204 -8.23 -21.93 -41.94
C THR B 204 -6.91 -21.70 -42.65
N ALA B 205 -5.84 -22.32 -42.17
CA ALA B 205 -4.54 -22.13 -42.80
C ALA B 205 -4.57 -22.57 -44.27
N ALA B 206 -5.27 -23.66 -44.56
CA ALA B 206 -5.36 -24.14 -45.93
C ALA B 206 -5.99 -23.13 -46.88
N HIS B 207 -6.71 -22.14 -46.35
CA HIS B 207 -7.37 -21.13 -47.16
C HIS B 207 -6.79 -19.74 -46.93
N GLY B 208 -5.78 -19.60 -46.09
CA GLY B 208 -5.23 -18.29 -45.78
C GLY B 208 -6.14 -17.42 -44.94
N ILE B 209 -7.04 -18.01 -44.17
CA ILE B 209 -7.95 -17.25 -43.32
C ILE B 209 -7.30 -17.04 -41.96
N LYS B 210 -7.40 -15.82 -41.45
CA LYS B 210 -6.83 -15.51 -40.16
C LYS B 210 -7.80 -15.89 -39.04
N VAL B 211 -7.24 -16.25 -37.89
CA VAL B 211 -7.99 -16.61 -36.71
C VAL B 211 -7.49 -15.72 -35.57
N PHE B 212 -8.40 -14.96 -34.97
CA PHE B 212 -8.08 -14.11 -33.84
C PHE B 212 -8.87 -14.61 -32.65
N TYR B 213 -8.18 -14.91 -31.57
CA TYR B 213 -8.84 -15.43 -30.39
C TYR B 213 -9.34 -14.30 -29.53
N ASP B 214 -10.47 -14.53 -28.87
CA ASP B 214 -10.87 -13.73 -27.74
C ASP B 214 -10.38 -14.45 -26.50
N ALA B 215 -9.30 -13.94 -25.92
CA ALA B 215 -8.56 -14.61 -24.87
C ALA B 215 -9.05 -14.24 -23.48
N THR B 216 -10.18 -13.54 -23.38
CA THR B 216 -10.57 -12.90 -22.13
C THR B 216 -10.64 -13.87 -20.96
N ARG B 217 -11.11 -15.10 -21.19
CA ARG B 217 -11.16 -16.11 -20.14
C ARG B 217 -10.36 -17.34 -20.55
N CYS B 218 -9.17 -17.11 -21.07
CA CYS B 218 -8.36 -18.19 -21.62
C CYS B 218 -7.77 -19.08 -20.52
N VAL B 219 -7.58 -18.56 -19.31
CA VAL B 219 -7.00 -19.38 -18.26
C VAL B 219 -8.04 -20.32 -17.69
N GLU B 220 -9.27 -19.83 -17.49
CA GLU B 220 -10.37 -20.75 -17.18
C GLU B 220 -10.45 -21.86 -18.23
N ASN B 221 -10.29 -21.50 -19.51
CA ASN B 221 -10.34 -22.50 -20.57
C ASN B 221 -9.23 -23.54 -20.42
N ALA B 222 -8.00 -23.07 -20.17
CA ALA B 222 -6.87 -23.97 -19.99
C ALA B 222 -7.11 -24.93 -18.84
N TYR B 223 -7.79 -24.46 -17.78
CA TYR B 223 -8.09 -25.35 -16.66
C TYR B 223 -8.99 -26.51 -17.11
N PHE B 224 -10.03 -26.22 -17.89
CA PHE B 224 -10.91 -27.28 -18.37
C PHE B 224 -10.16 -28.27 -19.24
N ILE B 225 -9.24 -27.78 -20.07
CA ILE B 225 -8.41 -28.68 -20.87
C ILE B 225 -7.61 -29.61 -19.96
N LYS B 226 -6.93 -29.03 -18.95
CA LYS B 226 -6.12 -29.85 -18.05
C LYS B 226 -6.97 -30.85 -17.30
N GLU B 227 -8.17 -30.44 -16.89
CA GLU B 227 -9.02 -31.31 -16.08
C GLU B 227 -9.63 -32.43 -16.91
N GLN B 228 -9.98 -32.15 -18.18
CA GLN B 228 -10.89 -33.02 -18.91
C GLN B 228 -10.41 -33.54 -20.27
N GLU B 229 -9.46 -32.90 -20.95
CA GLU B 229 -9.08 -33.34 -22.28
C GLU B 229 -7.95 -34.37 -22.20
N GLN B 230 -8.17 -35.52 -22.82
CA GLN B 230 -7.20 -36.61 -22.77
C GLN B 230 -5.83 -36.14 -23.24
N GLY B 231 -4.81 -36.44 -22.44
CA GLY B 231 -3.45 -36.09 -22.77
C GLY B 231 -2.96 -34.78 -22.23
N PHE B 232 -3.78 -34.04 -21.49
CA PHE B 232 -3.37 -32.79 -20.90
C PHE B 232 -3.39 -32.81 -19.38
N GLU B 233 -3.72 -33.96 -18.77
CA GLU B 233 -3.88 -34.01 -17.32
C GLU B 233 -2.62 -33.58 -16.59
N ASN B 234 -1.46 -33.83 -17.18
CA ASN B 234 -0.17 -33.57 -16.53
C ASN B 234 0.55 -32.36 -17.10
N LYS B 235 -0.08 -31.61 -18.00
CA LYS B 235 0.55 -30.40 -18.52
C LYS B 235 0.21 -29.21 -17.63
N SER B 236 1.11 -28.24 -17.59
CA SER B 236 0.87 -27.09 -16.74
C SER B 236 -0.10 -26.13 -17.42
N ILE B 237 -0.76 -25.31 -16.61
CA ILE B 237 -1.62 -24.26 -17.15
C ILE B 237 -0.86 -23.42 -18.17
N ALA B 238 0.37 -23.02 -17.83
CA ALA B 238 1.14 -22.17 -18.75
C ALA B 238 1.44 -22.90 -20.06
N GLU B 239 1.79 -24.18 -19.99
CA GLU B 239 2.03 -24.93 -21.22
C GLU B 239 0.77 -25.02 -22.07
N ILE B 240 -0.39 -25.20 -21.44
CA ILE B 240 -1.65 -25.27 -22.17
C ILE B 240 -1.97 -23.93 -22.82
N VAL B 241 -1.84 -22.84 -22.08
CA VAL B 241 -2.12 -21.51 -22.62
C VAL B 241 -1.22 -21.22 -23.81
N HIS B 242 0.06 -21.53 -23.71
CA HIS B 242 0.97 -21.21 -24.80
C HIS B 242 0.63 -22.02 -26.05
N GLU B 243 0.25 -23.30 -25.88
CA GLU B 243 -0.15 -24.09 -27.04
C GLU B 243 -1.45 -23.55 -27.66
N MET B 244 -2.42 -23.18 -26.82
CA MET B 244 -3.66 -22.64 -27.33
C MET B 244 -3.40 -21.52 -28.35
N PHE B 245 -2.60 -20.54 -27.96
CA PHE B 245 -2.38 -19.37 -28.81
C PHE B 245 -1.44 -19.65 -29.96
N SER B 246 -0.69 -20.76 -29.94
CA SER B 246 0.09 -21.15 -31.11
C SER B 246 -0.79 -21.47 -32.31
N TYR B 247 -2.10 -21.63 -32.10
CA TYR B 247 -3.05 -21.91 -33.17
C TYR B 247 -3.80 -20.66 -33.62
N ALA B 248 -3.34 -19.49 -33.20
CA ALA B 248 -3.98 -18.23 -33.52
C ALA B 248 -3.00 -17.29 -34.21
N ASP B 249 -3.56 -16.32 -34.94
CA ASP B 249 -2.78 -15.24 -35.52
C ASP B 249 -2.72 -14.00 -34.63
N GLY B 250 -3.50 -13.96 -33.56
CA GLY B 250 -3.49 -12.86 -32.63
C GLY B 250 -4.66 -13.02 -31.70
N CYS B 251 -4.87 -12.00 -30.86
CA CYS B 251 -5.98 -12.05 -29.93
C CYS B 251 -6.38 -10.65 -29.48
N THR B 252 -7.61 -10.56 -29.00
CA THR B 252 -8.08 -9.46 -28.17
C THR B 252 -8.17 -9.99 -26.75
N MET B 253 -7.85 -9.15 -25.77
CA MET B 253 -7.88 -9.55 -24.37
CA MET B 253 -7.95 -9.58 -24.38
C MET B 253 -8.49 -8.44 -23.53
N SER B 254 -9.50 -8.77 -22.73
CA SER B 254 -9.88 -7.92 -21.62
C SER B 254 -9.14 -8.43 -20.39
N GLY B 255 -8.10 -7.70 -19.95
CA GLY B 255 -7.38 -8.09 -18.74
C GLY B 255 -8.26 -8.08 -17.50
N LYS B 256 -9.37 -7.34 -17.57
CA LYS B 256 -10.33 -7.24 -16.48
C LYS B 256 -10.93 -8.56 -16.10
N LYS B 257 -10.77 -9.60 -16.90
CA LYS B 257 -11.18 -10.96 -16.53
C LYS B 257 -9.97 -11.73 -16.02
N ASP B 258 -9.38 -12.58 -16.87
CA ASP B 258 -8.42 -13.54 -16.32
C ASP B 258 -7.04 -12.96 -15.98
N CYS B 259 -6.75 -11.69 -16.28
CA CYS B 259 -5.51 -11.08 -15.83
C CYS B 259 -5.60 -10.51 -14.40
N LEU B 260 -6.72 -10.72 -13.71
CA LEU B 260 -6.82 -10.45 -12.29
C LEU B 260 -6.63 -8.97 -11.96
N VAL B 261 -7.19 -8.11 -12.81
CA VAL B 261 -7.07 -6.66 -12.63
C VAL B 261 -8.44 -5.98 -12.71
N ASN B 262 -8.44 -4.67 -12.43
CA ASN B 262 -9.64 -3.87 -12.37
C ASN B 262 -9.84 -3.02 -13.61
N ILE B 263 -8.82 -2.95 -14.48
CA ILE B 263 -8.85 -2.21 -15.74
C ILE B 263 -7.69 -2.76 -16.55
N GLY B 264 -7.80 -2.66 -17.88
CA GLY B 264 -6.73 -3.12 -18.75
C GLY B 264 -7.14 -4.11 -19.81
N GLY B 265 -6.48 -4.03 -20.96
CA GLY B 265 -6.64 -5.01 -22.02
C GLY B 265 -5.49 -4.89 -22.99
N PHE B 266 -5.56 -5.68 -24.06
CA PHE B 266 -4.55 -5.58 -25.11
C PHE B 266 -4.96 -6.33 -26.37
N LEU B 267 -4.28 -6.00 -27.46
CA LEU B 267 -4.40 -6.63 -28.77
C LEU B 267 -3.04 -7.23 -29.11
N CYS B 268 -3.04 -8.50 -29.49
CA CYS B 268 -1.81 -9.15 -29.94
C CYS B 268 -1.94 -9.61 -31.38
N MET B 269 -0.79 -9.69 -32.05
CA MET B 269 -0.78 -10.19 -33.41
C MET B 269 0.64 -10.62 -33.77
N ASN B 270 0.74 -11.52 -34.72
CA ASN B 270 2.03 -11.98 -35.19
C ASN B 270 2.51 -11.21 -36.41
N ASP B 271 1.60 -10.62 -37.18
CA ASP B 271 1.95 -10.00 -38.45
C ASP B 271 2.51 -8.60 -38.26
N ASP B 272 3.65 -8.34 -38.91
CA ASP B 272 4.34 -7.06 -38.73
C ASP B 272 3.53 -5.90 -39.30
N GLU B 273 2.93 -6.07 -40.48
CA GLU B 273 2.18 -4.99 -41.10
CA GLU B 273 2.18 -4.99 -41.10
C GLU B 273 0.95 -4.64 -40.27
N MET B 274 0.27 -5.65 -39.74
CA MET B 274 -0.89 -5.37 -38.90
C MET B 274 -0.47 -4.66 -37.63
N PHE B 275 0.68 -5.02 -37.06
CA PHE B 275 1.17 -4.32 -35.87
C PHE B 275 1.43 -2.85 -36.16
N SER B 276 2.08 -2.55 -37.28
CA SER B 276 2.30 -1.16 -37.65
C SER B 276 0.98 -0.42 -37.78
N SER B 277 0.01 -1.01 -38.47
CA SER B 277 -1.29 -0.37 -38.63
C SER B 277 -2.01 -0.20 -37.29
N ALA B 278 -1.91 -1.20 -36.40
CA ALA B 278 -2.54 -1.09 -35.10
C ALA B 278 -1.95 0.04 -34.29
N LYS B 279 -0.63 0.22 -34.36
CA LYS B 279 -0.02 1.35 -33.66
C LYS B 279 -0.49 2.69 -34.22
N GLU B 280 -0.71 2.77 -35.53
CA GLU B 280 -1.16 4.04 -36.11
C GLU B 280 -2.56 4.39 -35.63
N LEU B 281 -3.35 3.38 -35.27
CA LEU B 281 -4.72 3.61 -34.81
C LEU B 281 -4.87 3.70 -33.28
N VAL B 282 -3.98 3.05 -32.51
CA VAL B 282 -4.13 3.09 -31.06
C VAL B 282 -4.06 4.53 -30.55
N VAL B 283 -3.24 5.36 -31.20
CA VAL B 283 -3.08 6.74 -30.75
C VAL B 283 -4.34 7.57 -30.99
N VAL B 284 -5.21 7.13 -31.90
CA VAL B 284 -6.46 7.84 -32.15
C VAL B 284 -7.41 7.71 -30.96
N TYR B 285 -7.57 6.49 -30.46
CA TYR B 285 -8.63 6.17 -29.51
C TYR B 285 -8.16 5.91 -28.10
N GLU B 286 -6.94 5.40 -27.92
CA GLU B 286 -6.51 4.92 -26.61
C GLU B 286 -5.34 5.71 -26.04
N GLY B 287 -4.23 5.79 -26.76
CA GLY B 287 -2.99 6.34 -26.24
C GLY B 287 -1.82 5.79 -27.04
N MET B 288 -0.62 5.90 -26.45
CA MET B 288 0.58 5.49 -27.17
C MET B 288 0.65 3.98 -27.27
N PRO B 289 1.44 3.46 -28.22
CA PRO B 289 1.71 2.01 -28.21
C PRO B 289 2.34 1.54 -26.91
N SER B 290 2.87 2.44 -26.09
CA SER B 290 3.47 2.10 -24.80
C SER B 290 2.64 2.56 -23.61
N TYR B 291 1.36 2.93 -23.79
CA TYR B 291 0.46 3.00 -22.62
C TYR B 291 -0.99 2.62 -22.98
N GLY B 292 -1.45 2.91 -24.19
CA GLY B 292 -2.75 2.41 -24.61
C GLY B 292 -3.94 2.78 -23.74
N GLY B 293 -3.92 3.96 -23.16
CA GLY B 293 -5.02 4.42 -22.33
C GLY B 293 -4.99 3.89 -20.91
N LEU B 294 -3.86 3.37 -20.47
CA LEU B 294 -3.67 2.90 -19.10
C LEU B 294 -2.58 3.70 -18.40
N ALA B 295 -2.77 3.92 -17.10
CA ALA B 295 -1.67 4.37 -16.26
C ALA B 295 -0.57 3.31 -16.25
N GLY B 296 0.67 3.75 -16.10
CA GLY B 296 1.78 2.80 -16.01
C GLY B 296 1.58 1.75 -14.95
N ARG B 297 1.09 2.16 -13.77
CA ARG B 297 0.84 1.20 -12.70
C ARG B 297 -0.12 0.09 -13.11
N ASP B 298 -1.06 0.39 -13.99
CA ASP B 298 -2.03 -0.62 -14.43
C ASP B 298 -1.45 -1.60 -15.42
N MET B 299 -0.54 -1.17 -16.29
CA MET B 299 0.20 -2.14 -17.09
C MET B 299 1.00 -3.06 -16.19
N GLU B 300 1.59 -2.52 -15.12
CA GLU B 300 2.37 -3.34 -14.19
C GLU B 300 1.47 -4.36 -13.49
N ALA B 301 0.32 -3.93 -13.00
CA ALA B 301 -0.58 -4.86 -12.30
C ALA B 301 -1.10 -5.95 -13.23
N MET B 302 -1.35 -5.61 -14.50
CA MET B 302 -1.82 -6.59 -15.46
C MET B 302 -0.74 -7.60 -15.81
N ALA B 303 0.52 -7.15 -15.91
CA ALA B 303 1.64 -8.07 -16.16
C ALA B 303 1.76 -9.07 -15.02
N ILE B 304 1.68 -8.59 -13.78
CA ILE B 304 1.84 -9.46 -12.61
C ILE B 304 0.65 -10.40 -12.50
N GLY B 305 -0.55 -9.87 -12.76
CA GLY B 305 -1.75 -10.68 -12.62
C GLY B 305 -1.83 -11.82 -13.62
N LEU B 306 -1.48 -11.56 -14.88
CA LEU B 306 -1.52 -12.65 -15.85
C LEU B 306 -0.61 -13.80 -15.43
N ARG B 307 0.57 -13.47 -14.93
CA ARG B 307 1.48 -14.52 -14.45
C ARG B 307 0.92 -15.26 -13.25
N GLU B 308 0.26 -14.53 -12.33
CA GLU B 308 -0.38 -15.19 -11.18
C GLU B 308 -1.46 -16.15 -11.64
N ALA B 309 -2.18 -15.79 -12.70
CA ALA B 309 -3.27 -16.64 -13.17
C ALA B 309 -2.78 -18.01 -13.62
N MET B 310 -1.49 -18.15 -13.91
CA MET B 310 -0.96 -19.44 -14.37
C MET B 310 -0.83 -20.47 -13.25
N GLN B 311 -1.01 -20.07 -11.99
CA GLN B 311 -0.87 -21.01 -10.88
C GLN B 311 -2.04 -21.99 -10.88
N TYR B 312 -1.74 -23.29 -10.98
CA TYR B 312 -2.80 -24.30 -11.05
C TYR B 312 -3.78 -24.18 -9.89
N GLU B 313 -3.27 -24.09 -8.67
CA GLU B 313 -4.17 -24.11 -7.52
C GLU B 313 -5.12 -22.91 -7.53
N TYR B 314 -4.62 -21.75 -7.98
CA TYR B 314 -5.49 -20.57 -8.10
C TYR B 314 -6.67 -20.84 -9.05
N ILE B 315 -6.38 -21.32 -10.27
CA ILE B 315 -7.45 -21.45 -11.24
C ILE B 315 -8.35 -22.65 -10.95
N GLU B 316 -7.80 -23.73 -10.39
CA GLU B 316 -8.63 -24.84 -9.93
C GLU B 316 -9.65 -24.35 -8.91
N HIS B 317 -9.20 -23.60 -7.91
CA HIS B 317 -10.12 -23.10 -6.90
C HIS B 317 -11.12 -22.13 -7.53
N ARG B 318 -10.65 -21.23 -8.39
CA ARG B 318 -11.56 -20.30 -9.05
C ARG B 318 -12.73 -21.04 -9.68
N VAL B 319 -12.44 -22.03 -10.51
CA VAL B 319 -13.47 -22.76 -11.24
C VAL B 319 -14.32 -23.60 -10.30
N LYS B 320 -13.71 -24.27 -9.32
CA LYS B 320 -14.49 -25.12 -8.43
C LYS B 320 -15.37 -24.32 -7.48
N GLN B 321 -15.01 -23.07 -7.19
CA GLN B 321 -15.89 -22.24 -6.38
C GLN B 321 -17.18 -21.95 -7.13
N VAL B 322 -17.08 -21.65 -8.43
CA VAL B 322 -18.27 -21.47 -9.25
C VAL B 322 -19.05 -22.76 -9.29
N ARG B 323 -18.36 -23.89 -9.45
CA ARG B 323 -19.02 -25.19 -9.50
C ARG B 323 -19.78 -25.47 -8.22
N TYR B 324 -19.23 -25.08 -7.07
CA TYR B 324 -19.91 -25.26 -5.80
C TYR B 324 -21.29 -24.60 -5.80
N LEU B 325 -21.35 -23.35 -6.26
CA LEU B 325 -22.64 -22.66 -6.34
C LEU B 325 -23.60 -23.39 -7.26
N GLY B 326 -23.15 -23.78 -8.44
CA GLY B 326 -24.05 -24.46 -9.37
C GLY B 326 -24.53 -25.79 -8.82
N ASP B 327 -23.63 -26.53 -8.18
CA ASP B 327 -23.99 -27.83 -7.63
C ASP B 327 -25.07 -27.71 -6.58
N LYS B 328 -24.95 -26.71 -5.69
CA LYS B 328 -25.96 -26.50 -4.66
CA LYS B 328 -25.97 -26.51 -4.67
C LYS B 328 -27.31 -26.14 -5.28
N LEU B 329 -27.28 -25.27 -6.28
CA LEU B 329 -28.52 -24.86 -6.94
C LEU B 329 -29.17 -26.05 -7.65
N LYS B 330 -28.38 -26.81 -8.41
CA LYS B 330 -28.95 -27.93 -9.15
C LYS B 330 -29.55 -28.97 -8.21
N ALA B 331 -28.86 -29.25 -7.09
CA ALA B 331 -29.37 -30.27 -6.19
C ALA B 331 -30.72 -29.87 -5.60
N ALA B 332 -30.94 -28.57 -5.41
CA ALA B 332 -32.21 -28.08 -4.89
C ALA B 332 -33.28 -27.93 -5.97
N GLY B 333 -32.99 -28.28 -7.22
CA GLY B 333 -33.99 -28.23 -8.26
C GLY B 333 -34.04 -26.94 -9.06
N VAL B 334 -33.12 -26.02 -8.84
CA VAL B 334 -33.10 -24.78 -9.60
C VAL B 334 -32.51 -25.07 -10.98
N PRO B 335 -33.16 -24.63 -12.07
CA PRO B 335 -32.65 -24.97 -13.41
C PRO B 335 -31.46 -24.09 -13.81
N ILE B 336 -30.42 -24.72 -14.33
CA ILE B 336 -29.21 -24.00 -14.73
C ILE B 336 -28.67 -24.54 -16.05
N VAL B 337 -27.78 -23.76 -16.65
CA VAL B 337 -27.02 -24.24 -17.79
C VAL B 337 -26.00 -25.26 -17.30
N GLU B 338 -25.85 -26.34 -18.04
CA GLU B 338 -24.87 -27.34 -17.67
C GLU B 338 -23.91 -27.60 -18.84
N PRO B 339 -22.68 -28.02 -18.55
CA PRO B 339 -22.10 -28.07 -17.21
C PRO B 339 -21.85 -26.63 -16.76
N VAL B 340 -21.55 -26.45 -15.46
CA VAL B 340 -21.23 -25.12 -14.98
C VAL B 340 -19.96 -24.65 -15.66
N GLY B 341 -19.90 -23.36 -15.96
CA GLY B 341 -18.78 -22.79 -16.67
C GLY B 341 -17.71 -22.24 -15.74
N GLY B 342 -16.76 -21.51 -16.34
CA GLY B 342 -15.58 -21.11 -15.60
C GLY B 342 -15.77 -19.93 -14.67
N HIS B 343 -16.73 -19.04 -14.98
CA HIS B 343 -16.79 -17.73 -14.35
C HIS B 343 -18.14 -17.41 -13.72
N ALA B 344 -19.15 -18.26 -13.90
CA ALA B 344 -20.50 -17.90 -13.52
C ALA B 344 -21.35 -19.16 -13.54
N VAL B 345 -22.42 -19.11 -12.76
CA VAL B 345 -23.53 -20.03 -12.90
C VAL B 345 -24.61 -19.30 -13.68
N PHE B 346 -25.13 -19.94 -14.71
CA PHE B 346 -26.16 -19.36 -15.56
C PHE B 346 -27.49 -20.05 -15.22
N LEU B 347 -28.38 -19.31 -14.55
CA LEU B 347 -29.73 -19.82 -14.34
C LEU B 347 -30.44 -19.87 -15.69
N ASP B 348 -31.19 -20.95 -15.91
CA ASP B 348 -31.98 -21.10 -17.13
C ASP B 348 -33.31 -20.43 -16.88
N ALA B 349 -33.43 -19.16 -17.30
CA ALA B 349 -34.63 -18.37 -17.04
C ALA B 349 -35.84 -18.90 -17.79
N ARG B 350 -35.62 -19.62 -18.89
CA ARG B 350 -36.74 -20.20 -19.62
C ARG B 350 -37.46 -21.24 -18.76
N ARG B 351 -36.71 -22.09 -18.06
CA ARG B 351 -37.29 -23.08 -17.17
C ARG B 351 -37.68 -22.47 -15.82
N PHE B 352 -36.88 -21.51 -15.33
CA PHE B 352 -37.21 -20.84 -14.09
C PHE B 352 -38.57 -20.15 -14.20
N CYS B 353 -38.84 -19.56 -15.36
CA CYS B 353 -40.05 -18.78 -15.58
C CYS B 353 -40.79 -19.32 -16.81
N GLU B 354 -41.22 -20.57 -16.72
CA GLU B 354 -41.93 -21.20 -17.84
C GLU B 354 -43.26 -20.52 -18.13
N HIS B 355 -43.81 -19.77 -17.17
CA HIS B 355 -45.07 -19.07 -17.36
C HIS B 355 -44.92 -17.82 -18.21
N LEU B 356 -43.71 -17.40 -18.53
CA LEU B 356 -43.46 -16.25 -19.39
C LEU B 356 -42.90 -16.71 -20.74
N THR B 357 -43.22 -15.97 -21.79
CA THR B 357 -42.55 -16.14 -23.07
C THR B 357 -41.28 -15.29 -23.12
N GLN B 358 -40.39 -15.62 -24.07
CA GLN B 358 -39.13 -14.88 -24.15
C GLN B 358 -39.38 -13.42 -24.53
N ASP B 359 -40.46 -13.14 -25.26
CA ASP B 359 -40.83 -11.77 -25.59
C ASP B 359 -41.21 -10.95 -24.36
N GLU B 360 -41.47 -11.61 -23.23
CA GLU B 360 -41.76 -10.94 -21.97
C GLU B 360 -40.52 -10.80 -21.10
N PHE B 361 -39.35 -11.14 -21.63
CA PHE B 361 -38.03 -10.87 -21.07
C PHE B 361 -37.85 -11.56 -19.72
N PRO B 362 -38.00 -12.89 -19.68
CA PRO B 362 -37.94 -13.58 -18.37
C PRO B 362 -36.60 -13.44 -17.67
N ALA B 363 -35.49 -13.45 -18.41
CA ALA B 363 -34.19 -13.33 -17.75
C ALA B 363 -34.03 -11.94 -17.13
N GLN B 364 -34.41 -10.89 -17.86
CA GLN B 364 -34.33 -9.56 -17.29
C GLN B 364 -35.18 -9.46 -16.03
N SER B 365 -36.37 -10.04 -16.06
CA SER B 365 -37.23 -9.94 -14.89
C SER B 365 -36.70 -10.79 -13.76
N LEU B 366 -36.16 -11.97 -14.07
CA LEU B 366 -35.61 -12.81 -13.01
C LEU B 366 -34.46 -12.11 -12.32
N ALA B 367 -33.60 -11.45 -13.09
CA ALA B 367 -32.48 -10.73 -12.47
C ALA B 367 -33.00 -9.67 -11.51
N ALA B 368 -34.04 -8.96 -11.90
CA ALA B 368 -34.65 -7.97 -11.01
C ALA B 368 -35.17 -8.63 -9.73
N SER B 369 -35.92 -9.72 -9.87
CA SER B 369 -36.51 -10.37 -8.71
C SER B 369 -35.44 -10.91 -7.76
N ILE B 370 -34.36 -11.50 -8.30
CA ILE B 370 -33.25 -11.91 -7.44
C ILE B 370 -32.77 -10.75 -6.58
N TYR B 371 -32.56 -9.57 -7.18
CA TYR B 371 -32.10 -8.45 -6.37
C TYR B 371 -33.11 -8.09 -5.28
N VAL B 372 -34.39 -7.98 -5.64
CA VAL B 372 -35.37 -7.53 -4.66
C VAL B 372 -35.40 -8.48 -3.46
N GLU B 373 -35.29 -9.78 -3.72
CA GLU B 373 -35.50 -10.74 -2.64
C GLU B 373 -34.25 -11.09 -1.85
N THR B 374 -33.06 -10.81 -2.41
CA THR B 374 -31.81 -11.26 -1.79
C THR B 374 -30.74 -10.19 -1.65
N GLY B 375 -30.81 -9.09 -2.37
CA GLY B 375 -29.71 -8.13 -2.39
C GLY B 375 -28.55 -8.52 -3.28
N VAL B 376 -28.66 -9.61 -4.00
CA VAL B 376 -27.61 -10.08 -4.89
C VAL B 376 -27.89 -9.53 -6.28
N ARG B 377 -26.89 -8.89 -6.87
CA ARG B 377 -27.00 -8.47 -8.25
C ARG B 377 -26.46 -9.54 -9.19
N SER B 378 -27.21 -9.78 -10.28
CA SER B 378 -26.88 -10.71 -11.36
C SER B 378 -27.20 -10.05 -12.70
N ALA B 379 -26.76 -10.69 -13.80
CA ALA B 379 -26.85 -10.07 -15.12
C ALA B 379 -27.77 -10.83 -16.07
N GLU B 380 -28.60 -10.09 -16.82
CA GLU B 380 -29.37 -10.67 -17.92
C GLU B 380 -28.39 -11.13 -19.01
N ARG B 381 -28.55 -12.38 -19.46
CA ARG B 381 -27.83 -12.88 -20.63
C ARG B 381 -28.83 -13.67 -21.48
N GLY B 382 -29.69 -12.94 -22.18
CA GLY B 382 -30.71 -13.56 -23.01
C GLY B 382 -31.11 -12.64 -24.14
N ILE B 383 -32.42 -12.51 -24.37
CA ILE B 383 -32.92 -11.73 -25.51
C ILE B 383 -32.52 -10.27 -25.41
N ILE B 384 -32.45 -9.71 -24.21
CA ILE B 384 -32.07 -8.30 -24.10
C ILE B 384 -30.62 -8.10 -24.53
N SER B 385 -29.71 -8.91 -24.00
CA SER B 385 -28.30 -8.82 -24.38
C SER B 385 -28.09 -9.12 -25.85
N ALA B 386 -28.91 -9.98 -26.44
CA ALA B 386 -28.69 -10.39 -27.82
C ALA B 386 -28.91 -9.24 -28.79
N GLY B 387 -29.70 -8.24 -28.44
CA GLY B 387 -29.87 -7.07 -29.27
C GLY B 387 -30.83 -7.27 -30.42
N ARG B 388 -30.87 -6.26 -31.28
CA ARG B 388 -31.73 -6.27 -32.45
C ARG B 388 -30.97 -6.83 -33.65
N ASN B 389 -31.70 -7.47 -34.55
CA ASN B 389 -31.15 -7.86 -35.84
C ASN B 389 -30.94 -6.60 -36.67
N ASN B 390 -29.71 -6.36 -37.11
CA ASN B 390 -29.40 -5.11 -37.80
C ASN B 390 -29.97 -5.04 -39.21
N VAL B 391 -30.68 -6.07 -39.67
CA VAL B 391 -31.31 -6.08 -40.99
C VAL B 391 -32.83 -6.05 -40.87
N THR B 392 -33.40 -6.92 -40.06
CA THR B 392 -34.85 -7.05 -39.97
C THR B 392 -35.48 -6.13 -38.93
N GLY B 393 -34.71 -5.71 -37.93
CA GLY B 393 -35.24 -4.88 -36.86
C GLY B 393 -35.91 -5.64 -35.75
N GLU B 394 -36.05 -6.95 -35.86
CA GLU B 394 -36.64 -7.75 -34.80
C GLU B 394 -35.58 -8.12 -33.77
N HIS B 395 -36.05 -8.57 -32.60
CA HIS B 395 -35.12 -9.07 -31.60
C HIS B 395 -34.37 -10.28 -32.15
N HIS B 396 -33.07 -10.36 -31.84
CA HIS B 396 -32.41 -11.66 -31.86
C HIS B 396 -33.03 -12.53 -30.78
N ARG B 397 -33.28 -13.79 -31.08
CA ARG B 397 -33.96 -14.72 -30.18
CA ARG B 397 -33.96 -14.72 -30.18
C ARG B 397 -33.02 -15.89 -29.88
N PRO B 398 -32.08 -15.71 -28.95
CA PRO B 398 -31.18 -16.82 -28.59
C PRO B 398 -31.97 -17.92 -27.89
N LYS B 399 -31.56 -19.17 -28.16
CA LYS B 399 -32.15 -20.28 -27.41
C LYS B 399 -31.82 -20.17 -25.92
N LEU B 400 -30.62 -19.68 -25.60
CA LEU B 400 -30.21 -19.52 -24.20
C LEU B 400 -30.77 -18.20 -23.67
N GLU B 401 -31.75 -18.29 -22.79
CA GLU B 401 -32.32 -17.16 -22.07
C GLU B 401 -31.93 -17.37 -20.60
N THR B 402 -30.87 -16.70 -20.17
CA THR B 402 -30.21 -17.04 -18.92
C THR B 402 -29.96 -15.82 -18.05
N VAL B 403 -29.78 -16.05 -16.75
CA VAL B 403 -29.37 -15.02 -15.80
C VAL B 403 -28.05 -15.45 -15.19
N ARG B 404 -27.06 -14.55 -15.20
CA ARG B 404 -25.70 -14.90 -14.86
C ARG B 404 -25.36 -14.43 -13.46
N LEU B 405 -25.03 -15.39 -12.59
CA LEU B 405 -24.45 -15.15 -11.27
C LEU B 405 -22.95 -15.18 -11.49
N THR B 406 -22.35 -14.01 -11.69
CA THR B 406 -20.99 -13.90 -12.20
C THR B 406 -20.03 -13.67 -11.02
N ILE B 407 -18.97 -14.46 -10.96
CA ILE B 407 -18.16 -14.54 -9.75
C ILE B 407 -16.84 -13.80 -9.98
N PRO B 408 -16.62 -12.66 -9.33
CA PRO B 408 -15.30 -12.02 -9.39
C PRO B 408 -14.24 -12.94 -8.82
N ARG B 409 -13.01 -12.80 -9.31
CA ARG B 409 -11.94 -13.68 -8.85
C ARG B 409 -11.35 -13.20 -7.53
N ARG B 410 -11.24 -14.13 -6.59
CA ARG B 410 -10.55 -13.94 -5.30
C ARG B 410 -11.26 -12.99 -4.36
N VAL B 411 -12.58 -12.82 -4.48
CA VAL B 411 -13.31 -11.83 -3.71
C VAL B 411 -14.19 -12.46 -2.64
N TYR B 412 -14.87 -13.55 -2.99
CA TYR B 412 -15.89 -14.17 -2.15
C TYR B 412 -15.44 -15.54 -1.69
N THR B 413 -16.16 -16.07 -0.71
CA THR B 413 -15.87 -17.37 -0.10
C THR B 413 -17.00 -18.34 -0.39
N TYR B 414 -16.81 -19.59 0.04
CA TYR B 414 -17.87 -20.57 -0.08
C TYR B 414 -19.08 -20.18 0.78
N ALA B 415 -18.85 -19.53 1.93
CA ALA B 415 -19.97 -19.10 2.76
C ALA B 415 -20.82 -18.06 2.03
N HIS B 416 -20.17 -17.16 1.28
CA HIS B 416 -20.91 -16.23 0.44
C HIS B 416 -21.70 -16.99 -0.63
N MET B 417 -21.08 -17.99 -1.25
CA MET B 417 -21.81 -18.80 -2.21
C MET B 417 -23.05 -19.45 -1.58
N ASP B 418 -22.92 -19.90 -0.32
CA ASP B 418 -24.08 -20.48 0.36
C ASP B 418 -25.21 -19.46 0.52
N VAL B 419 -24.86 -18.21 0.87
CA VAL B 419 -25.89 -17.19 1.02
C VAL B 419 -26.60 -16.95 -0.31
N VAL B 420 -25.84 -16.90 -1.40
CA VAL B 420 -26.42 -16.70 -2.73
C VAL B 420 -27.34 -17.85 -3.08
N ALA B 421 -26.86 -19.08 -2.90
CA ALA B 421 -27.66 -20.26 -3.24
C ALA B 421 -28.96 -20.30 -2.44
N ASP B 422 -28.87 -20.07 -1.14
CA ASP B 422 -30.07 -20.14 -0.31
C ASP B 422 -31.13 -19.16 -0.78
N GLY B 423 -30.72 -17.94 -1.13
CA GLY B 423 -31.71 -16.95 -1.55
C GLY B 423 -32.36 -17.28 -2.88
N ILE B 424 -31.59 -17.83 -3.82
CA ILE B 424 -32.17 -18.18 -5.11
C ILE B 424 -33.09 -19.37 -4.98
N ILE B 425 -32.70 -20.34 -4.15
CA ILE B 425 -33.57 -21.48 -3.90
C ILE B 425 -34.91 -21.02 -3.37
N LYS B 426 -34.90 -20.02 -2.48
CA LYS B 426 -36.16 -19.53 -1.92
C LYS B 426 -37.01 -18.83 -2.99
N LEU B 427 -36.39 -17.99 -3.81
CA LEU B 427 -37.15 -17.37 -4.89
C LEU B 427 -37.76 -18.43 -5.80
N TYR B 428 -37.01 -19.49 -6.09
CA TYR B 428 -37.51 -20.53 -6.98
C TYR B 428 -38.83 -21.11 -6.48
N GLN B 429 -39.02 -21.22 -5.16
CA GLN B 429 -40.25 -21.81 -4.62
C GLN B 429 -41.48 -20.98 -4.97
N HIS B 430 -41.31 -19.71 -5.33
CA HIS B 430 -42.45 -18.90 -5.79
C HIS B 430 -42.15 -18.25 -7.14
N LYS B 431 -41.50 -19.02 -8.02
CA LYS B 431 -41.12 -18.52 -9.34
C LYS B 431 -42.31 -18.01 -10.14
N GLU B 432 -43.52 -18.51 -9.87
CA GLU B 432 -44.66 -18.08 -10.65
C GLU B 432 -45.04 -16.62 -10.39
N ASP B 433 -44.42 -15.97 -9.39
CA ASP B 433 -44.71 -14.59 -9.05
C ASP B 433 -43.91 -13.60 -9.88
N ILE B 434 -42.98 -14.08 -10.71
CA ILE B 434 -42.10 -13.20 -11.49
C ILE B 434 -42.87 -12.71 -12.71
N ARG B 435 -42.98 -11.38 -12.84
CA ARG B 435 -43.83 -10.76 -13.83
C ARG B 435 -43.05 -10.46 -15.11
N GLY B 436 -43.77 -10.44 -16.23
CA GLY B 436 -43.14 -10.07 -17.47
C GLY B 436 -42.80 -8.59 -17.52
N LEU B 437 -41.83 -8.27 -18.38
CA LEU B 437 -41.39 -6.89 -18.55
C LEU B 437 -41.55 -6.44 -20.00
N LYS B 438 -41.57 -5.12 -20.18
CA LYS B 438 -41.60 -4.50 -21.50
C LYS B 438 -40.68 -3.29 -21.51
N PHE B 439 -40.17 -2.95 -22.69
CA PHE B 439 -39.29 -1.81 -22.80
C PHE B 439 -40.05 -0.49 -22.58
N ILE B 440 -39.44 0.43 -21.84
CA ILE B 440 -39.81 1.84 -21.88
C ILE B 440 -38.70 2.72 -22.44
N TYR B 441 -37.45 2.28 -22.38
CA TYR B 441 -36.35 2.99 -23.03
C TYR B 441 -35.38 1.96 -23.57
N GLU B 442 -35.07 2.05 -24.86
CA GLU B 442 -34.22 1.07 -25.53
C GLU B 442 -33.11 1.79 -26.27
N PRO B 443 -31.86 1.70 -25.80
CA PRO B 443 -30.74 2.24 -26.57
C PRO B 443 -30.65 1.59 -27.95
N LYS B 444 -29.97 2.29 -28.86
CA LYS B 444 -29.87 1.83 -30.24
C LYS B 444 -28.86 0.70 -30.43
N GLN B 445 -27.97 0.47 -29.47
CA GLN B 445 -27.06 -0.67 -29.51
C GLN B 445 -26.69 -1.00 -28.07
N LEU B 446 -26.18 -2.22 -27.88
CA LEU B 446 -25.76 -2.67 -26.55
C LEU B 446 -26.79 -2.28 -25.49
N ARG B 447 -28.05 -2.59 -25.80
CA ARG B 447 -29.17 -2.02 -25.07
C ARG B 447 -29.24 -2.49 -23.62
N PHE B 448 -28.68 -3.67 -23.33
CA PHE B 448 -28.80 -4.25 -21.99
C PHE B 448 -28.14 -3.39 -20.92
N PHE B 449 -27.12 -2.59 -21.30
CA PHE B 449 -26.39 -1.82 -20.29
C PHE B 449 -27.28 -0.76 -19.62
N THR B 450 -28.19 -0.13 -20.39
CA THR B 450 -28.90 1.02 -19.86
C THR B 450 -30.38 1.05 -20.20
N ALA B 451 -30.94 -0.01 -20.78
CA ALA B 451 -32.36 -0.01 -21.08
C ALA B 451 -33.17 0.05 -19.79
N ARG B 452 -34.37 0.61 -19.88
CA ARG B 452 -35.30 0.66 -18.76
CA ARG B 452 -35.29 0.66 -18.75
C ARG B 452 -36.59 -0.02 -19.15
N PHE B 453 -37.24 -0.64 -18.17
CA PHE B 453 -38.41 -1.47 -18.43
C PHE B 453 -39.52 -1.11 -17.45
N ASP B 454 -40.70 -1.68 -17.71
CA ASP B 454 -41.82 -1.65 -16.79
C ASP B 454 -42.51 -3.00 -16.89
N TYR B 455 -43.23 -3.36 -15.83
CA TYR B 455 -43.91 -4.64 -15.85
C TYR B 455 -45.08 -4.60 -16.83
N ILE B 456 -45.33 -5.74 -17.46
CA ILE B 456 -46.44 -5.88 -18.42
C ILE B 456 -47.77 -5.78 -17.69
N MET C 1 5.27 37.01 -4.38
CA MET C 1 6.69 36.72 -4.71
C MET C 1 6.81 36.32 -6.18
N ASN C 2 7.97 36.60 -6.78
CA ASN C 2 8.19 36.20 -8.17
C ASN C 2 8.23 34.69 -8.30
N TYR C 3 8.97 34.01 -7.41
CA TYR C 3 9.13 32.56 -7.45
C TYR C 3 8.90 32.01 -6.06
N PRO C 4 7.65 31.70 -5.73
CA PRO C 4 7.35 31.16 -4.39
C PRO C 4 7.93 29.78 -4.19
N ALA C 5 8.18 29.44 -2.92
CA ALA C 5 8.53 28.07 -2.59
C ALA C 5 7.34 27.14 -2.81
N GLU C 6 7.64 25.85 -2.94
CA GLU C 6 6.59 24.87 -3.19
C GLU C 6 5.59 24.88 -2.02
N PRO C 7 4.28 24.95 -2.30
CA PRO C 7 3.26 24.93 -1.24
C PRO C 7 2.88 23.51 -0.85
N PHE C 8 3.89 22.66 -0.81
CA PHE C 8 3.75 21.26 -0.45
C PHE C 8 5.15 20.79 -0.11
N ARG C 9 5.23 19.66 0.54
CA ARG C 9 6.49 18.95 0.80
CA ARG C 9 6.53 19.00 0.67
C ARG C 9 6.42 17.58 0.13
N ILE C 10 7.55 16.95 0.03
CA ILE C 10 7.65 15.68 -0.67
C ILE C 10 7.24 14.57 0.29
N LYS C 11 6.30 13.74 -0.14
CA LYS C 11 5.86 12.57 0.62
C LYS C 11 6.61 11.33 0.17
N SER C 12 6.84 11.15 -1.14
CA SER C 12 7.61 10.03 -1.64
C SER C 12 8.30 10.43 -2.94
N VAL C 13 9.36 9.69 -3.28
CA VAL C 13 10.22 10.03 -4.40
C VAL C 13 10.37 8.87 -5.38
N GLU C 14 10.88 9.20 -6.58
CA GLU C 14 11.31 8.27 -7.62
C GLU C 14 12.70 8.70 -8.08
N THR C 15 13.67 7.78 -8.05
CA THR C 15 15.05 8.16 -8.37
C THR C 15 15.23 8.41 -9.87
N VAL C 16 16.06 9.40 -10.21
CA VAL C 16 16.38 9.70 -11.61
C VAL C 16 17.89 9.69 -11.76
N SER C 17 18.34 9.55 -13.01
CA SER C 17 19.75 9.35 -13.28
C SER C 17 20.10 9.89 -14.67
N MET C 18 21.32 10.42 -14.78
CA MET C 18 21.90 10.81 -16.05
C MET C 18 22.69 9.64 -16.60
N ILE C 19 22.67 9.48 -17.92
CA ILE C 19 23.51 8.50 -18.60
C ILE C 19 24.49 9.25 -19.48
N PRO C 20 25.54 8.59 -19.96
CA PRO C 20 26.55 9.31 -20.75
C PRO C 20 26.00 9.78 -22.08
N ARG C 21 26.62 10.84 -22.59
CA ARG C 21 26.20 11.41 -23.86
C ARG C 21 26.31 10.39 -24.99
N ASP C 22 27.38 9.58 -24.99
CA ASP C 22 27.53 8.60 -26.06
C ASP C 22 26.36 7.62 -26.07
N GLU C 23 25.84 7.29 -24.89
CA GLU C 23 24.65 6.43 -24.84
CA GLU C 23 24.66 6.42 -24.84
C GLU C 23 23.41 7.16 -25.32
N ARG C 24 23.24 8.42 -24.90
CA ARG C 24 22.09 9.19 -25.40
C ARG C 24 22.14 9.35 -26.91
N LEU C 25 23.33 9.51 -27.48
CA LEU C 25 23.46 9.59 -28.93
C LEU C 25 22.93 8.34 -29.60
N LYS C 26 23.30 7.16 -29.08
CA LYS C 26 22.82 5.92 -29.68
C LYS C 26 21.31 5.75 -29.49
N LYS C 27 20.82 6.08 -28.30
CA LYS C 27 19.39 5.98 -28.03
CA LYS C 27 19.39 5.98 -28.03
C LYS C 27 18.59 6.89 -28.96
N MET C 28 19.09 8.10 -29.21
CA MET C 28 18.34 9.03 -30.06
C MET C 28 18.25 8.50 -31.49
N GLN C 29 19.34 7.91 -31.99
CA GLN C 29 19.31 7.31 -33.32
C GLN C 29 18.40 6.10 -33.36
N GLU C 30 18.43 5.27 -32.30
CA GLU C 30 17.54 4.12 -32.24
C GLU C 30 16.08 4.54 -32.23
N ALA C 31 15.79 5.73 -31.68
CA ALA C 31 14.45 6.28 -31.65
C ALA C 31 14.09 7.04 -32.94
N GLY C 32 14.86 6.90 -34.00
CA GLY C 32 14.51 7.58 -35.24
C GLY C 32 14.49 9.09 -35.11
N TYR C 33 15.25 9.63 -34.16
CA TYR C 33 15.31 11.07 -33.90
C TYR C 33 13.96 11.66 -33.50
N ASN C 34 13.07 10.84 -32.96
CA ASN C 34 11.79 11.29 -32.43
C ASN C 34 11.80 11.07 -30.92
N THR C 35 11.72 12.16 -30.16
CA THR C 35 11.76 12.03 -28.71
C THR C 35 10.60 11.19 -28.18
N PHE C 36 9.46 11.13 -28.90
CA PHE C 36 8.37 10.28 -28.45
C PHE C 36 8.72 8.80 -28.46
N LEU C 37 9.77 8.39 -29.17
CA LEU C 37 10.14 6.98 -29.24
C LEU C 37 11.25 6.61 -28.26
N LEU C 38 11.71 7.56 -27.44
CA LEU C 38 12.69 7.23 -26.41
C LEU C 38 12.03 6.51 -25.25
N ASN C 39 12.82 5.72 -24.53
CA ASN C 39 12.35 4.99 -23.37
C ASN C 39 12.49 5.82 -22.10
N SER C 40 11.49 5.69 -21.22
CA SER C 40 11.46 6.48 -20.00
C SER C 40 12.72 6.29 -19.17
N LYS C 41 13.18 5.04 -19.05
CA LYS C 41 14.36 4.78 -18.24
C LYS C 41 15.58 5.56 -18.71
N ASP C 42 15.62 5.99 -19.97
CA ASP C 42 16.78 6.67 -20.53
C ASP C 42 16.70 8.19 -20.41
N ILE C 43 15.71 8.71 -19.71
CA ILE C 43 15.50 10.14 -19.62
CA ILE C 43 15.46 10.14 -19.62
C ILE C 43 15.79 10.62 -18.21
N TYR C 44 16.55 11.71 -18.12
CA TYR C 44 16.88 12.30 -16.83
C TYR C 44 15.73 13.15 -16.30
N ILE C 45 15.32 14.15 -17.06
CA ILE C 45 14.20 15.02 -16.72
C ILE C 45 13.26 14.97 -17.92
N ASP C 46 12.03 14.50 -17.70
CA ASP C 46 11.12 14.17 -18.79
C ASP C 46 10.07 15.26 -18.94
N LEU C 47 10.31 16.18 -19.87
CA LEU C 47 9.40 17.29 -20.17
C LEU C 47 8.67 17.07 -21.49
N LEU C 48 8.48 15.82 -21.89
CA LEU C 48 7.73 15.54 -23.10
C LEU C 48 6.32 16.10 -22.99
N THR C 49 5.70 15.94 -21.83
CA THR C 49 4.32 16.37 -21.64
C THR C 49 3.96 16.49 -20.17
N ASP C 50 3.03 17.38 -19.89
CA ASP C 50 2.38 17.51 -18.60
C ASP C 50 1.15 16.60 -18.52
N SER C 51 0.97 15.68 -19.47
CA SER C 51 -0.20 14.83 -19.50
C SER C 51 0.07 13.51 -18.78
N GLY C 52 -0.60 13.31 -17.64
CA GLY C 52 -0.58 12.03 -16.95
C GLY C 52 0.67 11.76 -16.16
N THR C 53 1.57 12.74 -16.08
CA THR C 53 2.88 12.62 -15.45
C THR C 53 2.92 13.30 -14.09
N ASN C 54 1.78 13.77 -13.61
CA ASN C 54 1.72 14.54 -12.38
C ASN C 54 1.94 13.68 -11.14
N ALA C 55 2.43 14.33 -10.08
CA ALA C 55 2.51 13.70 -8.78
C ALA C 55 1.22 13.91 -8.00
N MET C 56 0.65 12.82 -7.52
CA MET C 56 -0.57 12.88 -6.72
C MET C 56 -0.23 13.19 -5.26
N SER C 57 -1.25 13.60 -4.52
CA SER C 57 -1.08 13.86 -3.11
C SER C 57 -1.33 12.62 -2.25
N ASP C 58 -0.97 12.74 -0.96
CA ASP C 58 -1.35 11.75 0.04
C ASP C 58 -2.85 11.51 0.06
N LYS C 59 -3.66 12.56 -0.06
CA LYS C 59 -5.11 12.38 -0.05
C LYS C 59 -5.59 11.62 -1.28
N GLN C 60 -4.97 11.86 -2.44
CA GLN C 60 -5.34 11.09 -3.62
C GLN C 60 -4.95 9.63 -3.47
N TRP C 61 -3.75 9.37 -2.92
CA TRP C 61 -3.34 8.00 -2.69
C TRP C 61 -4.22 7.29 -1.66
N ALA C 62 -4.70 8.02 -0.65
CA ALA C 62 -5.69 7.42 0.23
C ALA C 62 -6.94 7.02 -0.55
N GLY C 63 -7.39 7.88 -1.46
CA GLY C 63 -8.51 7.53 -2.32
C GLY C 63 -8.24 6.33 -3.19
N MET C 64 -7.00 6.13 -3.61
CA MET C 64 -6.64 5.00 -4.44
C MET C 64 -6.81 3.68 -3.70
N MET C 65 -6.84 3.71 -2.37
CA MET C 65 -7.08 2.54 -1.55
C MET C 65 -8.57 2.30 -1.33
N MET C 66 -9.42 3.20 -1.76
N MET C 66 -9.42 3.22 -1.79
CA MET C 66 -10.86 3.09 -1.58
CA MET C 66 -10.85 3.16 -1.57
C MET C 66 -11.58 3.07 -2.92
C MET C 66 -11.63 2.93 -2.88
N GLY C 67 -11.00 2.32 -3.86
CA GLY C 67 -11.67 2.04 -5.11
C GLY C 67 -12.82 1.08 -4.90
N ASP C 68 -14.01 1.52 -5.31
CA ASP C 68 -15.22 0.69 -5.43
C ASP C 68 -15.23 0.23 -6.88
N GLU C 69 -14.81 -1.00 -7.10
CA GLU C 69 -14.54 -1.49 -8.45
C GLU C 69 -15.77 -2.08 -9.13
N ALA C 70 -16.96 -1.77 -8.62
CA ALA C 70 -18.18 -2.30 -9.21
C ALA C 70 -18.31 -1.89 -10.68
N TYR C 71 -18.88 -2.79 -11.47
CA TYR C 71 -19.02 -2.57 -12.91
C TYR C 71 -20.00 -1.46 -13.20
N ALA C 72 -20.96 -1.24 -12.29
CA ALA C 72 -22.01 -0.26 -12.49
C ALA C 72 -22.32 0.39 -11.16
N GLY C 73 -22.41 1.72 -11.17
CA GLY C 73 -22.84 2.43 -9.99
C GLY C 73 -21.84 2.58 -8.88
N SER C 74 -20.54 2.62 -9.19
CA SER C 74 -19.52 2.81 -8.17
C SER C 74 -19.66 4.11 -7.41
N GLU C 75 -19.41 4.05 -6.09
CA GLU C 75 -19.40 5.25 -5.29
C GLU C 75 -18.37 6.25 -5.78
N ASN C 76 -17.27 5.77 -6.37
CA ASN C 76 -16.28 6.70 -6.86
C ASN C 76 -16.83 7.51 -8.05
N PHE C 77 -17.67 6.90 -8.89
CA PHE C 77 -18.29 7.68 -9.94
C PHE C 77 -19.14 8.79 -9.36
N TYR C 78 -19.94 8.49 -8.33
CA TYR C 78 -20.80 9.52 -7.75
C TYR C 78 -19.98 10.62 -7.09
N HIS C 79 -18.81 10.30 -6.51
CA HIS C 79 -17.96 11.34 -5.97
CA HIS C 79 -17.94 11.33 -5.98
C HIS C 79 -17.43 12.24 -7.09
N LEU C 80 -17.02 11.65 -8.21
CA LEU C 80 -16.58 12.45 -9.35
C LEU C 80 -17.71 13.31 -9.90
N GLU C 81 -18.90 12.73 -10.05
CA GLU C 81 -20.04 13.47 -10.59
C GLU C 81 -20.38 14.66 -9.71
N ARG C 82 -20.47 14.45 -8.40
CA ARG C 82 -20.77 15.54 -7.48
C ARG C 82 -19.71 16.62 -7.54
N THR C 83 -18.44 16.23 -7.63
CA THR C 83 -17.36 17.20 -7.66
C THR C 83 -17.44 18.05 -8.92
N VAL C 84 -17.62 17.42 -10.07
CA VAL C 84 -17.64 18.17 -11.31
C VAL C 84 -18.89 19.04 -11.39
N GLN C 85 -20.03 18.53 -10.93
CA GLN C 85 -21.22 19.37 -10.90
C GLN C 85 -21.00 20.62 -10.04
N GLU C 86 -20.39 20.44 -8.87
CA GLU C 86 -20.17 21.57 -7.97
C GLU C 86 -19.20 22.58 -8.59
N LEU C 87 -18.07 22.10 -9.12
CA LEU C 87 -17.00 22.99 -9.51
C LEU C 87 -17.17 23.57 -10.91
N PHE C 88 -17.76 22.81 -11.85
CA PHE C 88 -17.93 23.29 -13.22
C PHE C 88 -19.36 23.74 -13.52
N GLY C 89 -20.36 23.20 -12.83
CA GLY C 89 -21.73 23.64 -13.02
C GLY C 89 -22.52 22.95 -14.10
N PHE C 90 -21.93 21.99 -14.82
CA PHE C 90 -22.67 21.30 -15.86
C PHE C 90 -23.66 20.30 -15.28
N LYS C 91 -24.73 20.08 -16.03
CA LYS C 91 -25.81 19.21 -15.59
C LYS C 91 -25.38 17.76 -15.57
N HIS C 92 -24.60 17.32 -16.56
CA HIS C 92 -24.36 15.89 -16.75
C HIS C 92 -22.89 15.63 -17.05
N ILE C 93 -22.41 14.46 -16.68
CA ILE C 93 -21.02 14.05 -16.92
C ILE C 93 -21.00 12.60 -17.35
N VAL C 94 -20.14 12.30 -18.33
CA VAL C 94 -19.88 10.95 -18.82
C VAL C 94 -18.37 10.75 -18.67
N PRO C 95 -17.90 9.82 -17.84
CA PRO C 95 -16.46 9.59 -17.71
C PRO C 95 -15.91 8.92 -18.97
N THR C 96 -14.63 9.22 -19.26
CA THR C 96 -13.90 8.58 -20.34
C THR C 96 -12.49 8.26 -19.83
N HIS C 97 -11.78 7.39 -20.52
CA HIS C 97 -10.49 7.00 -19.95
C HIS C 97 -9.47 8.13 -20.05
N GLN C 98 -9.60 9.00 -21.06
CA GLN C 98 -8.81 10.24 -21.15
C GLN C 98 -9.47 11.16 -22.18
N GLY C 99 -8.75 12.23 -22.54
CA GLY C 99 -9.37 13.30 -23.29
C GLY C 99 -9.86 12.88 -24.66
N ARG C 100 -9.04 12.15 -25.41
CA ARG C 100 -9.42 11.81 -26.78
C ARG C 100 -10.59 10.86 -26.79
N GLY C 101 -10.84 10.14 -25.70
CA GLY C 101 -12.08 9.37 -25.60
C GLY C 101 -13.30 10.26 -25.54
N ALA C 102 -13.19 11.38 -24.82
CA ALA C 102 -14.28 12.35 -24.81
C ALA C 102 -14.41 13.03 -26.16
N GLU C 103 -13.29 13.32 -26.85
CA GLU C 103 -13.36 13.95 -28.17
C GLU C 103 -14.02 13.02 -29.18
N ASN C 104 -13.73 11.72 -29.09
CA ASN C 104 -14.38 10.76 -29.97
C ASN C 104 -15.89 10.82 -29.78
N LEU C 105 -16.36 10.83 -28.53
CA LEU C 105 -17.79 10.92 -28.29
C LEU C 105 -18.37 12.23 -28.83
N LEU C 106 -17.75 13.37 -28.49
CA LEU C 106 -18.31 14.65 -28.89
C LEU C 106 -18.38 14.76 -30.41
N SER C 107 -17.29 14.39 -31.10
CA SER C 107 -17.23 14.56 -32.54
C SER C 107 -18.23 13.65 -33.24
N GLN C 108 -18.45 12.44 -32.72
CA GLN C 108 -19.43 11.54 -33.33
C GLN C 108 -20.86 12.04 -33.08
N LEU C 109 -21.10 12.63 -31.91
CA LEU C 109 -22.44 13.03 -31.54
C LEU C 109 -22.87 14.32 -32.21
N ALA C 110 -21.94 15.24 -32.44
CA ALA C 110 -22.28 16.62 -32.72
C ALA C 110 -21.90 17.11 -34.12
N ILE C 111 -21.32 16.28 -34.97
CA ILE C 111 -20.85 16.69 -36.28
C ILE C 111 -21.60 15.94 -37.36
N LYS C 112 -22.17 16.68 -38.31
CA LYS C 112 -22.64 16.11 -39.56
C LYS C 112 -21.65 16.39 -40.66
N PRO C 113 -21.50 15.50 -41.64
CA PRO C 113 -20.46 15.70 -42.65
C PRO C 113 -20.61 17.06 -43.33
N GLY C 114 -19.46 17.70 -43.56
CA GLY C 114 -19.45 18.99 -44.20
C GLY C 114 -19.59 20.18 -43.28
N GLN C 115 -20.02 19.97 -42.04
CA GLN C 115 -20.15 21.10 -41.13
C GLN C 115 -18.78 21.61 -40.72
N TYR C 116 -18.78 22.82 -40.16
CA TYR C 116 -17.57 23.48 -39.69
C TYR C 116 -17.50 23.39 -38.18
N VAL C 117 -16.30 23.11 -37.67
CA VAL C 117 -16.01 23.27 -36.25
C VAL C 117 -14.98 24.40 -36.16
N ALA C 118 -15.27 25.42 -35.38
CA ALA C 118 -14.40 26.59 -35.24
C ALA C 118 -13.80 26.57 -33.85
N GLY C 119 -12.49 26.78 -33.77
CA GLY C 119 -11.79 26.72 -32.50
C GLY C 119 -10.70 27.76 -32.41
N ASN C 120 -10.28 28.06 -31.18
CA ASN C 120 -9.17 29.00 -30.95
C ASN C 120 -7.85 28.23 -31.03
N MET C 121 -7.43 27.96 -32.27
CA MET C 121 -6.24 27.20 -32.64
C MET C 121 -6.51 25.69 -32.58
N TYR C 122 -5.95 24.95 -33.53
CA TYR C 122 -6.14 23.51 -33.57
C TYR C 122 -5.42 22.85 -32.39
N PHE C 123 -5.84 21.62 -32.08
CA PHE C 123 -5.03 20.70 -31.30
C PHE C 123 -5.01 19.36 -32.05
N THR C 124 -3.96 18.56 -31.82
CA THR C 124 -3.70 17.41 -32.69
C THR C 124 -4.86 16.41 -32.66
N THR C 125 -5.11 15.80 -31.50
CA THR C 125 -6.15 14.77 -31.41
C THR C 125 -7.52 15.36 -31.71
N THR C 126 -7.75 16.58 -31.22
CA THR C 126 -9.04 17.23 -31.40
C THR C 126 -9.35 17.40 -32.88
N ARG C 127 -8.38 17.92 -33.65
CA ARG C 127 -8.60 18.15 -35.08
C ARG C 127 -8.81 16.83 -35.82
N TYR C 128 -8.07 15.79 -35.45
CA TYR C 128 -8.25 14.53 -36.13
C TYR C 128 -9.66 13.99 -35.93
N HIS C 129 -10.18 14.05 -34.71
CA HIS C 129 -11.53 13.54 -34.46
C HIS C 129 -12.57 14.41 -35.15
N GLN C 130 -12.35 15.72 -35.23
CA GLN C 130 -13.25 16.58 -36.02
C GLN C 130 -13.27 16.15 -37.47
N GLU C 131 -12.09 16.04 -38.10
CA GLU C 131 -12.01 15.74 -39.51
C GLU C 131 -12.47 14.33 -39.82
N LYS C 132 -12.15 13.37 -38.95
CA LYS C 132 -12.56 11.98 -39.18
C LYS C 132 -14.07 11.86 -39.26
N ASN C 133 -14.80 12.73 -38.55
CA ASN C 133 -16.25 12.73 -38.58
C ASN C 133 -16.82 13.68 -39.60
N GLY C 134 -15.98 14.25 -40.46
CA GLY C 134 -16.43 14.98 -41.62
C GLY C 134 -16.46 16.48 -41.50
N ALA C 135 -15.91 17.05 -40.43
CA ALA C 135 -15.94 18.48 -40.27
C ALA C 135 -14.75 19.14 -40.93
N VAL C 136 -14.91 20.42 -41.26
CA VAL C 136 -13.82 21.31 -41.66
C VAL C 136 -13.47 22.15 -40.44
N PHE C 137 -12.20 22.11 -40.02
CA PHE C 137 -11.78 22.92 -38.88
C PHE C 137 -11.45 24.33 -39.33
N VAL C 138 -11.97 25.33 -38.61
CA VAL C 138 -11.75 26.75 -38.91
C VAL C 138 -11.10 27.39 -37.69
N ASP C 139 -9.93 27.99 -37.87
CA ASP C 139 -9.23 28.63 -36.77
C ASP C 139 -9.78 30.04 -36.60
N ILE C 140 -10.35 30.33 -35.43
CA ILE C 140 -10.90 31.63 -35.11
C ILE C 140 -10.15 32.31 -33.97
N VAL C 141 -8.98 31.81 -33.60
CA VAL C 141 -8.17 32.51 -32.60
C VAL C 141 -7.74 33.85 -33.18
N ARG C 142 -7.56 34.84 -32.31
CA ARG C 142 -6.99 36.10 -32.77
C ARG C 142 -5.64 35.88 -33.44
N ASP C 143 -5.35 36.69 -34.47
CA ASP C 143 -4.13 36.52 -35.26
C ASP C 143 -2.87 36.56 -34.38
N GLU C 144 -2.92 37.30 -33.27
CA GLU C 144 -1.75 37.49 -32.42
C GLU C 144 -1.27 36.19 -31.82
N ALA C 145 -2.17 35.23 -31.62
CA ALA C 145 -1.78 33.97 -31.01
C ALA C 145 -0.72 33.25 -31.84
N HIS C 146 -0.61 33.57 -33.13
CA HIS C 146 0.33 32.89 -33.99
C HIS C 146 1.71 33.55 -34.03
N ASP C 147 1.91 34.65 -33.31
CA ASP C 147 3.16 35.41 -33.34
C ASP C 147 3.93 35.17 -32.06
N ALA C 148 5.02 34.41 -32.16
CA ALA C 148 5.74 33.91 -30.99
C ALA C 148 6.29 35.06 -30.15
N GLY C 149 6.82 36.09 -30.78
CA GLY C 149 7.49 37.16 -30.09
C GLY C 149 6.62 38.30 -29.65
N LEU C 150 5.31 38.14 -29.68
CA LEU C 150 4.37 39.19 -29.33
C LEU C 150 3.90 38.94 -27.91
N ASN C 151 4.36 39.78 -26.97
CA ASN C 151 4.10 39.57 -25.55
C ASN C 151 2.87 40.37 -25.13
N ILE C 152 1.71 39.76 -25.33
CA ILE C 152 0.44 40.36 -24.95
C ILE C 152 -0.38 39.38 -24.13
N ALA C 153 -1.28 39.93 -23.32
CA ALA C 153 -2.14 39.16 -22.44
C ALA C 153 -3.29 38.51 -23.19
N PHE C 154 -3.78 37.39 -22.65
CA PHE C 154 -4.95 36.68 -23.16
C PHE C 154 -4.87 36.44 -24.65
N LYS C 155 -3.71 35.91 -25.07
CA LYS C 155 -3.47 35.60 -26.47
C LYS C 155 -4.35 34.48 -27.00
N GLY C 156 -4.98 33.71 -26.13
CA GLY C 156 -5.87 32.65 -26.57
C GLY C 156 -7.26 33.06 -26.98
N ASP C 157 -7.60 34.34 -26.84
CA ASP C 157 -8.97 34.78 -27.09
C ASP C 157 -9.37 34.54 -28.55
N ILE C 158 -10.66 34.26 -28.74
CA ILE C 158 -11.26 34.16 -30.06
C ILE C 158 -11.44 35.55 -30.64
N ASP C 159 -11.19 35.68 -31.94
CA ASP C 159 -11.51 36.90 -32.67
C ASP C 159 -12.99 36.84 -33.07
N LEU C 160 -13.81 37.65 -32.42
CA LEU C 160 -15.24 37.60 -32.70
C LEU C 160 -15.56 37.94 -34.15
N LYS C 161 -14.73 38.77 -34.80
CA LYS C 161 -14.96 39.07 -36.21
C LYS C 161 -14.80 37.83 -37.07
N LYS C 162 -13.85 36.96 -36.73
CA LYS C 162 -13.70 35.72 -37.48
C LYS C 162 -14.91 34.81 -37.28
N LEU C 163 -15.42 34.74 -36.05
CA LEU C 163 -16.61 33.92 -35.81
C LEU C 163 -17.82 34.51 -36.52
N GLN C 164 -18.00 35.83 -36.46
CA GLN C 164 -19.12 36.45 -37.15
C GLN C 164 -19.04 36.19 -38.64
N LYS C 165 -17.84 36.28 -39.22
CA LYS C 165 -17.67 36.06 -40.65
C LYS C 165 -18.04 34.64 -41.04
N LEU C 166 -17.64 33.66 -40.22
CA LEU C 166 -18.00 32.29 -40.50
C LEU C 166 -19.51 32.10 -40.47
N ILE C 167 -20.17 32.69 -39.46
CA ILE C 167 -21.63 32.62 -39.38
C ILE C 167 -22.25 33.26 -40.63
N ASP C 168 -21.76 34.45 -41.01
CA ASP C 168 -22.34 35.16 -42.14
C ASP C 168 -22.20 34.40 -43.44
N GLU C 169 -21.02 33.80 -43.68
CA GLU C 169 -20.75 33.20 -44.97
C GLU C 169 -21.29 31.78 -45.07
N LYS C 170 -21.21 31.02 -43.98
CA LYS C 170 -21.55 29.61 -44.02
C LYS C 170 -22.91 29.30 -43.44
N GLY C 171 -23.46 30.16 -42.60
CA GLY C 171 -24.74 29.89 -41.98
C GLY C 171 -24.58 29.18 -40.66
N ALA C 172 -25.34 29.62 -39.65
CA ALA C 172 -25.17 29.05 -38.32
C ALA C 172 -25.49 27.56 -38.30
N GLU C 173 -26.47 27.13 -39.09
CA GLU C 173 -26.88 25.74 -39.07
C GLU C 173 -25.79 24.81 -39.60
N ASN C 174 -24.81 25.35 -40.31
CA ASN C 174 -23.71 24.56 -40.84
C ASN C 174 -22.48 24.57 -39.94
N ILE C 175 -22.60 25.17 -38.77
CA ILE C 175 -21.55 25.14 -37.76
C ILE C 175 -21.94 24.10 -36.73
N ALA C 176 -21.13 23.04 -36.63
CA ALA C 176 -21.44 21.97 -35.69
C ALA C 176 -21.37 22.49 -34.26
N TYR C 177 -20.26 23.15 -33.92
CA TYR C 177 -20.07 23.76 -32.61
C TYR C 177 -18.80 24.59 -32.65
N ILE C 178 -18.62 25.41 -31.61
CA ILE C 178 -17.38 26.12 -31.35
C ILE C 178 -16.61 25.35 -30.29
N CYS C 179 -15.31 25.15 -30.54
CA CYS C 179 -14.42 24.55 -29.55
CA CYS C 179 -14.40 24.54 -29.58
C CYS C 179 -13.58 25.66 -28.94
N LEU C 180 -13.83 25.96 -27.66
CA LEU C 180 -13.11 27.01 -26.95
C LEU C 180 -12.20 26.34 -25.91
N ALA C 181 -10.89 26.36 -26.18
CA ALA C 181 -9.92 25.72 -25.29
C ALA C 181 -9.37 26.71 -24.27
N VAL C 182 -9.24 26.23 -23.03
CA VAL C 182 -8.64 26.99 -21.94
C VAL C 182 -7.60 26.12 -21.21
N THR C 183 -6.36 26.58 -21.10
CA THR C 183 -5.70 27.54 -21.95
C THR C 183 -5.58 26.98 -23.36
N VAL C 184 -4.95 27.73 -24.27
CA VAL C 184 -4.67 27.24 -25.62
C VAL C 184 -3.25 26.65 -25.64
N ASN C 185 -3.18 25.34 -25.75
CA ASN C 185 -1.93 24.59 -25.63
C ASN C 185 -0.91 25.05 -26.67
N LEU C 186 -1.26 24.93 -27.94
CA LEU C 186 -0.27 25.10 -29.01
C LEU C 186 0.06 26.56 -29.29
N ALA C 187 -0.68 27.51 -28.73
CA ALA C 187 -0.25 28.91 -28.76
C ALA C 187 0.79 29.21 -27.69
N GLY C 188 1.13 28.23 -26.88
CA GLY C 188 2.07 28.39 -25.80
C GLY C 188 1.47 28.28 -24.42
N GLY C 189 0.28 27.71 -24.29
CA GLY C 189 -0.42 27.72 -23.01
C GLY C 189 -1.04 29.06 -22.68
N GLN C 190 -1.65 29.70 -23.68
CA GLN C 190 -2.09 31.09 -23.54
C GLN C 190 -3.52 31.14 -23.05
N PRO C 191 -3.82 32.01 -22.10
CA PRO C 191 -5.16 32.04 -21.50
C PRO C 191 -6.16 32.79 -22.36
N VAL C 192 -7.43 32.50 -22.09
CA VAL C 192 -8.60 33.18 -22.61
C VAL C 192 -9.21 34.00 -21.49
N SER C 193 -9.62 35.23 -21.80
CA SER C 193 -10.21 36.09 -20.80
C SER C 193 -11.67 35.76 -20.55
N MET C 194 -12.15 36.11 -19.35
CA MET C 194 -13.58 35.97 -19.07
C MET C 194 -14.40 36.83 -20.02
N ALA C 195 -13.92 38.03 -20.34
CA ALA C 195 -14.67 38.87 -21.25
C ALA C 195 -14.86 38.19 -22.60
N ASN C 196 -13.84 37.52 -23.11
CA ASN C 196 -13.96 36.81 -24.37
C ASN C 196 -14.94 35.64 -24.26
N MET C 197 -14.88 34.88 -23.17
CA MET C 197 -15.84 33.79 -23.00
C MET C 197 -17.27 34.31 -23.01
N ARG C 198 -17.50 35.43 -22.34
CA ARG C 198 -18.84 36.03 -22.34
CA ARG C 198 -18.83 36.06 -22.34
C ARG C 198 -19.25 36.44 -23.75
N ALA C 199 -18.35 37.13 -24.47
CA ALA C 199 -18.68 37.58 -25.82
C ALA C 199 -18.99 36.42 -26.76
N VAL C 200 -18.22 35.34 -26.68
CA VAL C 200 -18.50 34.15 -27.50
C VAL C 200 -19.83 33.53 -27.11
N ARG C 201 -20.16 33.52 -25.81
CA ARG C 201 -21.44 32.96 -25.40
C ARG C 201 -22.58 33.76 -26.00
N GLU C 202 -22.46 35.08 -25.98
CA GLU C 202 -23.55 35.93 -26.46
C GLU C 202 -23.78 35.72 -27.96
N LEU C 203 -22.70 35.70 -28.74
CA LEU C 203 -22.88 35.59 -30.19
C LEU C 203 -23.39 34.21 -30.57
N THR C 204 -22.86 33.15 -29.96
CA THR C 204 -23.32 31.81 -30.30
C THR C 204 -24.77 31.59 -29.88
N ALA C 205 -25.12 32.04 -28.67
CA ALA C 205 -26.48 31.82 -28.18
C ALA C 205 -27.51 32.48 -29.09
N ALA C 206 -27.18 33.67 -29.62
CA ALA C 206 -28.11 34.37 -30.49
C ALA C 206 -28.42 33.57 -31.75
N HIS C 207 -27.47 32.75 -32.21
CA HIS C 207 -27.63 31.96 -33.43
C HIS C 207 -27.89 30.49 -33.16
N GLY C 208 -28.07 30.10 -31.91
CA GLY C 208 -28.34 28.71 -31.61
C GLY C 208 -27.15 27.80 -31.73
N ILE C 209 -25.95 28.35 -31.71
CA ILE C 209 -24.73 27.57 -31.86
C ILE C 209 -24.24 27.14 -30.48
N LYS C 210 -23.80 25.89 -30.38
CA LYS C 210 -23.28 25.36 -29.13
CA LYS C 210 -23.28 25.37 -29.13
C LYS C 210 -21.77 25.62 -29.03
N VAL C 211 -21.31 25.82 -27.79
CA VAL C 211 -19.90 26.03 -27.48
CA VAL C 211 -19.90 26.01 -27.50
C VAL C 211 -19.48 24.97 -26.47
N PHE C 212 -18.50 24.16 -26.83
CA PHE C 212 -17.95 23.13 -25.95
C PHE C 212 -16.53 23.51 -25.61
N TYR C 213 -16.25 23.66 -24.32
CA TYR C 213 -14.93 24.05 -23.89
C TYR C 213 -14.02 22.84 -23.86
N ASP C 214 -12.77 23.05 -24.20
CA ASP C 214 -11.72 22.09 -23.86
C ASP C 214 -11.15 22.53 -22.51
N ALA C 215 -11.53 21.81 -21.46
CA ALA C 215 -11.30 22.21 -20.08
C ALA C 215 -9.96 21.73 -19.54
N THR C 216 -9.14 21.11 -20.39
CA THR C 216 -7.97 20.35 -19.94
C THR C 216 -7.02 21.17 -19.08
N ARG C 217 -6.80 22.44 -19.38
CA ARG C 217 -5.93 23.30 -18.56
C ARG C 217 -6.71 24.50 -18.02
N CYS C 218 -7.95 24.25 -17.60
CA CYS C 218 -8.82 25.35 -17.20
C CYS C 218 -8.39 26.01 -15.90
N VAL C 219 -7.69 25.30 -15.03
CA VAL C 219 -7.27 25.90 -13.77
C VAL C 219 -6.09 26.86 -13.99
N GLU C 220 -5.12 26.45 -14.81
CA GLU C 220 -4.12 27.42 -15.25
C GLU C 220 -4.78 28.65 -15.83
N ASN C 221 -5.81 28.46 -16.65
CA ASN C 221 -6.47 29.61 -17.25
C ASN C 221 -7.05 30.52 -16.18
N ALA C 222 -7.73 29.92 -15.20
CA ALA C 222 -8.33 30.71 -14.13
C ALA C 222 -7.28 31.52 -13.38
N TYR C 223 -6.09 30.94 -13.17
CA TYR C 223 -5.03 31.68 -12.50
C TYR C 223 -4.68 32.95 -13.27
N PHE C 224 -4.55 32.87 -14.60
CA PHE C 224 -4.24 34.06 -15.38
C PHE C 224 -5.34 35.11 -15.25
N ILE C 225 -6.60 34.70 -15.24
CA ILE C 225 -7.71 35.62 -15.03
C ILE C 225 -7.57 36.31 -13.67
N LYS C 226 -7.33 35.53 -12.61
CA LYS C 226 -7.18 36.13 -11.29
C LYS C 226 -6.02 37.12 -11.26
N GLU C 227 -4.91 36.77 -11.92
CA GLU C 227 -3.70 37.58 -11.85
C GLU C 227 -3.82 38.85 -12.68
N GLN C 228 -4.54 38.79 -13.81
CA GLN C 228 -4.38 39.82 -14.82
C GLN C 228 -5.67 40.47 -15.32
N GLU C 229 -6.83 39.84 -15.20
CA GLU C 229 -8.05 40.43 -15.73
C GLU C 229 -8.70 41.36 -14.70
N GLN C 230 -8.95 42.60 -15.08
CA GLN C 230 -9.46 43.58 -14.13
C GLN C 230 -10.79 43.10 -13.55
N GLY C 231 -10.90 43.20 -12.22
CA GLY C 231 -12.11 42.82 -11.53
C GLY C 231 -12.09 41.41 -10.95
N PHE C 232 -11.07 40.62 -11.21
CA PHE C 232 -11.02 39.26 -10.70
C PHE C 232 -9.95 39.07 -9.65
N GLU C 233 -9.25 40.13 -9.25
CA GLU C 233 -8.12 40.00 -8.36
C GLU C 233 -8.50 39.37 -7.02
N ASN C 234 -9.73 39.57 -6.57
CA ASN C 234 -10.17 39.09 -5.27
C ASN C 234 -11.16 37.93 -5.37
N LYS C 235 -11.39 37.40 -6.57
CA LYS C 235 -12.19 36.20 -6.73
C LYS C 235 -11.32 34.98 -6.50
N SER C 236 -11.94 33.91 -6.00
CA SER C 236 -11.18 32.68 -5.80
C SER C 236 -11.02 31.94 -7.12
N ILE C 237 -10.01 31.07 -7.17
CA ILE C 237 -9.84 30.23 -8.35
C ILE C 237 -11.14 29.47 -8.64
N ALA C 238 -11.78 28.93 -7.59
CA ALA C 238 -12.99 28.16 -7.80
C ALA C 238 -14.12 29.03 -8.36
N GLU C 239 -14.24 30.26 -7.86
CA GLU C 239 -15.27 31.16 -8.35
C GLU C 239 -15.03 31.48 -9.83
N ILE C 240 -13.77 31.64 -10.19
CA ILE C 240 -13.44 31.95 -11.58
C ILE C 240 -13.75 30.74 -12.48
N VAL C 241 -13.36 29.55 -12.05
CA VAL C 241 -13.64 28.35 -12.83
C VAL C 241 -15.14 28.17 -13.04
N HIS C 242 -15.93 28.37 -11.99
CA HIS C 242 -17.36 28.17 -12.11
C HIS C 242 -17.97 29.18 -13.08
N GLU C 243 -17.51 30.43 -13.03
CA GLU C 243 -18.03 31.41 -13.98
C GLU C 243 -17.61 31.09 -15.41
N MET C 244 -16.36 30.68 -15.62
CA MET C 244 -15.92 30.32 -16.96
C MET C 244 -16.89 29.35 -17.63
N PHE C 245 -17.20 28.26 -16.94
CA PHE C 245 -18.03 27.22 -17.54
C PHE C 245 -19.50 27.60 -17.63
N SER C 246 -19.94 28.64 -16.90
CA SER C 246 -21.29 29.14 -17.08
C SER C 246 -21.52 29.67 -18.49
N TYR C 247 -20.44 29.93 -19.24
CA TYR C 247 -20.52 30.45 -20.61
C TYR C 247 -20.44 29.33 -21.64
N ALA C 248 -20.50 28.08 -21.21
CA ALA C 248 -20.34 26.93 -22.08
C ALA C 248 -21.57 26.03 -22.05
N ASP C 249 -21.70 25.21 -23.11
CA ASP C 249 -22.74 24.19 -23.18
C ASP C 249 -22.27 22.82 -22.75
N GLY C 250 -20.98 22.67 -22.50
CA GLY C 250 -20.39 21.41 -22.10
C GLY C 250 -18.88 21.53 -22.22
N CYS C 251 -18.20 20.41 -21.99
CA CYS C 251 -16.75 20.42 -22.14
C CYS C 251 -16.24 19.01 -22.42
N THR C 252 -15.06 18.97 -23.02
CA THR C 252 -14.21 17.79 -22.98
C THR C 252 -13.11 18.06 -21.97
N MET C 253 -12.63 17.02 -21.32
CA MET C 253 -11.58 17.17 -20.33
CA MET C 253 -11.59 17.16 -20.31
C MET C 253 -10.65 15.97 -20.38
N SER C 254 -9.35 16.25 -20.55
CA SER C 254 -8.32 15.29 -20.20
C SER C 254 -7.95 15.57 -18.75
N GLY C 255 -8.39 14.71 -17.83
CA GLY C 255 -8.04 14.88 -16.43
C GLY C 255 -6.56 14.71 -16.16
N LYS C 256 -5.83 14.13 -17.10
CA LYS C 256 -4.39 13.93 -17.01
C LYS C 256 -3.62 15.24 -16.94
N LYS C 257 -4.27 16.38 -17.10
CA LYS C 257 -3.60 17.66 -16.97
C LYS C 257 -4.04 18.28 -15.65
N ASP C 258 -4.97 19.22 -15.65
CA ASP C 258 -5.18 19.98 -14.42
C ASP C 258 -5.94 19.22 -13.33
N CYS C 259 -6.45 18.01 -13.57
CA CYS C 259 -7.02 17.23 -12.47
C CYS C 259 -5.97 16.45 -11.67
N LEU C 260 -4.69 16.60 -11.99
CA LEU C 260 -3.62 16.12 -11.12
C LEU C 260 -3.60 14.60 -11.02
N VAL C 261 -3.86 13.92 -12.15
CA VAL C 261 -3.88 12.46 -12.18
C VAL C 261 -3.04 11.92 -13.32
N ASN C 262 -2.92 10.59 -13.33
CA ASN C 262 -2.09 9.85 -14.28
C ASN C 262 -2.90 9.23 -15.40
N ILE C 263 -4.24 9.26 -15.28
CA ILE C 263 -5.18 8.72 -16.27
C ILE C 263 -6.54 9.30 -15.89
N GLY C 264 -7.41 9.44 -16.89
CA GLY C 264 -8.75 9.94 -16.64
C GLY C 264 -9.19 11.11 -17.50
N GLY C 265 -10.49 11.17 -17.78
CA GLY C 265 -11.09 12.28 -18.49
C GLY C 265 -12.59 12.20 -18.37
N PHE C 266 -13.25 13.15 -19.03
CA PHE C 266 -14.71 13.15 -19.04
C PHE C 266 -15.26 14.11 -20.07
N LEU C 267 -16.55 13.91 -20.38
CA LEU C 267 -17.34 14.75 -21.25
C LEU C 267 -18.51 15.27 -20.43
N CYS C 268 -18.69 16.59 -20.40
CA CYS C 268 -19.85 17.19 -19.73
C CYS C 268 -20.75 17.87 -20.75
N MET C 269 -22.03 17.94 -20.40
CA MET C 269 -22.98 18.66 -21.23
C MET C 269 -24.19 19.03 -20.39
N ASN C 270 -24.88 20.06 -20.83
CA ASN C 270 -26.13 20.46 -20.20
C ASN C 270 -27.36 19.86 -20.87
N ASP C 271 -27.27 19.49 -22.14
CA ASP C 271 -28.44 19.03 -22.87
C ASP C 271 -28.76 17.57 -22.56
N ASP C 272 -30.01 17.31 -22.17
CA ASP C 272 -30.40 15.96 -21.77
C ASP C 272 -30.33 14.98 -22.94
N GLU C 273 -30.77 15.40 -24.12
CA GLU C 273 -30.75 14.48 -25.26
C GLU C 273 -29.33 14.13 -25.64
N MET C 274 -28.42 15.11 -25.62
CA MET C 274 -27.03 14.79 -25.91
C MET C 274 -26.44 13.87 -24.85
N PHE C 275 -26.82 14.07 -23.59
CA PHE C 275 -26.40 13.15 -22.51
C PHE C 275 -26.85 11.72 -22.79
N SER C 276 -28.13 11.54 -23.10
CA SER C 276 -28.63 10.22 -23.44
C SER C 276 -27.87 9.63 -24.61
N SER C 277 -27.62 10.43 -25.65
CA SER C 277 -26.88 9.94 -26.81
C SER C 277 -25.44 9.60 -26.44
N ALA C 278 -24.81 10.39 -25.59
CA ALA C 278 -23.45 10.12 -25.19
C ALA C 278 -23.36 8.82 -24.38
N LYS C 279 -24.35 8.56 -23.53
CA LYS C 279 -24.34 7.32 -22.76
C LYS C 279 -24.52 6.12 -23.67
N GLU C 280 -25.35 6.26 -24.72
CA GLU C 280 -25.52 5.14 -25.64
C GLU C 280 -24.21 4.82 -26.36
N LEU C 281 -23.33 5.82 -26.53
CA LEU C 281 -22.07 5.65 -27.26
C LEU C 281 -20.89 5.30 -26.35
N VAL C 282 -20.86 5.78 -25.11
CA VAL C 282 -19.71 5.49 -24.25
C VAL C 282 -19.52 3.99 -24.06
N VAL C 283 -20.61 3.22 -24.03
CA VAL C 283 -20.51 1.78 -23.84
C VAL C 283 -19.86 1.08 -25.02
N VAL C 284 -19.86 1.72 -26.20
CA VAL C 284 -19.23 1.13 -27.37
C VAL C 284 -17.71 1.17 -27.23
N TYR C 285 -17.16 2.32 -26.82
CA TYR C 285 -15.73 2.56 -26.88
C TYR C 285 -15.03 2.54 -25.53
N GLU C 286 -15.72 2.91 -24.44
CA GLU C 286 -15.05 3.16 -23.18
C GLU C 286 -15.49 2.21 -22.07
N GLY C 287 -16.78 2.16 -21.77
CA GLY C 287 -17.29 1.46 -20.62
C GLY C 287 -18.64 2.05 -20.25
N MET C 288 -19.10 1.71 -19.04
CA MET C 288 -20.43 2.18 -18.62
C MET C 288 -20.45 3.69 -18.38
N PRO C 289 -21.63 4.31 -18.41
CA PRO C 289 -21.72 5.70 -17.97
C PRO C 289 -21.19 5.94 -16.56
N SER C 290 -21.06 4.89 -15.75
CA SER C 290 -20.55 5.04 -14.38
C SER C 290 -19.15 4.47 -14.19
N TYR C 291 -18.41 4.19 -15.27
CA TYR C 291 -16.94 4.04 -15.14
C TYR C 291 -16.14 4.52 -16.36
N GLY C 292 -16.67 4.41 -17.57
CA GLY C 292 -16.05 5.09 -18.71
C GLY C 292 -14.64 4.67 -19.02
N GLY C 293 -14.30 3.40 -18.79
CA GLY C 293 -12.97 2.91 -19.07
C GLY C 293 -11.96 3.21 -18.00
N LEU C 294 -12.40 3.58 -16.81
CA LEU C 294 -11.53 3.83 -15.67
C LEU C 294 -11.84 2.86 -14.54
N ALA C 295 -10.79 2.49 -13.80
CA ALA C 295 -10.97 1.85 -12.50
C ALA C 295 -11.64 2.81 -11.54
N GLY C 296 -12.39 2.26 -10.58
CA GLY C 296 -13.06 3.10 -9.60
C GLY C 296 -12.07 3.99 -8.87
N ARG C 297 -10.93 3.43 -8.49
CA ARG C 297 -9.93 4.23 -7.80
C ARG C 297 -9.48 5.45 -8.60
N ASP C 298 -9.50 5.37 -9.93
CA ASP C 298 -9.06 6.50 -10.76
C ASP C 298 -10.11 7.59 -10.84
N MET C 299 -11.38 7.23 -10.85
CA MET C 299 -12.42 8.24 -10.70
C MET C 299 -12.29 8.95 -9.36
N GLU C 300 -11.96 8.21 -8.30
CA GLU C 300 -11.73 8.81 -6.99
C GLU C 300 -10.56 9.78 -7.01
N ALA C 301 -9.42 9.36 -7.56
CA ALA C 301 -8.24 10.22 -7.59
C ALA C 301 -8.49 11.49 -8.39
N MET C 302 -9.28 11.38 -9.46
CA MET C 302 -9.58 12.54 -10.30
CA MET C 302 -9.57 12.55 -10.30
C MET C 302 -10.52 13.51 -9.58
N ALA C 303 -11.50 12.98 -8.86
CA ALA C 303 -12.39 13.84 -8.08
C ALA C 303 -11.60 14.62 -7.03
N ILE C 304 -10.69 13.92 -6.32
CA ILE C 304 -9.88 14.57 -5.30
C ILE C 304 -8.95 15.59 -5.92
N GLY C 305 -8.29 15.21 -7.01
CA GLY C 305 -7.31 16.09 -7.62
C GLY C 305 -7.89 17.37 -8.19
N LEU C 306 -9.07 17.29 -8.82
CA LEU C 306 -9.66 18.50 -9.37
C LEU C 306 -9.94 19.51 -8.26
N ARG C 307 -10.40 19.04 -7.10
CA ARG C 307 -10.62 19.96 -5.98
C ARG C 307 -9.32 20.53 -5.45
N GLU C 308 -8.27 19.70 -5.38
CA GLU C 308 -6.96 20.18 -4.93
C GLU C 308 -6.45 21.28 -5.85
N ALA C 309 -6.76 21.17 -7.14
CA ALA C 309 -6.24 22.13 -8.10
C ALA C 309 -6.81 23.53 -7.88
N MET C 310 -7.93 23.64 -7.15
CA MET C 310 -8.53 24.94 -6.89
CA MET C 310 -8.52 24.94 -6.91
C MET C 310 -7.76 25.76 -5.87
N GLN C 311 -6.76 25.20 -5.21
CA GLN C 311 -6.04 25.93 -4.17
C GLN C 311 -5.13 26.97 -4.81
N TYR C 312 -5.30 28.24 -4.41
CA TYR C 312 -4.55 29.33 -5.04
C TYR C 312 -3.05 29.09 -4.97
N GLU C 313 -2.54 28.73 -3.80
CA GLU C 313 -1.08 28.65 -3.66
C GLU C 313 -0.51 27.57 -4.57
N TYR C 314 -1.25 26.48 -4.75
CA TYR C 314 -0.81 25.40 -5.64
C TYR C 314 -0.70 25.91 -7.08
N ILE C 315 -1.74 26.55 -7.59
CA ILE C 315 -1.72 26.93 -9.01
C ILE C 315 -0.79 28.11 -9.25
N GLU C 316 -0.72 29.06 -8.30
CA GLU C 316 0.27 30.14 -8.40
C GLU C 316 1.69 29.58 -8.53
N HIS C 317 2.05 28.64 -7.65
CA HIS C 317 3.39 28.07 -7.75
C HIS C 317 3.56 27.31 -9.06
N ARG C 318 2.55 26.53 -9.45
CA ARG C 318 2.63 25.77 -10.69
C ARG C 318 3.02 26.68 -11.85
N VAL C 319 2.26 27.76 -12.05
CA VAL C 319 2.50 28.66 -13.16
C VAL C 319 3.82 29.42 -13.00
N LYS C 320 4.14 29.85 -11.77
CA LYS C 320 5.38 30.60 -11.59
C LYS C 320 6.63 29.74 -11.73
N GLN C 321 6.53 28.44 -11.48
CA GLN C 321 7.67 27.57 -11.75
C GLN C 321 7.96 27.51 -13.24
N VAL C 322 6.92 27.43 -14.07
CA VAL C 322 7.10 27.50 -15.52
C VAL C 322 7.72 28.83 -15.90
N ARG C 323 7.23 29.91 -15.31
CA ARG C 323 7.75 31.23 -15.61
CA ARG C 323 7.75 31.23 -15.61
C ARG C 323 9.24 31.34 -15.27
N TYR C 324 9.66 30.72 -14.16
CA TYR C 324 11.05 30.75 -13.77
C TYR C 324 11.93 30.20 -14.88
N LEU C 325 11.54 29.07 -15.45
CA LEU C 325 12.30 28.48 -16.55
C LEU C 325 12.31 29.42 -17.75
N GLY C 326 11.14 29.97 -18.11
CA GLY C 326 11.09 30.83 -19.27
C GLY C 326 11.86 32.11 -19.07
N ASP C 327 11.80 32.66 -17.86
CA ASP C 327 12.51 33.89 -17.59
C ASP C 327 14.01 33.69 -17.71
N LYS C 328 14.52 32.57 -17.21
CA LYS C 328 15.95 32.29 -17.29
C LYS C 328 16.40 32.10 -18.73
N LEU C 329 15.58 31.41 -19.54
CA LEU C 329 15.93 31.26 -20.95
C LEU C 329 15.90 32.61 -21.67
N LYS C 330 14.84 33.39 -21.47
CA LYS C 330 14.76 34.68 -22.16
CA LYS C 330 14.76 34.68 -22.16
C LYS C 330 15.91 35.59 -21.76
N ALA C 331 16.30 35.57 -20.48
CA ALA C 331 17.36 36.45 -20.03
C ALA C 331 18.70 36.11 -20.65
N ALA C 332 18.87 34.86 -21.08
CA ALA C 332 20.08 34.42 -21.74
C ALA C 332 20.02 34.58 -23.25
N GLY C 333 18.91 35.10 -23.76
CA GLY C 333 18.77 35.35 -25.17
C GLY C 333 18.21 34.20 -25.98
N VAL C 334 17.76 33.14 -25.33
CA VAL C 334 17.15 32.03 -26.06
C VAL C 334 15.76 32.44 -26.53
N PRO C 335 15.41 32.22 -27.80
CA PRO C 335 14.11 32.68 -28.29
C PRO C 335 13.00 31.75 -27.83
N ILE C 336 11.96 32.35 -27.24
CA ILE C 336 10.81 31.62 -26.73
C ILE C 336 9.53 32.30 -27.18
N VAL C 337 8.44 31.55 -27.04
CA VAL C 337 7.11 32.13 -27.16
C VAL C 337 6.80 32.94 -25.91
N GLU C 338 6.24 34.12 -26.12
CA GLU C 338 5.87 34.99 -25.01
C GLU C 338 4.40 35.36 -25.12
N PRO C 339 3.77 35.69 -23.99
CA PRO C 339 4.29 35.43 -22.65
C PRO C 339 4.37 33.93 -22.38
N VAL C 340 5.11 33.56 -21.34
N VAL C 340 5.10 33.55 -21.34
CA VAL C 340 5.18 32.16 -20.95
CA VAL C 340 5.19 32.14 -20.98
C VAL C 340 3.79 31.71 -20.52
C VAL C 340 3.83 31.68 -20.47
N GLY C 341 3.42 30.50 -20.90
CA GLY C 341 2.11 29.96 -20.59
C GLY C 341 2.05 29.22 -19.27
N GLY C 342 0.95 28.51 -19.08
CA GLY C 342 0.66 27.92 -17.79
C GLY C 342 1.36 26.61 -17.52
N HIS C 343 1.72 25.87 -18.57
CA HIS C 343 2.15 24.48 -18.41
C HIS C 343 3.51 24.16 -19.01
N ALA C 344 4.14 25.12 -19.70
CA ALA C 344 5.32 24.80 -20.48
C ALA C 344 5.98 26.08 -20.93
N VAL C 345 7.27 25.98 -21.24
CA VAL C 345 7.98 27.00 -22.00
C VAL C 345 8.12 26.45 -23.42
N PHE C 346 7.84 27.29 -24.41
CA PHE C 346 7.92 26.90 -25.81
C PHE C 346 9.11 27.61 -26.44
N LEU C 347 10.13 26.86 -26.82
CA LEU C 347 11.25 27.44 -27.55
C LEU C 347 10.81 27.72 -28.97
N ASP C 348 11.26 28.84 -29.52
CA ASP C 348 10.93 29.25 -30.88
C ASP C 348 12.00 28.66 -31.78
N ALA C 349 11.71 27.48 -32.35
CA ALA C 349 12.69 26.77 -33.16
C ALA C 349 12.94 27.46 -34.50
N ARG C 350 11.98 28.27 -34.97
CA ARG C 350 12.22 29.03 -36.19
C ARG C 350 13.43 29.95 -36.02
N ARG C 351 13.54 30.58 -34.84
CA ARG C 351 14.68 31.44 -34.54
CA ARG C 351 14.68 31.43 -34.56
C ARG C 351 15.87 30.64 -34.01
N PHE C 352 15.61 29.63 -33.18
CA PHE C 352 16.72 28.82 -32.66
C PHE C 352 17.49 28.18 -33.80
N CYS C 353 16.79 27.78 -34.85
CA CYS C 353 17.40 27.09 -35.98
C CYS C 353 17.12 27.86 -37.26
N GLU C 354 17.50 29.14 -37.28
CA GLU C 354 17.26 29.99 -38.44
C GLU C 354 17.91 29.44 -39.70
N HIS C 355 18.96 28.61 -39.55
CA HIS C 355 19.66 28.05 -40.69
C HIS C 355 18.88 26.94 -41.40
N LEU C 356 17.78 26.48 -40.82
CA LEU C 356 16.95 25.43 -41.41
C LEU C 356 15.62 26.03 -41.87
N THR C 357 15.04 25.45 -42.91
CA THR C 357 13.67 25.77 -43.30
C THR C 357 12.70 24.90 -42.51
N GLN C 358 11.43 25.32 -42.49
CA GLN C 358 10.44 24.53 -41.76
C GLN C 358 10.26 23.15 -42.38
N ASP C 359 10.45 23.02 -43.70
CA ASP C 359 10.36 21.74 -44.38
C ASP C 359 11.47 20.78 -43.97
N GLU C 360 12.51 21.26 -43.30
CA GLU C 360 13.57 20.45 -42.72
C GLU C 360 13.33 20.12 -41.24
N PHE C 361 12.15 20.46 -40.71
CA PHE C 361 11.67 20.03 -39.41
C PHE C 361 12.54 20.52 -38.27
N PRO C 362 12.75 21.84 -38.16
CA PRO C 362 13.68 22.34 -37.13
C PRO C 362 13.26 22.03 -35.70
N ALA C 363 11.97 22.09 -35.41
CA ALA C 363 11.53 21.76 -34.05
C ALA C 363 11.81 20.30 -33.71
N GLN C 364 11.51 19.38 -34.63
CA GLN C 364 11.78 17.97 -34.36
C GLN C 364 13.26 17.76 -34.11
N SER C 365 14.10 18.42 -34.88
CA SER C 365 15.55 18.22 -34.74
CA SER C 365 15.54 18.20 -34.72
C SER C 365 16.05 18.85 -33.45
N LEU C 366 15.56 20.04 -33.11
CA LEU C 366 15.96 20.69 -31.86
C LEU C 366 15.61 19.82 -30.67
N ALA C 367 14.45 19.18 -30.68
CA ALA C 367 14.08 18.31 -29.56
C ALA C 367 15.05 17.15 -29.45
N ALA C 368 15.45 16.57 -30.59
CA ALA C 368 16.44 15.50 -30.56
C ALA C 368 17.77 15.99 -29.98
N SER C 369 18.21 17.18 -30.41
CA SER C 369 19.49 17.69 -29.96
C SER C 369 19.47 18.02 -28.47
N ILE C 370 18.35 18.55 -27.98
CA ILE C 370 18.23 18.79 -26.55
C ILE C 370 18.44 17.49 -25.76
N TYR C 371 17.83 16.40 -26.20
CA TYR C 371 18.02 15.14 -25.48
C TYR C 371 19.48 14.69 -25.52
N VAL C 372 20.10 14.74 -26.71
CA VAL C 372 21.48 14.29 -26.84
C VAL C 372 22.38 15.08 -25.92
N GLU C 373 22.22 16.41 -25.89
CA GLU C 373 23.17 17.24 -25.16
C GLU C 373 22.89 17.31 -23.66
N THR C 374 21.66 17.03 -23.20
CA THR C 374 21.28 17.29 -21.82
C THR C 374 20.58 16.15 -21.09
N GLY C 375 20.06 15.14 -21.79
CA GLY C 375 19.23 14.13 -21.16
C GLY C 375 17.81 14.56 -20.87
N VAL C 376 17.43 15.77 -21.28
CA VAL C 376 16.07 16.28 -21.10
C VAL C 376 15.24 15.93 -22.33
N ARG C 377 14.06 15.34 -22.11
CA ARG C 377 13.12 15.09 -23.18
C ARG C 377 12.12 16.23 -23.31
N SER C 378 11.86 16.65 -24.55
CA SER C 378 10.93 17.73 -24.89
C SER C 378 10.13 17.30 -26.11
N ALA C 379 9.06 18.04 -26.42
CA ALA C 379 8.15 17.66 -27.49
C ALA C 379 8.19 18.60 -28.69
N GLU C 380 8.21 18.04 -29.89
CA GLU C 380 7.96 18.81 -31.10
C GLU C 380 6.53 19.34 -31.07
N ARG C 381 6.38 20.65 -31.33
CA ARG C 381 5.07 21.29 -31.48
C ARG C 381 5.19 22.28 -32.65
N GLY C 382 5.25 21.73 -33.86
CA GLY C 382 5.40 22.52 -35.08
C GLY C 382 4.83 21.78 -36.26
N ILE C 383 5.54 21.81 -37.39
CA ILE C 383 5.03 21.23 -38.62
C ILE C 383 4.69 19.75 -38.45
N ILE C 384 5.50 19.01 -37.70
CA ILE C 384 5.22 17.58 -37.58
C ILE C 384 3.89 17.35 -36.87
N SER C 385 3.72 17.98 -35.71
CA SER C 385 2.48 17.84 -34.96
CA SER C 385 2.48 17.85 -34.96
C SER C 385 1.29 18.37 -35.74
N ALA C 386 1.48 19.39 -36.57
CA ALA C 386 0.35 19.98 -37.30
C ALA C 386 -0.26 19.00 -38.29
N GLY C 387 0.53 18.03 -38.77
CA GLY C 387 -0.01 17.04 -39.67
C GLY C 387 -0.16 17.51 -41.09
N ARG C 388 -0.81 16.66 -41.88
CA ARG C 388 -1.10 16.97 -43.27
C ARG C 388 -2.51 17.49 -43.44
N ASN C 389 -2.66 18.42 -44.38
CA ASN C 389 -3.96 18.90 -44.79
C ASN C 389 -4.76 17.74 -45.36
N ASN C 390 -5.96 17.52 -44.84
CA ASN C 390 -6.73 16.34 -45.23
C ASN C 390 -7.42 16.50 -46.58
N VAL C 391 -7.25 17.64 -47.24
CA VAL C 391 -7.77 17.85 -48.59
C VAL C 391 -6.66 17.77 -49.63
N THR C 392 -5.51 18.39 -49.34
CA THR C 392 -4.45 18.49 -50.34
C THR C 392 -3.31 17.51 -50.10
N GLY C 393 -3.20 16.96 -48.90
CA GLY C 393 -2.10 16.08 -48.56
C GLY C 393 -0.76 16.75 -48.34
N GLU C 394 -0.70 18.07 -48.40
CA GLU C 394 0.53 18.78 -48.08
C GLU C 394 0.61 19.04 -46.58
N HIS C 395 1.82 19.27 -46.09
CA HIS C 395 1.95 19.62 -44.67
C HIS C 395 1.12 20.86 -44.39
N HIS C 396 0.46 20.87 -43.24
CA HIS C 396 0.08 22.13 -42.61
C HIS C 396 1.36 22.86 -42.21
N ARG C 397 1.38 24.17 -42.34
CA ARG C 397 2.59 24.96 -42.09
C ARG C 397 2.28 26.01 -41.02
N PRO C 398 2.24 25.60 -39.76
CA PRO C 398 1.95 26.57 -38.69
C PRO C 398 3.05 27.63 -38.59
N LYS C 399 2.63 28.87 -38.31
CA LYS C 399 3.61 29.91 -38.04
C LYS C 399 4.45 29.57 -36.82
N LEU C 400 3.84 28.99 -35.78
CA LEU C 400 4.53 28.57 -34.57
C LEU C 400 5.22 27.24 -34.82
N GLU C 401 6.55 27.27 -34.90
CA GLU C 401 7.39 26.08 -35.06
C GLU C 401 8.19 26.01 -33.76
N THR C 402 7.75 25.18 -32.81
CA THR C 402 8.22 25.29 -31.43
C THR C 402 8.59 23.93 -30.86
N VAL C 403 9.41 23.97 -29.81
CA VAL C 403 9.73 22.79 -29.00
C VAL C 403 9.26 23.09 -27.58
N ARG C 404 8.50 22.16 -27.02
CA ARG C 404 7.79 22.41 -25.77
C ARG C 404 8.51 21.71 -24.63
N LEU C 405 8.94 22.51 -23.65
CA LEU C 405 9.50 22.05 -22.37
C LEU C 405 8.30 22.01 -21.43
N THR C 406 7.66 20.85 -21.33
CA THR C 406 6.35 20.72 -20.70
C THR C 406 6.54 20.23 -19.27
N ILE C 407 5.92 20.91 -18.31
CA ILE C 407 6.27 20.71 -16.90
C ILE C 407 5.16 19.91 -16.22
N PRO C 408 5.40 18.66 -15.82
CA PRO C 408 4.41 17.92 -15.03
C PRO C 408 4.14 18.63 -13.71
N ARG C 409 2.93 18.47 -13.19
CA ARG C 409 2.59 19.18 -11.96
C ARG C 409 3.12 18.47 -10.74
N ARG C 410 3.82 19.23 -9.89
CA ARG C 410 4.29 18.82 -8.56
C ARG C 410 5.38 17.75 -8.61
N VAL C 411 6.17 17.71 -9.69
CA VAL C 411 7.15 16.66 -9.91
C VAL C 411 8.58 17.17 -9.77
N TYR C 412 8.87 18.35 -10.27
CA TYR C 412 10.22 18.88 -10.36
C TYR C 412 10.33 20.13 -9.50
N THR C 413 11.57 20.56 -9.29
CA THR C 413 11.90 21.70 -8.45
C THR C 413 12.54 22.79 -9.31
N TYR C 414 12.80 23.95 -8.69
CA TYR C 414 13.53 25.01 -9.40
C TYR C 414 14.94 24.55 -9.78
N ALA C 415 15.55 23.68 -8.97
CA ALA C 415 16.89 23.20 -9.29
C ALA C 415 16.86 22.38 -10.57
N HIS C 416 15.82 21.57 -10.75
CA HIS C 416 15.67 20.89 -12.04
C HIS C 416 15.48 21.87 -13.18
N MET C 417 14.71 22.93 -12.95
CA MET C 417 14.55 23.95 -13.99
C MET C 417 15.89 24.56 -14.36
N ASP C 418 16.76 24.80 -13.37
CA ASP C 418 18.09 25.34 -13.63
C ASP C 418 18.89 24.39 -14.53
N VAL C 419 18.81 23.08 -14.27
CA VAL C 419 19.51 22.12 -15.13
C VAL C 419 19.02 22.22 -16.56
N VAL C 420 17.70 22.30 -16.74
CA VAL C 420 17.13 22.38 -18.08
C VAL C 420 17.60 23.65 -18.77
N ALA C 421 17.46 24.80 -18.11
CA ALA C 421 17.87 26.06 -18.71
C ALA C 421 19.35 26.05 -19.06
N ASP C 422 20.19 25.59 -18.13
CA ASP C 422 21.62 25.64 -18.38
C ASP C 422 21.97 24.83 -19.62
N GLY C 423 21.35 23.66 -19.77
CA GLY C 423 21.66 22.81 -20.91
C GLY C 423 21.21 23.41 -22.21
N ILE C 424 20.02 24.03 -22.23
CA ILE C 424 19.52 24.62 -23.47
C ILE C 424 20.32 25.84 -23.84
N ILE C 425 20.73 26.63 -22.85
CA ILE C 425 21.57 27.80 -23.13
C ILE C 425 22.89 27.37 -23.75
N LYS C 426 23.46 26.26 -23.25
CA LYS C 426 24.71 25.79 -23.81
CA LYS C 426 24.71 25.78 -23.81
C LYS C 426 24.53 25.30 -25.25
N LEU C 427 23.43 24.60 -25.54
CA LEU C 427 23.15 24.18 -26.90
C LEU C 427 22.96 25.38 -27.82
N TYR C 428 22.28 26.41 -27.32
CA TYR C 428 22.05 27.60 -28.14
C TYR C 428 23.36 28.20 -28.63
N GLN C 429 24.44 28.06 -27.87
CA GLN C 429 25.70 28.67 -28.25
C GLN C 429 26.29 28.06 -29.52
N HIS C 430 25.91 26.84 -29.87
CA HIS C 430 26.32 26.20 -31.10
C HIS C 430 25.10 25.71 -31.88
N LYS C 431 24.05 26.52 -31.92
CA LYS C 431 22.82 26.12 -32.58
C LYS C 431 23.01 25.79 -34.05
N GLU C 432 24.05 26.32 -34.68
CA GLU C 432 24.29 26.07 -36.10
CA GLU C 432 24.29 26.07 -36.10
C GLU C 432 24.54 24.59 -36.40
N ASP C 433 24.89 23.81 -35.37
CA ASP C 433 25.20 22.39 -35.55
C ASP C 433 23.95 21.52 -35.70
N ILE C 434 22.77 22.06 -35.43
CA ILE C 434 21.56 21.26 -35.48
C ILE C 434 21.20 20.99 -36.94
N ARG C 435 21.11 19.71 -37.30
CA ARG C 435 20.92 19.32 -38.68
C ARG C 435 19.45 19.15 -39.01
N GLY C 436 19.10 19.36 -40.28
CA GLY C 436 17.74 19.13 -40.72
C GLY C 436 17.39 17.65 -40.76
N LEU C 437 16.08 17.37 -40.74
CA LEU C 437 15.58 16.00 -40.74
C LEU C 437 14.63 15.76 -41.90
N LYS C 438 14.44 14.48 -42.25
CA LYS C 438 13.48 14.05 -43.25
C LYS C 438 12.78 12.79 -42.76
N PHE C 439 11.55 12.58 -43.22
CA PHE C 439 10.82 11.38 -42.82
C PHE C 439 11.45 10.13 -43.42
N ILE C 440 11.56 9.07 -42.60
CA ILE C 440 11.71 7.72 -43.12
C ILE C 440 10.48 6.84 -42.86
N TYR C 441 9.66 7.18 -41.88
CA TYR C 441 8.39 6.50 -41.63
C TYR C 441 7.39 7.54 -41.16
N GLU C 442 6.25 7.62 -41.83
CA GLU C 442 5.22 8.61 -41.51
C GLU C 442 3.87 7.95 -41.33
N PRO C 443 3.34 7.89 -40.10
CA PRO C 443 1.97 7.39 -39.91
C PRO C 443 0.97 8.24 -40.68
N LYS C 444 -0.18 7.64 -40.99
CA LYS C 444 -1.20 8.31 -41.80
C LYS C 444 -1.96 9.40 -41.02
N GLN C 445 -1.88 9.41 -39.69
CA GLN C 445 -2.47 10.46 -38.87
C GLN C 445 -1.70 10.55 -37.57
N LEU C 446 -1.88 11.67 -36.87
CA LEU C 446 -1.24 11.90 -35.58
C LEU C 446 0.23 11.47 -35.64
N ARG C 447 0.92 11.93 -36.69
CA ARG C 447 2.18 11.33 -37.10
C ARG C 447 3.31 11.59 -36.12
N PHE C 448 3.19 12.63 -35.30
CA PHE C 448 4.28 13.04 -34.43
C PHE C 448 4.54 12.00 -33.34
N PHE C 449 3.54 11.18 -33.00
CA PHE C 449 3.71 10.23 -31.90
C PHE C 449 4.75 9.17 -32.24
N THR C 450 4.80 8.71 -33.49
CA THR C 450 5.61 7.54 -33.81
C THR C 450 6.40 7.65 -35.12
N ALA C 451 6.43 8.81 -35.77
CA ALA C 451 7.21 8.94 -36.98
C ALA C 451 8.69 8.76 -36.68
N ARG C 452 9.41 8.28 -37.69
CA ARG C 452 10.86 8.14 -37.61
CA ARG C 452 10.86 8.13 -37.63
C ARG C 452 11.50 8.97 -38.72
N PHE C 453 12.70 9.47 -38.43
CA PHE C 453 13.38 10.41 -39.30
C PHE C 453 14.84 10.00 -39.47
N ASP C 454 15.49 10.61 -40.45
CA ASP C 454 16.94 10.56 -40.59
C ASP C 454 17.41 11.97 -40.93
N TYR C 455 18.69 12.22 -40.65
CA TYR C 455 19.26 13.53 -40.97
C TYR C 455 19.36 13.72 -42.48
N ILE C 456 19.16 14.95 -42.93
CA ILE C 456 19.28 15.28 -44.33
C ILE C 456 20.73 15.17 -44.78
N MET D 1 -27.40 -17.44 12.98
CA MET D 1 -26.76 -18.63 12.35
C MET D 1 -25.67 -19.19 13.26
N ASN D 2 -25.50 -20.52 13.21
CA ASN D 2 -24.36 -21.12 13.91
C ASN D 2 -23.06 -20.57 13.37
N TYR D 3 -22.95 -20.47 12.04
CA TYR D 3 -21.71 -20.04 11.40
C TYR D 3 -22.04 -19.06 10.29
N PRO D 4 -22.01 -17.77 10.60
CA PRO D 4 -22.36 -16.77 9.60
C PRO D 4 -21.28 -16.63 8.52
N ALA D 5 -21.73 -16.16 7.36
CA ALA D 5 -20.79 -15.80 6.31
C ALA D 5 -19.95 -14.60 6.72
N GLU D 6 -18.81 -14.44 6.08
CA GLU D 6 -17.95 -13.31 6.38
C GLU D 6 -18.70 -12.00 6.13
N PRO D 7 -18.64 -11.04 7.08
CA PRO D 7 -19.32 -9.76 6.89
C PRO D 7 -18.44 -8.75 6.17
N PHE D 8 -17.61 -9.26 5.28
CA PHE D 8 -16.72 -8.44 4.47
C PHE D 8 -16.45 -9.30 3.24
N ARG D 9 -15.87 -8.69 2.24
CA ARG D 9 -15.36 -9.34 1.04
CA ARG D 9 -15.32 -9.46 1.14
C ARG D 9 -13.85 -9.11 0.98
N ILE D 10 -13.20 -9.86 0.12
CA ILE D 10 -11.75 -9.77 -0.01
C ILE D 10 -11.42 -8.62 -0.94
N LYS D 11 -10.59 -7.69 -0.45
CA LYS D 11 -10.09 -6.60 -1.28
C LYS D 11 -8.76 -6.96 -1.93
N SER D 12 -7.86 -7.63 -1.20
CA SER D 12 -6.59 -8.08 -1.76
C SER D 12 -6.14 -9.34 -1.04
N VAL D 13 -5.34 -10.12 -1.74
N VAL D 13 -5.26 -10.11 -1.68
CA VAL D 13 -4.90 -11.42 -1.25
CA VAL D 13 -4.88 -11.43 -1.17
C VAL D 13 -3.39 -11.38 -1.00
C VAL D 13 -3.35 -11.58 -1.06
N GLU D 14 -2.97 -12.21 -0.07
N GLU D 14 -2.93 -12.77 -0.64
CA GLU D 14 -1.56 -12.54 0.13
CA GLU D 14 -1.55 -13.17 -0.41
C GLU D 14 -1.36 -13.90 -0.57
C GLU D 14 -1.47 -14.68 -0.59
N THR D 15 -0.56 -13.92 -1.63
N THR D 15 -0.42 -15.17 -1.25
CA THR D 15 -0.36 -15.17 -2.34
CA THR D 15 -0.35 -16.57 -1.65
C THR D 15 0.47 -16.15 -1.50
C THR D 15 0.01 -17.49 -0.49
N VAL D 16 0.31 -17.44 -1.78
N VAL D 16 -0.43 -18.75 -0.59
CA VAL D 16 1.04 -18.51 -1.10
CA VAL D 16 -0.10 -19.78 0.38
C VAL D 16 1.50 -19.54 -2.13
C VAL D 16 0.45 -21.00 -0.35
N SER D 17 2.53 -20.30 -1.75
N SER D 17 1.14 -21.85 0.41
CA SER D 17 3.19 -21.20 -2.70
CA SER D 17 1.73 -23.05 -0.17
C SER D 17 2.52 -22.56 -2.84
C SER D 17 2.26 -23.95 0.93
N MET D 18 1.90 -23.10 -1.78
N MET D 18 2.37 -25.24 0.61
CA MET D 18 1.16 -24.36 -1.82
CA MET D 18 2.84 -26.24 1.55
C MET D 18 2.08 -25.57 -2.00
C MET D 18 4.06 -26.94 0.96
N ILE D 19 3.20 -25.62 -1.28
N ILE D 19 5.02 -27.24 1.83
CA ILE D 19 4.15 -26.72 -1.45
CA ILE D 19 6.21 -27.99 1.43
C ILE D 19 3.55 -28.03 -0.95
C ILE D 19 5.99 -29.45 1.77
N PRO D 20 3.85 -29.16 -1.58
N PRO D 20 6.72 -30.38 1.15
CA PRO D 20 3.20 -30.42 -1.22
CA PRO D 20 6.50 -31.80 1.43
C PRO D 20 3.92 -31.11 -0.05
C PRO D 20 6.85 -32.16 2.86
N ARG D 21 3.32 -32.23 0.36
N ARG D 21 6.27 -33.28 3.32
CA ARG D 21 3.72 -32.91 1.59
CA ARG D 21 6.50 -33.72 4.70
C ARG D 21 5.20 -33.29 1.59
C ARG D 21 8.00 -33.89 4.98
N ASP D 22 5.67 -33.90 0.50
N ASP D 22 8.73 -34.48 4.03
CA ASP D 22 7.07 -34.32 0.44
CA ASP D 22 10.16 -34.69 4.22
C ASP D 22 7.99 -33.13 0.69
C ASP D 22 10.87 -33.40 4.63
N GLU D 23 7.64 -31.95 0.16
N GLU D 23 10.48 -32.28 4.01
CA GLU D 23 8.46 -30.77 0.35
CA GLU D 23 11.11 -31.01 4.31
C GLU D 23 8.31 -30.21 1.76
C GLU D 23 10.61 -30.42 5.63
N ARG D 24 7.09 -30.25 2.32
N ARG D 24 9.35 -30.67 5.99
CA ARG D 24 6.91 -29.84 3.71
CA ARG D 24 8.83 -30.21 7.27
C ARG D 24 7.69 -30.72 4.67
C ARG D 24 9.55 -30.91 8.43
N LEU D 25 7.81 -32.01 4.36
N LEU D 25 9.88 -32.19 8.25
CA LEU D 25 8.59 -32.89 5.21
CA LEU D 25 10.65 -32.91 9.27
C LEU D 25 10.03 -32.41 5.29
C LEU D 25 11.99 -32.23 9.51
N LYS D 26 10.62 -32.07 4.15
N LYS D 26 12.77 -32.06 8.43
CA LYS D 26 12.00 -31.58 4.15
CA LYS D 26 14.07 -31.42 8.57
C LYS D 26 12.12 -30.28 4.95
C LYS D 26 13.94 -30.02 9.18
N LYS D 27 11.17 -29.35 4.77
N LYS D 27 12.93 -29.26 8.75
CA LYS D 27 11.23 -28.09 5.51
CA LYS D 27 12.79 -27.90 9.25
C LYS D 27 11.13 -28.33 7.01
C LYS D 27 12.38 -27.87 10.72
N MET D 28 10.27 -29.25 7.43
N MET D 28 11.55 -28.82 11.16
CA MET D 28 10.13 -29.54 8.86
CA MET D 28 11.19 -28.88 12.57
C MET D 28 11.41 -30.17 9.40
C MET D 28 12.38 -29.26 13.43
N GLN D 29 12.04 -31.05 8.63
N GLN D 29 13.25 -30.16 12.93
CA GLN D 29 13.32 -31.62 9.03
CA GLN D 29 14.48 -30.49 13.63
C GLN D 29 14.39 -30.53 9.12
C GLN D 29 15.42 -29.30 13.67
N GLU D 30 14.41 -29.61 8.15
N GLU D 30 15.55 -28.57 12.55
CA GLU D 30 15.39 -28.53 8.17
CA GLU D 30 16.40 -27.39 12.54
C GLU D 30 15.17 -27.59 9.34
C GLU D 30 15.92 -26.35 13.54
N ALA D 31 13.92 -27.44 9.79
N ALA D 31 14.61 -26.29 13.80
CA ALA D 31 13.60 -26.65 10.99
CA ALA D 31 14.01 -25.35 14.73
C ALA D 31 13.80 -27.43 12.28
C ALA D 31 13.99 -25.86 16.16
N GLY D 32 14.47 -28.59 12.23
N GLY D 32 14.78 -26.89 16.46
CA GLY D 32 14.66 -29.37 13.43
CA GLY D 32 14.81 -27.43 17.82
C GLY D 32 13.37 -29.72 14.14
C GLY D 32 13.45 -27.85 18.34
N TYR D 33 12.28 -29.92 13.39
N TYR D 33 12.55 -28.27 17.46
CA TYR D 33 10.98 -30.29 13.93
CA TYR D 33 11.20 -28.73 17.80
C TYR D 33 10.45 -29.25 14.92
C TYR D 33 10.38 -27.64 18.50
N ASN D 34 10.92 -28.00 14.83
N ASN D 34 10.73 -26.38 18.29
CA ASN D 34 10.43 -26.89 15.63
CA ASN D 34 9.97 -25.24 18.81
C ASN D 34 9.69 -25.95 14.69
C ASN D 34 9.34 -24.52 17.61
N THR D 35 8.37 -25.81 14.88
N THR D 35 8.01 -24.56 17.52
CA THR D 35 7.60 -24.94 14.01
CA THR D 35 7.33 -23.92 16.40
C THR D 35 8.02 -23.47 14.12
C THR D 35 7.63 -22.44 16.30
N PHE D 36 8.62 -23.07 15.24
N PHE D 36 8.00 -21.80 17.42
CA PHE D 36 9.07 -21.68 15.34
CA PHE D 36 8.35 -20.39 17.39
C PHE D 36 10.20 -21.36 14.38
C PHE D 36 9.62 -20.11 16.58
N LEU D 37 10.85 -22.39 13.83
N LEU D 37 10.43 -21.14 16.31
CA LEU D 37 11.98 -22.21 12.93
CA LEU D 37 11.68 -20.96 15.59
C LEU D 37 11.59 -22.31 11.45
C LEU D 37 11.57 -21.35 14.12
N LEU D 38 10.33 -22.63 11.16
N LEU D 38 10.37 -21.63 13.64
CA LEU D 38 9.86 -22.64 9.78
CA LEU D 38 10.16 -21.96 12.23
C LEU D 38 9.84 -21.24 9.18
C LEU D 38 10.05 -20.71 11.37
N ASN D 39 10.09 -21.17 7.88
N ASN D 39 10.40 -20.87 10.08
CA ASN D 39 10.01 -19.90 7.16
CA ASN D 39 10.36 -19.78 9.12
C ASN D 39 8.57 -19.60 6.79
C ASN D 39 8.96 -19.61 8.54
N SER D 40 8.18 -18.33 6.95
N SER D 40 8.54 -18.36 8.37
CA SER D 40 6.83 -17.92 6.59
CA SER D 40 7.21 -18.07 7.85
C SER D 40 6.50 -18.30 5.15
C SER D 40 6.99 -18.74 6.50
N LYS D 41 7.45 -18.12 4.23
N LYS D 41 7.97 -18.65 5.60
CA LYS D 41 7.19 -18.41 2.82
CA LYS D 41 7.81 -19.23 4.26
C LYS D 41 6.81 -19.86 2.56
C LYS D 41 7.58 -20.73 4.33
N ASP D 42 7.06 -20.75 3.51
N ASP D 42 8.07 -21.40 5.36
CA ASP D 42 6.78 -22.17 3.34
CA ASP D 42 7.92 -22.85 5.49
C ASP D 42 5.51 -22.62 4.05
C ASP D 42 6.59 -23.25 6.12
N ILE D 43 4.74 -21.67 4.59
N ILE D 43 5.67 -22.32 6.32
CA ILE D 43 3.56 -21.97 5.38
CA ILE D 43 4.40 -22.59 7.00
C ILE D 43 2.32 -21.53 4.61
C ILE D 43 3.27 -22.44 6.01
N TYR D 44 1.34 -22.44 4.53
N TYR D 44 2.37 -23.42 6.01
CA TYR D 44 0.06 -22.12 3.90
CA TYR D 44 1.19 -23.38 5.14
C TYR D 44 -0.87 -21.37 4.85
C TYR D 44 0.12 -22.48 5.74
N ILE D 45 -1.13 -21.95 6.02
N ILE D 45 -0.41 -22.85 6.90
CA ILE D 45 -2.01 -21.36 7.04
CA ILE D 45 -1.42 -22.07 7.60
C ILE D 45 -1.19 -21.23 8.32
C ILE D 45 -0.81 -21.72 8.95
N ASP D 46 -0.97 -20.01 8.79
N ASP D 46 -0.60 -20.43 9.18
CA ASP D 46 -0.07 -19.76 9.92
CA ASP D 46 0.18 -19.96 10.32
C ASP D 46 -0.88 -19.36 11.15
C ASP D 46 -0.76 -19.55 11.44
N LEU D 47 -1.02 -20.32 12.07
N LEU D 47 -1.05 -20.50 12.32
CA LEU D 47 -1.80 -20.12 13.30
CA LEU D 47 -1.84 -20.26 13.52
C LEU D 47 -0.89 -20.03 14.52
C LEU D 47 -0.96 -20.15 14.77
N LEU D 48 0.32 -19.50 14.34
N LEU D 48 0.30 -19.74 14.59
CA LEU D 48 1.24 -19.40 15.45
CA LEU D 48 1.15 -19.49 15.75
C LEU D 48 0.73 -18.43 16.51
C LEU D 48 0.50 -18.46 16.66
N THR D 49 0.05 -17.35 16.09
CA THR D 49 -0.49 -16.33 16.96
C THR D 49 -1.51 -15.46 16.23
N ASP D 50 -2.43 -14.90 17.01
CA ASP D 50 -3.35 -13.89 16.54
C ASP D 50 -2.79 -12.49 16.76
N SER D 51 -1.50 -12.38 17.10
CA SER D 51 -0.90 -11.10 17.42
C SER D 51 -0.22 -10.49 16.21
N GLY D 52 -0.78 -9.39 15.70
CA GLY D 52 -0.14 -8.63 14.64
C GLY D 52 -0.25 -9.25 13.28
N THR D 53 -1.06 -10.29 13.12
CA THR D 53 -1.19 -11.06 11.91
C THR D 53 -2.50 -10.76 11.19
N ASN D 54 -3.25 -9.78 11.68
CA ASN D 54 -4.58 -9.48 11.17
C ASN D 54 -4.55 -8.84 9.79
N ALA D 55 -5.63 -9.02 9.04
CA ALA D 55 -5.85 -8.31 7.79
C ALA D 55 -6.54 -6.99 8.07
N MET D 56 -5.98 -5.91 7.54
CA MET D 56 -6.57 -4.59 7.64
C MET D 56 -7.59 -4.37 6.53
N SER D 57 -8.40 -3.34 6.73
CA SER D 57 -9.41 -2.99 5.74
C SER D 57 -8.90 -1.96 4.74
N ASP D 58 -9.72 -1.75 3.71
CA ASP D 58 -9.49 -0.67 2.76
C ASP D 58 -9.40 0.67 3.45
N LYS D 59 -10.27 0.93 4.43
CA LYS D 59 -10.24 2.19 5.15
C LYS D 59 -8.97 2.35 5.97
N GLN D 60 -8.48 1.26 6.56
CA GLN D 60 -7.20 1.33 7.27
C GLN D 60 -6.05 1.61 6.32
N TRP D 61 -6.04 0.95 5.15
CA TRP D 61 -4.99 1.18 4.17
C TRP D 61 -5.05 2.60 3.60
N ALA D 62 -6.25 3.17 3.44
CA ALA D 62 -6.33 4.59 3.11
C ALA D 62 -5.65 5.44 4.19
N GLY D 63 -5.90 5.12 5.47
CA GLY D 63 -5.24 5.81 6.56
C GLY D 63 -3.73 5.66 6.54
N MET D 64 -3.25 4.52 6.07
CA MET D 64 -1.81 4.29 5.95
C MET D 64 -1.16 5.23 4.94
N MET D 65 -1.93 5.79 4.02
CA MET D 65 -1.42 6.78 3.08
C MET D 65 -1.42 8.18 3.65
N MET D 66 -1.98 8.37 4.84
CA MET D 66 -2.18 9.67 5.46
C MET D 66 -1.40 9.80 6.76
N GLY D 67 -0.23 9.18 6.82
CA GLY D 67 0.61 9.31 7.99
C GLY D 67 1.20 10.70 8.04
N ASP D 68 0.98 11.39 9.16
CA ASP D 68 1.66 12.63 9.53
C ASP D 68 2.85 12.17 10.38
N GLU D 69 4.04 12.14 9.78
CA GLU D 69 5.21 11.52 10.39
C GLU D 69 6.00 12.46 11.28
N ALA D 70 5.40 13.58 11.68
CA ALA D 70 6.07 14.51 12.58
C ALA D 70 6.51 13.84 13.87
N TYR D 71 7.65 14.29 14.37
CA TYR D 71 8.22 13.73 15.59
C TYR D 71 7.33 14.02 16.79
N ALA D 72 6.61 15.14 16.77
CA ALA D 72 5.80 15.56 17.90
C ALA D 72 4.51 16.16 17.38
N GLY D 73 3.41 15.81 18.01
CA GLY D 73 2.13 16.44 17.70
C GLY D 73 1.48 15.98 16.42
N SER D 74 1.75 14.75 15.98
CA SER D 74 1.13 14.23 14.78
C SER D 74 -0.39 14.23 14.86
N GLU D 75 -1.04 14.61 13.76
CA GLU D 75 -2.50 14.52 13.69
C GLU D 75 -2.99 13.10 13.90
N ASN D 76 -2.21 12.09 13.54
CA ASN D 76 -2.65 10.71 13.73
C ASN D 76 -2.76 10.38 15.21
N PHE D 77 -1.88 10.95 16.04
CA PHE D 77 -2.02 10.74 17.47
C PHE D 77 -3.33 11.30 17.99
N TYR D 78 -3.71 12.50 17.56
CA TYR D 78 -4.95 13.09 18.03
C TYR D 78 -6.15 12.28 17.57
N HIS D 79 -6.10 11.66 16.38
CA HIS D 79 -7.18 10.79 15.99
CA HIS D 79 -7.17 10.77 15.96
C HIS D 79 -7.25 9.56 16.88
N LEU D 80 -6.11 8.94 17.18
CA LEU D 80 -6.11 7.79 18.08
C LEU D 80 -6.61 8.18 19.47
N GLU D 81 -6.15 9.31 19.99
CA GLU D 81 -6.56 9.76 21.31
C GLU D 81 -8.08 9.97 21.36
N ARG D 82 -8.62 10.69 20.38
CA ARG D 82 -10.06 10.91 20.37
CA ARG D 82 -10.07 10.92 20.36
C ARG D 82 -10.83 9.60 20.31
N THR D 83 -10.37 8.67 19.48
CA THR D 83 -11.05 7.40 19.33
C THR D 83 -11.05 6.62 20.63
N VAL D 84 -9.89 6.51 21.29
CA VAL D 84 -9.82 5.72 22.51
C VAL D 84 -10.62 6.38 23.63
N GLN D 85 -10.53 7.71 23.76
CA GLN D 85 -11.35 8.41 24.75
C GLN D 85 -12.82 8.13 24.54
N GLU D 86 -13.28 8.14 23.29
CA GLU D 86 -14.70 7.90 23.01
C GLU D 86 -15.09 6.46 23.33
N LEU D 87 -14.30 5.51 22.88
CA LEU D 87 -14.73 4.12 22.91
C LEU D 87 -14.41 3.44 24.24
N PHE D 88 -13.28 3.76 24.87
CA PHE D 88 -12.93 3.15 26.15
C PHE D 88 -13.29 4.04 27.34
N GLY D 89 -13.43 5.34 27.15
CA GLY D 89 -13.85 6.24 28.21
C GLY D 89 -12.78 6.73 29.15
N PHE D 90 -11.52 6.33 28.93
CA PHE D 90 -10.45 6.79 29.81
C PHE D 90 -10.08 8.23 29.50
N LYS D 91 -9.59 8.93 30.52
CA LYS D 91 -9.27 10.33 30.37
C LYS D 91 -8.00 10.53 29.55
N HIS D 92 -7.02 9.65 29.71
CA HIS D 92 -5.70 9.89 29.12
C HIS D 92 -5.18 8.64 28.43
N ILE D 93 -4.38 8.86 27.39
CA ILE D 93 -3.80 7.76 26.62
C ILE D 93 -2.36 8.11 26.26
N VAL D 94 -1.49 7.10 26.35
CA VAL D 94 -0.09 7.20 25.96
C VAL D 94 0.14 6.07 24.97
N PRO D 95 0.52 6.35 23.72
CA PRO D 95 0.79 5.28 22.76
C PRO D 95 2.07 4.53 23.10
N THR D 96 2.09 3.25 22.75
CA THR D 96 3.29 2.41 22.87
C THR D 96 3.40 1.57 21.61
N HIS D 97 4.58 0.99 21.37
CA HIS D 97 4.72 0.31 20.09
C HIS D 97 3.95 -1.01 20.07
N GLN D 98 3.77 -1.64 21.23
CA GLN D 98 2.85 -2.77 21.38
C GLN D 98 2.57 -2.94 22.88
N GLY D 99 1.89 -4.04 23.22
CA GLY D 99 1.37 -4.20 24.57
C GLY D 99 2.44 -4.22 25.64
N ARG D 100 3.53 -4.96 25.42
CA ARG D 100 4.54 -5.08 26.47
C ARG D 100 5.25 -3.75 26.71
N GLY D 101 5.22 -2.83 25.76
CA GLY D 101 5.71 -1.49 26.04
C GLY D 101 4.82 -0.76 27.04
N ALA D 102 3.51 -0.94 26.92
CA ALA D 102 2.61 -0.36 27.92
C ALA D 102 2.76 -1.05 29.28
N GLU D 103 2.97 -2.36 29.29
CA GLU D 103 3.16 -3.08 30.55
C GLU D 103 4.42 -2.62 31.27
N ASN D 104 5.50 -2.39 30.51
CA ASN D 104 6.72 -1.86 31.11
C ASN D 104 6.43 -0.54 31.83
N LEU D 105 5.71 0.37 31.16
CA LEU D 105 5.37 1.64 31.78
C LEU D 105 4.48 1.47 33.01
N LEU D 106 3.42 0.67 32.90
CA LEU D 106 2.49 0.53 34.02
C LEU D 106 3.20 -0.04 35.25
N SER D 107 3.99 -1.09 35.07
CA SER D 107 4.62 -1.75 36.19
C SER D 107 5.68 -0.88 36.84
N GLN D 108 6.39 -0.07 36.05
CA GLN D 108 7.36 0.85 36.65
C GLN D 108 6.65 1.94 37.43
N LEU D 109 5.48 2.37 36.97
CA LEU D 109 4.78 3.49 37.59
C LEU D 109 4.01 3.08 38.84
N ALA D 110 3.48 1.86 38.90
CA ALA D 110 2.46 1.52 39.87
C ALA D 110 2.85 0.44 40.87
N ILE D 111 4.09 -0.04 40.84
CA ILE D 111 4.53 -1.11 41.73
C ILE D 111 5.71 -0.63 42.56
N LYS D 112 5.68 -0.95 43.85
CA LYS D 112 6.82 -0.85 44.75
C LYS D 112 7.24 -2.25 45.15
N PRO D 113 8.55 -2.53 45.24
CA PRO D 113 8.97 -3.88 45.63
C PRO D 113 8.30 -4.31 46.93
N GLY D 114 7.98 -5.60 47.00
CA GLY D 114 7.23 -6.17 48.10
C GLY D 114 5.73 -6.22 47.88
N GLN D 115 5.18 -5.28 47.12
CA GLN D 115 3.74 -5.25 46.91
C GLN D 115 3.28 -6.46 46.10
N TYR D 116 1.97 -6.67 46.11
CA TYR D 116 1.34 -7.77 45.40
C TYR D 116 0.56 -7.22 44.21
N VAL D 117 0.59 -7.95 43.11
CA VAL D 117 -0.31 -7.75 41.99
C VAL D 117 -1.12 -9.03 41.86
N ALA D 118 -2.44 -8.90 41.90
CA ALA D 118 -3.32 -10.05 41.81
C ALA D 118 -4.07 -9.97 40.49
N GLY D 119 -4.19 -11.10 39.81
CA GLY D 119 -4.85 -11.11 38.52
C GLY D 119 -5.56 -12.41 38.27
N ASN D 120 -6.41 -12.41 37.24
CA ASN D 120 -7.13 -13.61 36.81
C ASN D 120 -6.22 -14.35 35.83
N MET D 121 -5.31 -15.14 36.39
N MET D 121 -5.34 -15.19 36.39
CA MET D 121 -4.25 -15.77 35.62
CA MET D 121 -4.22 -15.81 35.69
C MET D 121 -3.41 -14.70 34.94
C MET D 121 -3.25 -14.71 35.24
N TYR D 122 -2.25 -15.08 34.45
CA TYR D 122 -1.29 -14.11 33.98
C TYR D 122 -0.97 -14.39 32.52
N PHE D 123 -0.37 -13.41 31.89
CA PHE D 123 0.30 -13.57 30.61
C PHE D 123 1.80 -13.39 30.84
N THR D 124 2.60 -14.10 30.04
CA THR D 124 4.03 -14.18 30.29
C THR D 124 4.68 -12.80 30.42
N THR D 125 4.47 -11.91 29.45
CA THR D 125 5.16 -10.62 29.50
C THR D 125 4.63 -9.74 30.64
N THR D 126 3.31 -9.75 30.85
CA THR D 126 2.71 -8.91 31.89
C THR D 126 3.25 -9.26 33.25
N ARG D 127 3.35 -10.56 33.55
CA ARG D 127 3.82 -10.98 34.87
C ARG D 127 5.31 -10.73 35.02
N TYR D 128 6.07 -10.87 33.94
CA TYR D 128 7.49 -10.57 34.03
C TYR D 128 7.72 -9.13 34.42
N HIS D 129 6.99 -8.19 33.80
CA HIS D 129 7.17 -6.79 34.14
C HIS D 129 6.70 -6.49 35.56
N GLN D 130 5.65 -7.16 36.01
CA GLN D 130 5.25 -7.02 37.40
C GLN D 130 6.36 -7.48 38.33
N GLU D 131 6.89 -8.68 38.08
CA GLU D 131 7.90 -9.24 38.98
C GLU D 131 9.22 -8.50 38.90
N LYS D 132 9.60 -8.07 37.69
CA LYS D 132 10.87 -7.36 37.54
C LYS D 132 10.88 -6.06 38.34
N ASN D 133 9.70 -5.46 38.53
CA ASN D 133 9.57 -4.27 39.36
C ASN D 133 9.24 -4.59 40.82
N GLY D 134 9.33 -5.86 41.22
CA GLY D 134 9.30 -6.22 42.62
C GLY D 134 7.99 -6.80 43.12
N ALA D 135 6.97 -6.90 42.28
CA ALA D 135 5.70 -7.40 42.78
C ALA D 135 5.74 -8.92 42.93
N VAL D 136 4.92 -9.43 43.84
CA VAL D 136 4.61 -10.85 43.93
C VAL D 136 3.26 -11.05 43.27
N PHE D 137 3.19 -11.95 42.30
CA PHE D 137 1.95 -12.21 41.60
C PHE D 137 1.11 -13.21 42.38
N VAL D 138 -0.19 -12.93 42.47
CA VAL D 138 -1.17 -13.80 43.09
C VAL D 138 -2.29 -14.07 42.10
N ASP D 139 -2.57 -15.34 41.84
CA ASP D 139 -3.65 -15.73 40.95
C ASP D 139 -4.94 -15.73 41.74
N ILE D 140 -5.90 -14.91 41.33
CA ILE D 140 -7.20 -14.85 41.98
C ILE D 140 -8.32 -15.25 41.03
N VAL D 141 -8.00 -15.93 39.92
CA VAL D 141 -9.04 -16.46 39.06
C VAL D 141 -9.82 -17.54 39.82
N ARG D 142 -11.08 -17.71 39.43
CA ARG D 142 -11.87 -18.81 39.96
C ARG D 142 -11.18 -20.14 39.67
N ASP D 143 -11.29 -21.09 40.60
CA ASP D 143 -10.63 -22.38 40.42
C ASP D 143 -11.05 -23.05 39.12
N GLU D 144 -12.27 -22.74 38.64
CA GLU D 144 -12.81 -23.41 37.46
C GLU D 144 -11.98 -23.15 36.22
N ALA D 145 -11.33 -21.99 36.15
CA ALA D 145 -10.58 -21.65 34.95
C ALA D 145 -9.48 -22.64 34.66
N HIS D 146 -9.01 -23.36 35.67
CA HIS D 146 -7.90 -24.30 35.50
C HIS D 146 -8.36 -25.69 35.07
N ASP D 147 -9.66 -25.92 34.90
CA ASP D 147 -10.18 -27.23 34.53
C ASP D 147 -10.55 -27.22 33.05
N ALA D 148 -9.72 -27.89 32.24
CA ALA D 148 -9.78 -27.71 30.79
C ALA D 148 -11.08 -28.21 30.20
N GLY D 149 -11.66 -29.26 30.77
CA GLY D 149 -12.84 -29.87 30.23
C GLY D 149 -14.12 -29.39 30.86
N LEU D 150 -14.07 -28.30 31.61
CA LEU D 150 -15.26 -27.77 32.27
C LEU D 150 -15.90 -26.74 31.34
N ASN D 151 -17.08 -27.06 30.82
CA ASN D 151 -17.75 -26.27 29.80
C ASN D 151 -18.74 -25.34 30.49
N ILE D 152 -18.23 -24.24 31.03
CA ILE D 152 -19.06 -23.25 31.72
C ILE D 152 -18.74 -21.86 31.20
N ALA D 153 -19.71 -20.96 31.37
CA ALA D 153 -19.58 -19.59 30.89
C ALA D 153 -18.72 -18.72 31.81
N PHE D 154 -18.11 -17.70 31.21
CA PHE D 154 -17.34 -16.69 31.94
C PHE D 154 -16.34 -17.33 32.89
N LYS D 155 -15.56 -18.25 32.34
CA LYS D 155 -14.55 -18.96 33.08
C LYS D 155 -13.39 -18.08 33.50
N GLY D 156 -13.29 -16.86 32.96
CA GLY D 156 -12.22 -15.97 33.33
C GLY D 156 -12.47 -15.14 34.55
N ASP D 157 -13.66 -15.26 35.16
CA ASP D 157 -14.02 -14.37 36.25
C ASP D 157 -13.08 -14.54 37.45
N ILE D 158 -12.86 -13.43 38.16
CA ILE D 158 -12.12 -13.42 39.41
C ILE D 158 -12.99 -14.00 40.53
N ASP D 159 -12.37 -14.78 41.41
CA ASP D 159 -13.02 -15.25 42.62
C ASP D 159 -12.97 -14.14 43.65
N LEU D 160 -14.11 -13.53 43.94
CA LEU D 160 -14.13 -12.43 44.90
C LEU D 160 -13.63 -12.87 46.27
N LYS D 161 -13.84 -14.15 46.61
CA LYS D 161 -13.35 -14.62 47.91
C LYS D 161 -11.83 -14.63 47.97
N LYS D 162 -11.17 -15.00 46.87
CA LYS D 162 -9.71 -14.95 46.86
CA LYS D 162 -9.71 -14.95 46.85
C LYS D 162 -9.21 -13.51 46.95
N LEU D 163 -9.93 -12.59 46.32
CA LEU D 163 -9.53 -11.18 46.40
C LEU D 163 -9.74 -10.64 47.81
N GLN D 164 -10.88 -10.96 48.43
CA GLN D 164 -11.09 -10.56 49.81
C GLN D 164 -10.01 -11.14 50.72
N LYS D 165 -9.65 -12.41 50.49
CA LYS D 165 -8.66 -13.06 51.33
C LYS D 165 -7.32 -12.34 51.22
N LEU D 166 -6.91 -12.02 49.99
CA LEU D 166 -5.64 -11.32 49.82
C LEU D 166 -5.64 -9.99 50.56
N ILE D 167 -6.73 -9.23 50.43
CA ILE D 167 -6.85 -7.97 51.16
C ILE D 167 -6.72 -8.20 52.67
N ASP D 168 -7.34 -9.27 53.18
CA ASP D 168 -7.36 -9.48 54.63
C ASP D 168 -5.97 -9.88 55.14
N GLU D 169 -5.26 -10.73 54.40
CA GLU D 169 -3.99 -11.24 54.90
C GLU D 169 -2.85 -10.26 54.67
N LYS D 170 -2.83 -9.60 53.50
CA LYS D 170 -1.70 -8.75 53.12
C LYS D 170 -1.93 -7.27 53.37
N GLY D 171 -3.17 -6.81 53.36
CA GLY D 171 -3.45 -5.41 53.58
C GLY D 171 -3.59 -4.62 52.29
N ALA D 172 -4.60 -3.76 52.22
CA ALA D 172 -4.88 -3.07 50.97
C ALA D 172 -3.68 -2.24 50.50
N GLU D 173 -2.99 -1.56 51.42
CA GLU D 173 -1.89 -0.69 51.02
C GLU D 173 -0.74 -1.47 50.39
N ASN D 174 -0.70 -2.79 50.57
CA ASN D 174 0.36 -3.62 50.02
C ASN D 174 -0.03 -4.28 48.71
N ILE D 175 -1.20 -3.97 48.19
CA ILE D 175 -1.63 -4.44 46.88
C ILE D 175 -1.39 -3.30 45.89
N ALA D 176 -0.48 -3.51 44.93
CA ALA D 176 -0.20 -2.47 43.95
C ALA D 176 -1.42 -2.19 43.07
N TYR D 177 -1.98 -3.25 42.49
CA TYR D 177 -3.19 -3.13 41.69
C TYR D 177 -3.70 -4.53 41.42
N ILE D 178 -4.95 -4.59 40.94
CA ILE D 178 -5.51 -5.81 40.40
C ILE D 178 -5.35 -5.74 38.89
N CYS D 179 -4.83 -6.81 38.31
CA CYS D 179 -4.67 -6.89 36.85
C CYS D 179 -5.78 -7.81 36.33
N LEU D 180 -6.81 -7.21 35.72
CA LEU D 180 -7.97 -7.95 35.23
C LEU D 180 -7.86 -8.05 33.71
N ALA D 181 -7.63 -9.26 33.22
CA ALA D 181 -7.47 -9.49 31.79
C ALA D 181 -8.80 -9.88 31.16
N VAL D 182 -9.04 -9.35 29.97
CA VAL D 182 -10.20 -9.66 29.14
C VAL D 182 -9.72 -9.89 27.71
N THR D 183 -10.02 -11.05 27.13
CA THR D 183 -10.32 -12.32 27.79
C THR D 183 -9.09 -12.82 28.51
N VAL D 184 -9.19 -14.02 29.08
CA VAL D 184 -8.09 -14.64 29.82
C VAL D 184 -7.42 -15.65 28.90
N ASN D 185 -6.22 -15.31 28.44
CA ASN D 185 -5.52 -16.10 27.43
C ASN D 185 -5.20 -17.51 27.95
N LEU D 186 -4.56 -17.59 29.11
CA LEU D 186 -4.05 -18.86 29.61
C LEU D 186 -5.16 -19.86 29.92
N ALA D 187 -6.38 -19.40 30.15
CA ALA D 187 -7.50 -20.29 30.36
C ALA D 187 -8.12 -20.76 29.04
N GLY D 188 -7.54 -20.37 27.92
CA GLY D 188 -8.05 -20.68 26.62
C GLY D 188 -8.76 -19.54 25.92
N GLY D 189 -8.58 -18.31 26.38
CA GLY D 189 -9.34 -17.21 25.81
C GLY D 189 -10.73 -17.07 26.39
N GLN D 190 -10.86 -17.21 27.71
CA GLN D 190 -12.16 -17.27 28.35
C GLN D 190 -12.59 -15.87 28.81
N PRO D 191 -13.87 -15.55 28.64
CA PRO D 191 -14.33 -14.21 28.98
C PRO D 191 -14.60 -14.01 30.46
N VAL D 192 -14.68 -12.74 30.82
CA VAL D 192 -15.06 -12.23 32.12
C VAL D 192 -16.41 -11.53 31.97
N SER D 193 -17.34 -11.80 32.90
CA SER D 193 -18.66 -11.20 32.85
C SER D 193 -18.64 -9.75 33.32
N MET D 194 -19.62 -8.98 32.83
CA MET D 194 -19.79 -7.63 33.33
C MET D 194 -20.08 -7.64 34.83
N ALA D 195 -20.85 -8.62 35.32
CA ALA D 195 -21.13 -8.69 36.73
C ALA D 195 -19.86 -8.81 37.55
N ASN D 196 -18.89 -9.60 37.07
CA ASN D 196 -17.65 -9.78 37.78
C ASN D 196 -16.81 -8.50 37.75
N MET D 197 -16.73 -7.84 36.60
CA MET D 197 -16.00 -6.58 36.54
C MET D 197 -16.60 -5.57 37.51
N ARG D 198 -17.93 -5.50 37.55
CA ARG D 198 -18.62 -4.60 38.47
CA ARG D 198 -18.59 -4.58 38.46
C ARG D 198 -18.29 -4.94 39.92
N ALA D 199 -18.34 -6.23 40.25
CA ALA D 199 -18.09 -6.68 41.62
C ALA D 199 -16.64 -6.42 42.04
N VAL D 200 -15.69 -6.71 41.16
CA VAL D 200 -14.29 -6.39 41.46
C VAL D 200 -14.11 -4.90 41.66
N ARG D 201 -14.77 -4.09 40.83
CA ARG D 201 -14.67 -2.64 41.00
C ARG D 201 -15.19 -2.23 42.36
N GLU D 202 -16.32 -2.81 42.79
CA GLU D 202 -16.92 -2.40 44.05
C GLU D 202 -16.02 -2.76 45.23
N LEU D 203 -15.47 -3.97 45.23
CA LEU D 203 -14.64 -4.40 46.36
C LEU D 203 -13.32 -3.63 46.40
N THR D 204 -12.66 -3.45 45.25
CA THR D 204 -11.40 -2.71 45.27
C THR D 204 -11.60 -1.25 45.64
N ALA D 205 -12.67 -0.63 45.13
CA ALA D 205 -12.90 0.79 45.41
C ALA D 205 -13.09 1.03 46.90
N ALA D 206 -13.75 0.11 47.59
CA ALA D 206 -13.96 0.27 49.03
C ALA D 206 -12.66 0.26 49.80
N HIS D 207 -11.57 -0.25 49.22
CA HIS D 207 -10.27 -0.29 49.87
C HIS D 207 -9.24 0.65 49.24
N GLY D 208 -9.66 1.49 48.29
CA GLY D 208 -8.74 2.35 47.59
C GLY D 208 -7.77 1.65 46.64
N ILE D 209 -8.08 0.44 46.19
CA ILE D 209 -7.18 -0.34 45.36
C ILE D 209 -7.47 -0.06 43.90
N LYS D 210 -6.40 0.06 43.10
CA LYS D 210 -6.55 0.33 41.68
C LYS D 210 -6.73 -0.97 40.90
N VAL D 211 -7.48 -0.87 39.79
CA VAL D 211 -7.71 -1.96 38.88
C VAL D 211 -7.28 -1.49 37.49
N PHE D 212 -6.36 -2.23 36.88
CA PHE D 212 -5.92 -1.96 35.52
C PHE D 212 -6.22 -3.19 34.68
N TYR D 213 -6.90 -2.99 33.56
CA TYR D 213 -7.25 -4.10 32.71
C TYR D 213 -6.12 -4.38 31.72
N ASP D 214 -5.86 -5.66 31.47
CA ASP D 214 -5.13 -6.09 30.29
C ASP D 214 -6.18 -6.27 29.21
N ALA D 215 -6.33 -5.28 28.34
CA ALA D 215 -7.50 -5.14 27.47
C ALA D 215 -7.32 -5.76 26.08
N THR D 216 -6.28 -6.57 25.89
N THR D 216 -6.30 -6.59 25.91
CA THR D 216 -5.87 -6.95 24.54
CA THR D 216 -5.85 -7.00 24.58
C THR D 216 -7.00 -7.58 23.73
C THR D 216 -6.95 -7.65 23.74
N ARG D 217 -7.83 -8.43 24.35
CA ARG D 217 -8.93 -9.09 23.64
C ARG D 217 -10.27 -8.66 24.20
N CYS D 218 -10.39 -7.36 24.45
CA CYS D 218 -11.59 -6.87 25.12
C CYS D 218 -12.81 -6.91 24.22
N VAL D 219 -12.62 -6.87 22.90
CA VAL D 219 -13.77 -6.89 22.00
C VAL D 219 -14.34 -8.30 21.90
N GLU D 220 -13.47 -9.31 21.76
CA GLU D 220 -13.91 -10.70 21.90
C GLU D 220 -14.66 -10.87 23.21
N ASN D 221 -14.15 -10.26 24.29
CA ASN D 221 -14.82 -10.38 25.58
C ASN D 221 -16.22 -9.78 25.51
N ALA D 222 -16.33 -8.59 24.92
CA ALA D 222 -17.62 -7.93 24.80
C ALA D 222 -18.61 -8.78 24.01
N TYR D 223 -18.14 -9.48 22.98
CA TYR D 223 -19.01 -10.37 22.22
C TYR D 223 -19.60 -11.44 23.13
N PHE D 224 -18.77 -12.06 23.96
CA PHE D 224 -19.28 -13.10 24.86
C PHE D 224 -20.32 -12.54 25.81
N ILE D 225 -20.13 -11.31 26.29
CA ILE D 225 -21.12 -10.68 27.16
C ILE D 225 -22.44 -10.50 26.41
N LYS D 226 -22.38 -9.95 25.20
CA LYS D 226 -23.59 -9.79 24.40
C LYS D 226 -24.29 -11.13 24.16
N GLU D 227 -23.53 -12.17 23.83
CA GLU D 227 -24.13 -13.45 23.45
C GLU D 227 -24.70 -14.18 24.66
N GLN D 228 -24.04 -14.08 25.82
CA GLN D 228 -24.33 -15.02 26.90
C GLN D 228 -24.69 -14.41 28.25
N GLU D 229 -24.41 -13.15 28.50
CA GLU D 229 -24.72 -12.56 29.80
C GLU D 229 -26.13 -11.98 29.79
N GLN D 230 -26.95 -12.42 30.73
CA GLN D 230 -28.34 -11.98 30.77
C GLN D 230 -28.40 -10.46 30.89
N GLY D 231 -29.16 -9.83 30.00
CA GLY D 231 -29.35 -8.41 30.02
C GLY D 231 -28.57 -7.66 28.98
N PHE D 232 -27.62 -8.30 28.30
CA PHE D 232 -26.79 -7.63 27.33
C PHE D 232 -27.08 -8.01 25.88
N GLU D 233 -28.11 -8.83 25.63
CA GLU D 233 -28.26 -9.39 24.29
C GLU D 233 -28.54 -8.33 23.23
N ASN D 234 -29.10 -7.17 23.62
CA ASN D 234 -29.44 -6.14 22.66
C ASN D 234 -28.60 -4.88 22.80
N LYS D 235 -27.57 -4.91 23.63
CA LYS D 235 -26.64 -3.78 23.72
C LYS D 235 -25.63 -3.86 22.58
N SER D 236 -25.17 -2.70 22.14
CA SER D 236 -24.17 -2.71 21.10
C SER D 236 -22.82 -3.13 21.69
N ILE D 237 -21.96 -3.65 20.82
CA ILE D 237 -20.60 -3.98 21.26
C ILE D 237 -19.95 -2.74 21.86
N ALA D 238 -20.12 -1.58 21.21
CA ALA D 238 -19.51 -0.37 21.75
C ALA D 238 -20.03 -0.03 23.14
N GLU D 239 -21.35 -0.18 23.36
CA GLU D 239 -21.92 0.12 24.68
C GLU D 239 -21.34 -0.82 25.74
N ILE D 240 -21.16 -2.09 25.38
CA ILE D 240 -20.60 -3.07 26.30
C ILE D 240 -19.14 -2.75 26.62
N VAL D 241 -18.35 -2.43 25.59
CA VAL D 241 -16.94 -2.10 25.79
C VAL D 241 -16.81 -0.88 26.71
N HIS D 242 -17.63 0.14 26.47
CA HIS D 242 -17.54 1.34 27.28
C HIS D 242 -17.88 1.04 28.73
N GLU D 243 -18.90 0.22 28.98
CA GLU D 243 -19.22 -0.10 30.36
C GLU D 243 -18.13 -0.94 31.01
N MET D 244 -17.58 -1.92 30.29
CA MET D 244 -16.49 -2.71 30.83
C MET D 244 -15.42 -1.81 31.42
N PHE D 245 -14.93 -0.85 30.63
CA PHE D 245 -13.82 -0.02 31.09
C PHE D 245 -14.23 1.02 32.12
N SER D 246 -15.52 1.23 32.31
CA SER D 246 -15.96 2.12 33.37
C SER D 246 -15.64 1.55 34.74
N TYR D 247 -15.37 0.25 34.83
CA TYR D 247 -15.01 -0.42 36.08
C TYR D 247 -13.50 -0.51 36.29
N ALA D 248 -12.72 0.21 35.49
CA ALA D 248 -11.27 0.17 35.60
C ALA D 248 -10.69 1.57 35.79
N ASP D 249 -9.48 1.60 36.34
CA ASP D 249 -8.71 2.83 36.48
C ASP D 249 -7.78 3.09 35.29
N GLY D 250 -7.68 2.13 34.37
CA GLY D 250 -6.79 2.24 33.24
C GLY D 250 -6.65 0.88 32.60
N CYS D 251 -5.79 0.83 31.59
CA CYS D 251 -5.58 -0.42 30.89
C CYS D 251 -4.25 -0.38 30.14
N THR D 252 -3.74 -1.56 29.87
CA THR D 252 -2.73 -1.80 28.86
C THR D 252 -3.42 -2.46 27.68
N MET D 253 -3.03 -2.10 26.47
CA MET D 253 -3.64 -2.75 25.32
CA MET D 253 -3.65 -2.65 25.27
C MET D 253 -2.60 -3.05 24.25
N SER D 254 -2.71 -4.23 23.67
CA SER D 254 -1.97 -4.61 22.48
C SER D 254 -2.94 -4.42 21.32
N GLY D 255 -2.74 -3.37 20.52
CA GLY D 255 -3.58 -3.20 19.36
C GLY D 255 -3.44 -4.31 18.35
N LYS D 256 -2.32 -5.02 18.42
CA LYS D 256 -2.01 -6.15 17.56
C LYS D 256 -3.03 -7.26 17.69
N LYS D 257 -3.86 -7.20 18.72
CA LYS D 257 -4.96 -8.18 18.88
C LYS D 257 -6.21 -7.51 18.39
N ASP D 258 -7.04 -7.03 19.30
CA ASP D 258 -8.37 -6.65 18.86
C ASP D 258 -8.51 -5.29 18.15
N CYS D 259 -7.44 -4.51 17.99
CA CYS D 259 -7.52 -3.30 17.19
C CYS D 259 -7.21 -3.55 15.72
N LEU D 260 -7.06 -4.79 15.31
CA LEU D 260 -7.04 -5.15 13.90
C LEU D 260 -5.86 -4.54 13.15
N VAL D 261 -4.71 -4.54 13.80
CA VAL D 261 -3.48 -3.99 13.21
C VAL D 261 -2.34 -4.98 13.33
N ASN D 262 -1.23 -4.60 12.71
CA ASN D 262 -0.02 -5.42 12.64
C ASN D 262 1.05 -4.99 13.62
N ILE D 263 0.87 -3.83 14.26
CA ILE D 263 1.78 -3.29 15.26
C ILE D 263 0.99 -2.22 15.97
N GLY D 264 1.34 -1.95 17.22
CA GLY D 264 0.68 -0.89 17.97
C GLY D 264 0.11 -1.30 19.32
N GLY D 265 0.09 -0.34 20.25
CA GLY D 265 -0.50 -0.53 21.56
C GLY D 265 -0.67 0.79 22.27
N PHE D 266 -1.16 0.72 23.50
CA PHE D 266 -1.28 1.95 24.29
C PHE D 266 -1.54 1.65 25.75
N LEU D 267 -1.31 2.66 26.59
CA LEU D 267 -1.60 2.66 28.01
C LEU D 267 -2.64 3.75 28.26
N CYS D 268 -3.70 3.41 28.98
CA CYS D 268 -4.70 4.39 29.37
C CYS D 268 -4.79 4.50 30.88
N MET D 269 -5.18 5.68 31.35
CA MET D 269 -5.44 5.90 32.76
C MET D 269 -6.32 7.12 32.93
N ASN D 270 -7.02 7.16 34.06
CA ASN D 270 -7.84 8.32 34.41
C ASN D 270 -7.09 9.31 35.29
N ASP D 271 -6.10 8.85 36.06
CA ASP D 271 -5.42 9.71 37.03
C ASP D 271 -4.43 10.65 36.35
N ASP D 272 -4.55 11.95 36.66
CA ASP D 272 -3.70 12.95 36.03
C ASP D 272 -2.23 12.79 36.41
N GLU D 273 -1.95 12.50 37.68
CA GLU D 273 -0.56 12.39 38.11
C GLU D 273 0.11 11.17 37.48
N MET D 274 -0.61 10.05 37.41
CA MET D 274 -0.07 8.88 36.73
C MET D 274 0.19 9.18 35.25
N PHE D 275 -0.71 9.93 34.61
CA PHE D 275 -0.50 10.34 33.22
C PHE D 275 0.80 11.14 33.08
N SER D 276 1.02 12.10 33.95
CA SER D 276 2.25 12.88 33.88
CA SER D 276 2.26 12.88 33.89
C SER D 276 3.47 11.99 34.05
N SER D 277 3.44 11.09 35.05
CA SER D 277 4.56 10.18 35.25
C SER D 277 4.76 9.27 34.05
N ALA D 278 3.67 8.83 33.42
CA ALA D 278 3.79 7.94 32.28
C ALA D 278 4.47 8.65 31.11
N LYS D 279 4.12 9.91 30.89
CA LYS D 279 4.75 10.66 29.81
C LYS D 279 6.23 10.86 30.09
N GLU D 280 6.64 11.02 31.35
CA GLU D 280 8.06 11.16 31.65
C GLU D 280 8.82 9.89 31.32
N LEU D 281 8.16 8.73 31.39
CA LEU D 281 8.82 7.45 31.13
CA LEU D 281 8.83 7.46 31.13
C LEU D 281 8.72 7.00 29.68
N VAL D 282 7.64 7.37 28.96
CA VAL D 282 7.47 6.87 27.61
C VAL D 282 8.65 7.29 26.73
N VAL D 283 9.19 8.48 26.98
CA VAL D 283 10.30 8.98 26.17
C VAL D 283 11.57 8.18 26.40
N VAL D 284 11.66 7.45 27.50
CA VAL D 284 12.85 6.65 27.78
C VAL D 284 12.90 5.43 26.86
N TYR D 285 11.77 4.76 26.71
CA TYR D 285 11.72 3.44 26.08
C TYR D 285 11.05 3.43 24.73
N GLU D 286 10.09 4.32 24.47
CA GLU D 286 9.23 4.18 23.31
C GLU D 286 9.36 5.34 22.34
N GLY D 287 9.14 6.56 22.82
CA GLY D 287 9.04 7.74 21.98
C GLY D 287 8.23 8.82 22.69
N MET D 288 7.77 9.81 21.91
CA MET D 288 7.07 10.93 22.50
C MET D 288 5.68 10.49 22.99
N PRO D 289 5.08 11.27 23.87
CA PRO D 289 3.67 11.03 24.20
C PRO D 289 2.74 11.05 23.00
N SER D 290 3.20 11.61 21.88
CA SER D 290 2.39 11.71 20.66
C SER D 290 2.93 10.82 19.54
N TYR D 291 3.80 9.83 19.83
CA TYR D 291 3.97 8.73 18.88
C TYR D 291 4.32 7.39 19.53
N GLY D 292 5.02 7.39 20.67
CA GLY D 292 5.13 6.15 21.42
C GLY D 292 5.77 4.98 20.70
N GLY D 293 6.73 5.25 19.83
CA GLY D 293 7.39 4.18 19.13
C GLY D 293 6.66 3.69 17.91
N LEU D 294 5.66 4.44 17.43
CA LEU D 294 4.91 4.09 16.24
C LEU D 294 5.05 5.15 15.17
N ALA D 295 5.07 4.71 13.91
CA ALA D 295 4.90 5.65 12.81
C ALA D 295 3.51 6.27 12.88
N GLY D 296 3.38 7.50 12.37
CA GLY D 296 2.08 8.16 12.37
C GLY D 296 1.01 7.33 11.67
N ARG D 297 1.39 6.71 10.55
CA ARG D 297 0.42 5.90 9.83
C ARG D 297 -0.12 4.76 10.68
N ASP D 298 0.67 4.20 11.60
CA ASP D 298 0.21 3.11 12.44
C ASP D 298 -0.70 3.57 13.55
N MET D 299 -0.49 4.75 14.10
CA MET D 299 -1.50 5.31 14.99
C MET D 299 -2.82 5.48 14.25
N GLU D 300 -2.77 5.94 12.99
CA GLU D 300 -3.99 6.09 12.19
C GLU D 300 -4.67 4.74 11.97
N ALA D 301 -3.90 3.73 11.55
CA ALA D 301 -4.50 2.42 11.31
C ALA D 301 -5.12 1.83 12.56
N MET D 302 -4.50 2.06 13.72
CA MET D 302 -5.02 1.53 14.97
C MET D 302 -6.30 2.25 15.40
N ALA D 303 -6.37 3.56 15.18
CA ALA D 303 -7.58 4.31 15.47
C ALA D 303 -8.74 3.81 14.62
N ILE D 304 -8.49 3.59 13.34
CA ILE D 304 -9.54 3.13 12.44
C ILE D 304 -9.93 1.70 12.78
N GLY D 305 -8.95 0.86 13.09
CA GLY D 305 -9.23 -0.54 13.38
C GLY D 305 -10.00 -0.76 14.66
N LEU D 306 -9.69 -0.01 15.72
CA LEU D 306 -10.45 -0.15 16.95
C LEU D 306 -11.93 0.15 16.72
N ARG D 307 -12.21 1.16 15.90
CA ARG D 307 -13.60 1.49 15.59
C ARG D 307 -14.27 0.41 14.74
N GLU D 308 -13.53 -0.18 13.80
CA GLU D 308 -14.08 -1.26 13.00
C GLU D 308 -14.40 -2.47 13.86
N ALA D 309 -13.61 -2.69 14.91
CA ALA D 309 -13.83 -3.84 15.79
C ALA D 309 -15.14 -3.76 16.54
N MET D 310 -15.74 -2.58 16.66
CA MET D 310 -17.03 -2.44 17.34
C MET D 310 -18.19 -2.98 16.52
N GLN D 311 -17.98 -3.34 15.25
CA GLN D 311 -19.11 -3.80 14.44
C GLN D 311 -19.54 -5.19 14.90
N TYR D 312 -20.81 -5.35 15.29
CA TYR D 312 -21.26 -6.63 15.80
C TYR D 312 -20.95 -7.76 14.82
N GLU D 313 -21.31 -7.58 13.54
CA GLU D 313 -21.21 -8.70 12.62
C GLU D 313 -19.76 -9.15 12.46
N TYR D 314 -18.82 -8.20 12.52
CA TYR D 314 -17.39 -8.54 12.46
C TYR D 314 -17.00 -9.43 13.63
N ILE D 315 -17.34 -9.02 14.86
CA ILE D 315 -16.82 -9.78 16.00
C ILE D 315 -17.59 -11.08 16.19
N GLU D 316 -18.88 -11.10 15.85
CA GLU D 316 -19.64 -12.35 15.86
C GLU D 316 -19.01 -13.38 14.93
N HIS D 317 -18.69 -12.96 13.71
CA HIS D 317 -18.06 -13.88 12.77
C HIS D 317 -16.67 -14.28 13.25
N ARG D 318 -15.90 -13.33 13.78
CA ARG D 318 -14.57 -13.67 14.31
C ARG D 318 -14.66 -14.81 15.31
N VAL D 319 -15.51 -14.66 16.31
CA VAL D 319 -15.61 -15.65 17.38
C VAL D 319 -16.22 -16.94 16.86
N LYS D 320 -17.24 -16.85 15.99
CA LYS D 320 -17.87 -18.07 15.52
C LYS D 320 -16.99 -18.85 14.53
N GLN D 321 -16.06 -18.19 13.86
CA GLN D 321 -15.11 -18.94 13.02
C GLN D 321 -14.18 -19.78 13.88
N VAL D 322 -13.71 -19.23 15.00
CA VAL D 322 -12.92 -20.01 15.93
C VAL D 322 -13.75 -21.16 16.46
N ARG D 323 -15.00 -20.88 16.82
CA ARG D 323 -15.89 -21.91 17.37
C ARG D 323 -16.13 -23.02 16.36
N TYR D 324 -16.27 -22.68 15.08
CA TYR D 324 -16.40 -23.67 14.03
C TYR D 324 -15.27 -24.69 14.06
N LEU D 325 -14.04 -24.21 14.17
CA LEU D 325 -12.88 -25.11 14.27
C LEU D 325 -12.99 -26.00 15.50
N GLY D 326 -13.29 -25.40 16.65
CA GLY D 326 -13.37 -26.19 17.86
C GLY D 326 -14.51 -27.18 17.83
N ASP D 327 -15.65 -26.77 17.27
CA ASP D 327 -16.79 -27.66 17.20
C ASP D 327 -16.47 -28.88 16.33
N LYS D 328 -15.78 -28.67 15.20
CA LYS D 328 -15.44 -29.79 14.32
C LYS D 328 -14.48 -30.75 15.00
N LEU D 329 -13.50 -30.22 15.74
CA LEU D 329 -12.59 -31.08 16.47
C LEU D 329 -13.32 -31.86 17.56
N LYS D 330 -14.17 -31.18 18.33
CA LYS D 330 -14.88 -31.83 19.42
C LYS D 330 -15.79 -32.93 18.90
N ALA D 331 -16.44 -32.70 17.76
CA ALA D 331 -17.36 -33.71 17.23
C ALA D 331 -16.64 -34.96 16.77
N ALA D 332 -15.34 -34.87 16.49
CA ALA D 332 -14.52 -36.02 16.15
C ALA D 332 -13.82 -36.64 17.35
N GLY D 333 -14.07 -36.12 18.54
CA GLY D 333 -13.51 -36.66 19.75
C GLY D 333 -12.13 -36.16 20.12
N VAL D 334 -11.63 -35.16 19.41
CA VAL D 334 -10.31 -34.59 19.76
C VAL D 334 -10.45 -33.80 21.05
N PRO D 335 -9.60 -34.01 22.05
CA PRO D 335 -9.73 -33.29 23.31
C PRO D 335 -9.22 -31.86 23.17
N ILE D 336 -10.05 -30.91 23.56
CA ILE D 336 -9.71 -29.50 23.49
C ILE D 336 -10.09 -28.83 24.82
N VAL D 337 -9.53 -27.65 25.04
CA VAL D 337 -10.00 -26.82 26.14
C VAL D 337 -11.40 -26.34 25.81
N GLU D 338 -12.27 -26.36 26.80
CA GLU D 338 -13.66 -25.94 26.65
C GLU D 338 -14.00 -24.90 27.70
N PRO D 339 -15.00 -24.04 27.42
CA PRO D 339 -15.52 -23.85 26.07
C PRO D 339 -14.48 -23.18 25.17
N VAL D 340 -14.72 -23.22 23.85
CA VAL D 340 -13.78 -22.57 22.94
C VAL D 340 -13.75 -21.09 23.25
N GLY D 341 -12.53 -20.54 23.26
CA GLY D 341 -12.31 -19.13 23.53
C GLY D 341 -12.47 -18.25 22.30
N GLY D 342 -12.14 -16.98 22.48
CA GLY D 342 -12.43 -16.02 21.43
C GLY D 342 -11.45 -15.99 20.28
N HIS D 343 -10.22 -16.47 20.47
CA HIS D 343 -9.13 -16.23 19.53
C HIS D 343 -8.39 -17.48 19.11
N ALA D 344 -8.70 -18.64 19.68
CA ALA D 344 -7.87 -19.81 19.47
C ALA D 344 -8.62 -21.05 19.93
N VAL D 345 -8.24 -22.18 19.37
CA VAL D 345 -8.57 -23.50 19.89
C VAL D 345 -7.30 -24.09 20.49
N PHE D 346 -7.40 -24.76 21.65
N PHE D 346 -7.44 -24.54 21.74
CA PHE D 346 -6.22 -25.41 22.23
CA PHE D 346 -6.41 -25.03 22.62
C PHE D 346 -6.38 -26.94 22.23
C PHE D 346 -6.68 -26.52 22.72
N LEU D 347 -5.43 -27.65 21.63
N LEU D 347 -5.97 -27.30 21.93
CA LEU D 347 -5.44 -29.11 21.63
CA LEU D 347 -6.03 -28.75 22.11
C LEU D 347 -4.72 -29.66 22.85
C LEU D 347 -5.59 -29.07 23.53
N ASP D 348 -5.32 -30.63 23.54
N ASP D 348 -6.32 -29.96 24.21
CA ASP D 348 -4.67 -31.26 24.69
CA ASP D 348 -5.92 -30.40 25.54
C ASP D 348 -3.74 -32.33 24.14
C ASP D 348 -4.84 -31.45 25.38
N ALA D 349 -2.46 -31.98 23.99
N ALA D 349 -3.57 -30.99 25.40
CA ALA D 349 -1.52 -32.91 23.38
CA ALA D 349 -2.45 -31.89 25.18
C ALA D 349 -1.21 -34.07 24.30
C ALA D 349 -2.28 -32.90 26.31
N ARG D 350 -1.31 -33.88 25.62
N ARG D 350 -2.85 -32.63 27.49
CA ARG D 350 -1.09 -34.99 26.54
CA ARG D 350 -2.82 -33.62 28.56
C ARG D 350 -2.04 -36.14 26.25
C ARG D 350 -3.59 -34.88 28.16
N ARG D 351 -3.33 -35.83 26.12
N ARG D 351 -4.77 -34.69 27.56
CA ARG D 351 -4.33 -36.86 25.85
CA ARG D 351 -5.57 -35.82 27.11
C ARG D 351 -4.32 -37.27 24.39
C ARG D 351 -5.10 -36.31 25.74
N PHE D 352 -3.99 -36.33 23.49
N PHE D 352 -4.73 -35.39 24.85
CA PHE D 352 -3.82 -36.67 22.08
CA PHE D 352 -4.23 -35.77 23.53
C PHE D 352 -2.77 -37.76 21.90
C PHE D 352 -3.01 -36.67 23.65
N CYS D 353 -1.67 -37.68 22.65
N CYS D 353 -2.20 -36.48 24.69
CA CYS D 353 -0.58 -38.63 22.50
CA CYS D 353 -0.92 -37.18 24.84
C CYS D 353 -0.28 -39.32 23.83
C CYS D 353 -0.85 -37.84 26.22
N GLU D 354 -1.25 -40.05 24.37
N GLU D 354 -1.82 -38.74 26.47
CA GLU D 354 -1.07 -40.69 25.68
CA GLU D 354 -1.90 -39.43 27.76
C GLU D 354 0.03 -41.76 25.66
C GLU D 354 -0.56 -40.06 28.13
N HIS D 355 0.43 -42.23 24.47
N HIS D 355 0.08 -40.73 27.18
CA HIS D 355 1.51 -43.20 24.35
CA HIS D 355 1.29 -41.50 27.44
C HIS D 355 2.89 -42.57 24.53
C HIS D 355 2.43 -40.66 28.00
N LEU D 356 2.96 -41.25 24.62
N LEU D 356 2.34 -39.34 27.95
CA LEU D 356 4.21 -40.55 24.87
CA LEU D 356 3.43 -38.48 28.38
C LEU D 356 4.16 -39.92 26.25
C LEU D 356 3.08 -37.80 29.70
N THR D 357 5.33 -39.82 26.87
N THR D 357 4.09 -37.65 30.55
CA THR D 357 5.47 -39.08 28.12
CA THR D 357 3.94 -36.85 31.75
C THR D 357 5.73 -37.61 27.82
C THR D 357 4.11 -35.37 31.40
N GLN D 358 5.44 -36.77 28.82
N GLN D 358 3.53 -34.50 32.23
CA GLN D 358 5.66 -35.34 28.65
CA GLN D 358 3.68 -33.07 31.98
C GLN D 358 7.12 -35.03 28.34
C GLN D 358 5.15 -32.68 31.91
N ASP D 359 8.04 -35.84 28.88
N ASP D 359 6.02 -33.43 32.58
CA ASP D 359 9.45 -35.68 28.58
CA ASP D 359 7.45 -33.14 32.56
C ASP D 359 9.80 -36.01 27.14
C ASP D 359 8.10 -33.44 31.21
N GLU D 360 8.87 -36.60 26.39
N GLU D 360 7.43 -34.17 30.33
CA GLU D 360 9.03 -36.84 24.96
CA GLU D 360 7.94 -34.48 29.01
C GLU D 360 8.40 -35.75 24.11
C GLU D 360 7.48 -33.48 27.95
N PHE D 361 7.92 -34.67 24.72
N PHE D 361 6.85 -32.39 28.35
CA PHE D 361 7.49 -33.47 24.00
CA PHE D 361 6.48 -31.30 27.45
C PHE D 361 6.35 -33.72 23.03
C PHE D 361 5.51 -31.77 26.37
N PRO D 362 5.20 -34.24 23.50
N PRO D 362 4.39 -32.40 26.75
CA PRO D 362 4.12 -34.56 22.56
CA PRO D 362 3.46 -32.90 25.71
C PRO D 362 3.53 -33.35 21.84
C PRO D 362 2.93 -31.81 24.79
N ALA D 363 3.43 -32.20 22.53
N ALA D 363 2.62 -30.62 25.31
CA ALA D 363 2.90 -31.00 21.87
CA ALA D 363 2.12 -29.55 24.45
C ALA D 363 3.83 -30.55 20.74
C ALA D 363 3.16 -29.13 23.43
N GLN D 364 5.14 -30.52 20.99
N GLN D 364 4.41 -28.96 23.87
CA GLN D 364 6.08 -30.15 19.94
CA GLN D 364 5.46 -28.55 22.93
C GLN D 364 5.97 -31.10 18.75
C GLN D 364 5.63 -29.60 21.82
N SER D 365 5.88 -32.40 19.00
N SER D 365 5.55 -30.88 22.17
CA SER D 365 5.80 -33.34 17.91
CA SER D 365 5.75 -31.92 21.17
C SER D 365 4.47 -33.24 17.18
C SER D 365 4.54 -32.05 20.25
N LEU D 366 3.37 -33.05 17.93
N LEU D 366 3.32 -31.88 20.80
CA LEU D 366 2.07 -32.89 17.28
CA LEU D 366 2.13 -31.90 19.96
C LEU D 366 2.07 -31.67 16.38
C LEU D 366 2.19 -30.80 18.91
N ALA D 367 2.70 -30.59 16.83
N ALA D 367 2.56 -29.58 19.32
CA ALA D 367 2.77 -29.40 15.99
CA ALA D 367 2.68 -28.49 18.35
C ALA D 367 3.53 -29.69 14.70
C ALA D 367 3.67 -28.85 17.25
N ALA D 368 4.64 -30.43 14.81
N ALA D 368 4.79 -29.48 17.61
CA ALA D 368 5.40 -30.80 13.63
CA ALA D 368 5.78 -29.88 16.60
C ALA D 368 4.56 -31.64 12.69
C ALA D 368 5.20 -30.94 15.67
N SER D 369 3.84 -32.63 13.24
N SER D 369 4.56 -31.96 16.23
CA SER D 369 2.98 -33.48 12.42
CA SER D 369 3.94 -32.99 15.39
C SER D 369 1.90 -32.66 11.72
C SER D 369 2.89 -32.41 14.46
N ILE D 370 1.31 -31.68 12.41
N ILE D 370 2.06 -31.49 14.98
CA ILE D 370 0.25 -30.88 11.79
CA ILE D 370 1.06 -30.86 14.12
C ILE D 370 0.79 -30.16 10.57
C ILE D 370 1.73 -30.28 12.87
N TYR D 371 1.99 -29.59 10.66
N TYR D 371 2.86 -29.59 13.05
CA TYR D 371 2.53 -28.89 9.49
CA TYR D 371 3.51 -28.98 11.90
C TYR D 371 2.78 -29.84 8.33
C TYR D 371 4.04 -30.05 10.95
N VAL D 372 3.40 -30.99 8.60
N VAL D 372 4.70 -31.08 11.50
CA VAL D 372 3.70 -31.93 7.52
CA VAL D 372 5.30 -32.12 10.65
C VAL D 372 2.42 -32.32 6.79
C VAL D 372 4.24 -32.75 9.76
N GLU D 373 1.35 -32.59 7.52
N GLU D 373 3.07 -33.03 10.31
CA GLU D 373 0.17 -33.16 6.90
CA GLU D 373 2.08 -33.80 9.58
C GLU D 373 -0.71 -32.13 6.22
C GLU D 373 1.14 -32.95 8.74
N THR D 374 -0.59 -30.83 6.57
N THR D 374 1.02 -31.65 9.01
CA THR D 374 -1.50 -29.82 6.04
CA THR D 374 0.01 -30.83 8.37
C THR D 374 -0.86 -28.50 5.60
C THR D 374 0.51 -29.50 7.81
N GLY D 375 0.37 -28.19 5.96
N GLY D 375 1.70 -29.04 8.19
CA GLY D 375 0.90 -26.86 5.73
CA GLY D 375 2.15 -27.72 7.77
C GLY D 375 0.46 -25.82 6.73
C GLY D 375 1.47 -26.57 8.46
N VAL D 376 -0.13 -26.23 7.85
N VAL D 376 0.67 -26.84 9.48
CA VAL D 376 -0.60 -25.34 8.91
CA VAL D 376 0.00 -25.82 10.28
C VAL D 376 0.48 -25.28 9.99
C VAL D 376 0.86 -25.54 11.50
N ARG D 377 0.86 -24.07 10.38
N ARG D 377 1.09 -24.26 11.78
CA ARG D 377 1.74 -23.88 11.54
CA ARG D 377 1.87 -23.87 12.94
C ARG D 377 0.93 -23.58 12.79
C ARG D 377 0.93 -23.47 14.09
N SER D 378 1.23 -24.32 13.86
N SER D 378 1.25 -23.96 15.29
CA SER D 378 0.63 -24.13 15.18
CA SER D 378 0.48 -23.65 16.48
C SER D 378 1.75 -23.96 16.21
C SER D 378 1.45 -23.37 17.62
N ALA D 379 1.37 -23.48 17.39
N ALA D 379 0.93 -22.87 18.73
CA ALA D 379 2.35 -23.15 18.42
CA ALA D 379 1.75 -22.40 19.84
C ALA D 379 2.37 -24.21 19.52
C ALA D 379 1.57 -23.25 21.09
N GLU D 380 3.57 -24.68 19.87
N GLU D 380 2.69 -23.56 21.75
CA GLU D 380 3.72 -25.49 21.07
CA GLU D 380 2.63 -24.19 23.05
C GLU D 380 3.48 -24.62 22.30
C GLU D 380 2.07 -23.22 24.07
N ARG D 381 2.63 -25.08 23.20
N ARG D 381 1.13 -23.70 24.91
CA ARG D 381 2.36 -24.39 24.46
CA ARG D 381 0.55 -22.92 26.00
C ARG D 381 2.34 -25.50 25.53
C ARG D 381 0.37 -23.86 27.19
N GLY D 382 3.51 -26.05 25.80
N GLY D 382 1.49 -24.23 27.81
CA GLY D 382 3.67 -27.12 26.77
CA GLY D 382 1.49 -25.08 28.98
C GLY D 382 5.04 -27.11 27.37
C GLY D 382 2.69 -24.81 29.85
N ILE D 383 5.64 -28.29 27.50
N ILE D 383 3.38 -25.87 30.29
CA ILE D 383 6.86 -28.42 28.29
CA ILE D 383 4.45 -25.70 31.26
C ILE D 383 8.01 -27.66 27.65
C ILE D 383 5.61 -24.88 30.69
N ILE D 384 8.09 -27.65 26.32
N ILE D 384 5.88 -25.00 29.38
CA ILE D 384 9.19 -26.94 25.67
CA ILE D 384 6.97 -24.22 28.80
C ILE D 384 9.11 -25.45 25.99
C ILE D 384 6.66 -22.73 28.91
N SER D 385 7.95 -24.85 25.76
N SER D 385 5.50 -22.31 28.40
CA SER D 385 7.79 -23.43 26.03
CA SER D 385 5.11 -20.91 28.51
C SER D 385 7.90 -23.11 27.52
C SER D 385 5.00 -20.49 29.97
N ALA D 386 7.58 -24.07 28.40
N ALA D 386 4.68 -21.43 30.86
CA ALA D 386 7.73 -23.84 29.82
CA ALA D 386 4.50 -21.08 32.27
C ALA D 386 9.19 -23.65 30.23
C ALA D 386 5.79 -20.59 32.91
N GLY D 387 10.12 -24.24 29.49
N GLY D 387 6.93 -21.08 32.44
CA GLY D 387 11.52 -24.07 29.79
CA GLY D 387 8.20 -20.60 32.93
C GLY D 387 12.05 -25.07 30.79
C GLY D 387 8.61 -21.21 34.26
N ARG D 388 13.32 -24.88 31.13
N ARG D 388 9.70 -20.65 34.80
CA ARG D 388 14.03 -25.76 32.06
CA ARG D 388 10.33 -21.16 36.01
C ARG D 388 14.44 -24.95 33.28
C ARG D 388 10.33 -20.09 37.09
N ASN D 389 14.45 -25.63 34.43
N ASN D 389 11.24 -20.19 38.05
CA ASN D 389 14.92 -25.03 35.68
CA ASN D 389 11.51 -19.14 39.02
C ASN D 389 16.44 -25.07 35.70
C ASN D 389 10.44 -19.05 40.10
N ASN D 390 17.08 -23.90 35.61
N ASN D 390 9.87 -20.20 40.47
CA ASN D 390 18.54 -23.84 35.54
CA ASN D 390 8.95 -20.28 41.60
C ASN D 390 19.19 -24.23 36.85
C ASN D 390 9.66 -20.74 42.87
N VAL D 391 18.45 -24.17 37.96
N VAL D 391 10.44 -21.81 42.79
CA VAL D 391 19.00 -24.59 39.24
CA VAL D 391 11.26 -22.30 43.90
C VAL D 391 19.06 -26.11 39.33
C VAL D 391 12.72 -22.25 43.43
N THR D 392 17.90 -26.77 39.23
N THR D 392 13.04 -23.09 42.46
CA THR D 392 17.85 -28.22 39.33
CA THR D 392 14.36 -23.09 41.83
C THR D 392 18.27 -28.89 38.03
C THR D 392 14.17 -23.24 40.32
N GLY D 393 18.10 -28.21 36.89
N GLY D 393 14.92 -24.14 39.71
CA GLY D 393 18.42 -28.78 35.61
CA GLY D 393 14.65 -24.56 38.35
C GLY D 393 17.30 -29.54 34.94
C GLY D 393 13.33 -25.28 38.19
N GLU D 394 16.11 -29.57 35.53
N GLU D 394 12.59 -25.48 39.29
CA GLU D 394 14.98 -30.31 34.98
CA GLU D 394 11.27 -26.07 39.21
C GLU D 394 13.91 -29.35 34.46
C GLU D 394 10.37 -25.20 38.32
N HIS D 395 13.03 -29.89 33.63
N HIS D 395 9.88 -25.77 37.22
CA HIS D 395 11.98 -29.08 33.04
CA HIS D 395 9.01 -25.00 36.35
C HIS D 395 11.08 -28.49 34.11
C HIS D 395 7.58 -25.03 36.86
N HIS D 396 10.44 -27.36 33.79
N HIS D 396 6.90 -23.90 36.72
CA HIS D 396 9.45 -26.79 34.69
CA HIS D 396 5.49 -23.82 37.07
C HIS D 396 8.16 -27.60 34.72
C HIS D 396 4.75 -24.97 36.40
N ARG D 397 7.89 -28.37 33.66
N ARG D 397 3.74 -25.49 37.10
CA ARG D 397 6.77 -29.30 33.61
CA ARG D 397 2.98 -26.66 36.66
C ARG D 397 5.43 -28.60 33.82
C ARG D 397 1.53 -26.25 36.47
N PRO D 398 4.76 -28.20 32.75
N PRO D 398 1.21 -25.51 35.41
CA PRO D 398 3.47 -27.51 32.89
CA PRO D 398 -0.20 -25.19 35.15
C PRO D 398 2.30 -28.46 33.02
C PRO D 398 -1.00 -26.45 34.90
N LYS D 399 1.28 -27.98 33.75
N LYS D 399 -2.23 -26.47 35.42
CA LYS D 399 0.03 -28.71 33.87
CA LYS D 399 -3.12 -27.58 35.13
C LYS D 399 -0.57 -29.00 32.51
C LYS D 399 -3.49 -27.61 33.65
N LEU D 400 -0.65 -27.98 31.66
N LEU D 400 -3.53 -26.46 33.00
CA LEU D 400 -1.28 -28.10 30.35
CA LEU D 400 -3.86 -26.39 31.57
C LEU D 400 -0.21 -28.30 29.29
C LEU D 400 -2.58 -26.59 30.77
N GLU D 401 -0.30 -29.39 28.54
N GLU D 401 -2.48 -27.74 30.11
CA GLU D 401 0.59 -29.72 27.43
CA GLU D 401 -1.36 -28.09 29.24
C GLU D 401 -0.26 -29.57 26.18
C GLU D 401 -1.95 -28.17 27.83
N THR D 402 -0.18 -28.40 25.53
N THR D 402 -1.77 -27.10 27.05
CA THR D 402 -1.13 -28.05 24.49
CA THR D 402 -2.54 -26.93 25.82
C THR D 402 -0.45 -27.60 23.21
C THR D 402 -1.66 -26.51 24.64
N VAL D 403 -1.20 -27.69 22.12
N VAL D 403 -2.20 -26.75 23.45
CA VAL D 403 -0.86 -27.09 20.83
CA VAL D 403 -1.61 -26.29 22.20
C VAL D 403 -1.92 -26.03 20.56
C VAL D 403 -2.62 -25.38 21.51
N ARG D 404 -1.49 -24.80 20.34
N ARG D 404 -2.16 -24.21 21.04
CA ARG D 404 -2.40 -23.67 20.21
CA ARG D 404 -3.04 -23.14 20.60
C ARG D 404 -2.69 -23.40 18.74
C ARG D 404 -2.95 -22.92 19.08
N LEU D 405 -3.97 -23.38 18.37
CA LEU D 405 -4.36 -23.01 17.02
C LEU D 405 -4.94 -21.60 17.09
N THR D 406 -4.08 -20.60 16.86
CA THR D 406 -4.41 -19.20 17.10
C THR D 406 -4.83 -18.56 15.79
N ILE D 407 -5.99 -17.90 15.77
CA ILE D 407 -6.62 -17.50 14.52
C ILE D 407 -6.45 -16.00 14.32
N PRO D 408 -5.65 -15.56 13.35
CA PRO D 408 -5.61 -14.12 13.00
C PRO D 408 -6.97 -13.63 12.55
N ARG D 409 -7.24 -12.32 12.74
CA ARG D 409 -8.54 -11.78 12.39
C ARG D 409 -8.60 -11.39 10.90
N ARG D 410 -9.66 -11.87 10.24
CA ARG D 410 -10.01 -11.53 8.86
C ARG D 410 -9.04 -12.07 7.82
N VAL D 411 -8.29 -13.12 8.12
CA VAL D 411 -7.27 -13.66 7.24
C VAL D 411 -7.71 -14.95 6.55
N TYR D 412 -8.40 -15.82 7.27
CA TYR D 412 -8.72 -17.15 6.81
C TYR D 412 -10.23 -17.33 6.69
N THR D 413 -10.62 -18.41 6.05
CA THR D 413 -12.02 -18.73 5.81
C THR D 413 -12.39 -20.05 6.52
N TYR D 414 -13.67 -20.40 6.44
CA TYR D 414 -14.08 -21.69 7.00
C TYR D 414 -13.42 -22.84 6.26
N ALA D 415 -13.16 -22.69 4.95
CA ALA D 415 -12.47 -23.76 4.21
C ALA D 415 -11.07 -23.97 4.75
N HIS D 416 -10.37 -22.89 5.11
CA HIS D 416 -9.08 -23.07 5.78
C HIS D 416 -9.25 -23.78 7.13
N MET D 417 -10.31 -23.44 7.89
CA MET D 417 -10.53 -24.13 9.15
C MET D 417 -10.74 -25.64 8.92
N ASP D 418 -11.41 -25.99 7.82
CA ASP D 418 -11.58 -27.40 7.47
C ASP D 418 -10.24 -28.08 7.22
N VAL D 419 -9.32 -27.40 6.51
CA VAL D 419 -8.00 -27.97 6.28
C VAL D 419 -7.33 -28.28 7.62
N VAL D 420 -7.40 -27.34 8.55
CA VAL D 420 -6.80 -27.52 9.87
C VAL D 420 -7.44 -28.69 10.58
N ALA D 421 -8.77 -28.68 10.68
CA ALA D 421 -9.48 -29.71 11.43
C ALA D 421 -9.25 -31.07 10.81
N ASP D 422 -9.39 -31.16 9.49
CA ASP D 422 -9.28 -32.47 8.83
C ASP D 422 -7.92 -33.08 9.10
N GLY D 423 -6.87 -32.27 9.06
CA GLY D 423 -5.53 -32.81 9.28
C GLY D 423 -5.33 -33.26 10.71
N ILE D 424 -5.83 -32.47 11.67
CA ILE D 424 -5.70 -32.86 13.07
C ILE D 424 -6.52 -34.11 13.37
N ILE D 425 -7.69 -34.24 12.73
N ILE D 425 -7.72 -34.20 12.81
CA ILE D 425 -8.57 -35.38 13.00
CA ILE D 425 -8.55 -35.39 13.05
C ILE D 425 -8.02 -36.64 12.34
C ILE D 425 -7.79 -36.63 12.62
N LYS D 426 -7.53 -36.53 11.11
N LYS D 426 -7.31 -36.65 11.38
CA LYS D 426 -6.89 -37.68 10.48
CA LYS D 426 -6.57 -37.80 10.89
C LYS D 426 -5.73 -38.18 11.34
C LYS D 426 -5.35 -38.09 11.76
N LEU D 427 -4.92 -37.26 11.85
N LEU D 427 -4.75 -37.05 12.34
CA LEU D 427 -3.85 -37.67 12.76
CA LEU D 427 -3.56 -37.25 13.18
C LEU D 427 -4.40 -38.32 14.00
C LEU D 427 -3.94 -37.84 14.53
N TYR D 428 -5.47 -37.77 14.56
N TYR D 428 -5.09 -37.46 15.08
CA TYR D 428 -6.02 -38.31 15.80
CA TYR D 428 -5.47 -37.92 16.41
C TYR D 428 -6.46 -39.75 15.59
C TYR D 428 -5.47 -39.44 16.51
N GLN D 429 -6.99 -40.06 14.40
N GLN D 429 -5.78 -40.13 15.40
CA GLN D 429 -7.39 -41.42 14.09
CA GLN D 429 -5.88 -41.58 15.44
C GLN D 429 -6.22 -42.39 13.98
C GLN D 429 -4.58 -42.25 15.89
N HIS D 430 -4.99 -41.90 13.92
N HIS D 430 -3.44 -41.57 15.77
CA HIS D 430 -3.78 -42.71 13.91
CA HIS D 430 -2.15 -42.14 16.15
C HIS D 430 -2.77 -42.13 14.87
C HIS D 430 -1.42 -41.24 17.14
N LYS D 431 -3.24 -41.61 16.00
N LYS D 431 -2.16 -40.71 18.12
CA LYS D 431 -2.39 -40.86 16.92
CA LYS D 431 -1.57 -39.83 19.11
C LYS D 431 -1.24 -41.72 17.44
C LYS D 431 -0.45 -40.50 19.91
N GLU D 432 -1.43 -43.04 17.49
N GLU D 432 -0.39 -41.82 19.93
CA GLU D 432 -0.38 -43.92 18.00
CA GLU D 432 0.63 -42.52 20.70
C GLU D 432 0.89 -43.85 17.17
C GLU D 432 2.03 -42.37 20.12
N ASP D 433 0.80 -43.37 15.94
N ASP D 433 2.16 -41.83 18.91
CA ASP D 433 1.96 -43.30 15.05
CA ASP D 433 3.46 -41.67 18.26
C ASP D 433 2.76 -42.02 15.23
C ASP D 433 4.18 -40.39 18.66
N ILE D 434 2.33 -41.11 16.09
N ILE D 434 3.51 -39.47 19.35
CA ILE D 434 3.06 -39.87 16.33
CA ILE D 434 4.12 -38.21 19.75
C ILE D 434 4.27 -40.18 17.21
C ILE D 434 5.12 -38.48 20.87
N ARG D 435 5.46 -39.81 16.73
N ARG D 435 6.37 -38.11 20.65
CA ARG D 435 6.69 -40.18 17.40
CA ARG D 435 7.44 -38.36 21.60
C ARG D 435 7.14 -39.12 18.38
C ARG D 435 7.59 -37.18 22.56
N GLY D 436 7.78 -39.58 19.46
N GLY D 436 8.16 -37.48 23.73
CA GLY D 436 8.33 -38.65 20.44
CA GLY D 436 8.45 -36.45 24.69
C GLY D 436 9.58 -37.97 19.93
C GLY D 436 9.71 -35.68 24.34
N LEU D 437 9.92 -36.86 20.58
N LEU D 437 9.81 -34.47 24.89
CA LEU D 437 11.06 -36.05 20.16
CA LEU D 437 10.89 -33.56 24.58
C LEU D 437 12.09 -35.94 21.28
C LEU D 437 11.66 -33.20 25.86
N LYS D 438 13.34 -35.70 20.88
N LYS D 438 12.92 -32.79 25.66
CA LYS D 438 14.44 -35.47 21.81
CA LYS D 438 13.79 -32.32 26.72
C LYS D 438 15.24 -34.27 21.32
C LYS D 438 14.52 -31.08 26.25
N PHE D 439 15.90 -33.60 22.26
N PHE D 439 14.80 -30.18 27.19
CA PHE D 439 16.72 -32.45 21.92
CA PHE D 439 15.50 -28.94 26.86
C PHE D 439 17.97 -32.88 21.17
C PHE D 439 16.95 -29.21 26.44
N ILE D 440 18.31 -32.11 20.13
N ILE D 440 17.42 -28.43 25.46
CA ILE D 440 19.65 -32.13 19.55
CA ILE D 440 18.85 -28.38 25.14
C ILE D 440 20.34 -30.79 19.66
C ILE D 440 19.33 -26.95 25.31
N TYR D 441 19.62 -29.70 19.95
N TYR D 441 18.41 -25.99 25.15
CA TYR D 441 20.20 -28.42 20.32
CA TYR D 441 18.70 -24.58 25.39
C TYR D 441 19.22 -27.72 21.24
C TYR D 441 17.46 -23.93 26.01
N GLU D 442 19.70 -27.30 22.42
N GLU D 442 17.66 -23.28 27.16
CA GLU D 442 18.87 -26.61 23.38
CA GLU D 442 16.57 -22.65 27.90
C GLU D 442 19.61 -25.41 23.96
C GLU D 442 16.93 -21.21 28.20
N PRO D 443 19.17 -24.18 23.70
N PRO D 443 16.22 -20.19 27.60
CA PRO D 443 19.79 -23.03 24.35
CA PRO D 443 16.63 -18.78 27.73
C PRO D 443 19.35 -22.92 25.80
C PRO D 443 16.17 -18.05 28.99
N LYS D 444 20.15 -22.18 26.57
N LYS D 444 16.39 -18.68 30.14
CA LYS D 444 19.91 -22.07 28.00
CA LYS D 444 16.25 -17.99 31.42
C LYS D 444 18.56 -21.42 28.30
C LYS D 444 14.86 -17.41 31.66
N GLN D 445 18.13 -20.47 27.48
N GLN D 445 14.39 -16.50 30.81
CA GLN D 445 16.81 -19.89 27.64
CA GLN D 445 13.07 -15.89 30.96
C GLN D 445 16.22 -19.58 26.26
C GLN D 445 12.32 -15.95 29.63
N LEU D 446 14.96 -19.14 26.26
N LEU D 446 10.98 -15.89 29.71
CA LEU D 446 14.21 -18.92 25.03
CA LEU D 446 10.11 -15.97 28.53
C LEU D 446 14.29 -20.15 24.12
C LEU D 446 10.61 -17.06 27.58
N ARG D 447 14.19 -21.33 24.73
N ARG D 447 10.89 -18.23 28.15
CA ARG D 447 14.46 -22.55 23.97
CA ARG D 447 11.69 -19.24 27.48
C ARG D 447 13.37 -22.87 22.95
C ARG D 447 11.00 -19.87 26.29
N PHE D 448 12.13 -22.45 23.21
N PHE D 448 9.68 -19.83 26.22
CA PHE D 448 11.09 -22.67 22.21
CA PHE D 448 8.96 -20.50 25.15
C PHE D 448 11.44 -21.99 20.89
C PHE D 448 9.26 -19.90 23.79
N PHE D 449 12.28 -20.97 20.91
N PHE D 449 9.73 -18.65 23.73
CA PHE D 449 12.50 -20.13 19.74
CA PHE D 449 9.90 -17.97 22.45
C PHE D 449 13.53 -20.69 18.78
C PHE D 449 11.05 -18.56 21.64
N THR D 450 14.52 -21.43 19.29
N THR D 450 12.14 -18.95 22.31
CA THR D 450 15.57 -21.93 18.43
CA THR D 450 13.33 -19.38 21.58
C THR D 450 15.95 -23.38 18.68
C THR D 450 14.01 -20.60 22.17
N ALA D 451 15.30 -24.09 19.60
N ALA D 451 13.37 -21.33 23.09
CA ALA D 451 15.66 -25.48 19.88
CA ALA D 451 13.98 -22.53 23.62
C ALA D 451 15.42 -26.35 18.66
C ALA D 451 14.09 -23.59 22.53
N ARG D 452 16.27 -27.36 18.49
N ARG D 452 15.07 -24.48 22.68
CA ARG D 452 16.17 -28.32 17.41
CA ARG D 452 15.29 -25.58 21.76
C ARG D 452 16.07 -29.73 17.97
C ARG D 452 15.25 -26.88 22.54
N PHE D 453 15.32 -30.58 17.27
N PHE D 453 14.79 -27.94 21.87
CA PHE D 453 14.95 -31.89 17.78
CA PHE D 453 14.53 -29.20 22.53
C PHE D 453 15.19 -32.97 16.73
C PHE D 453 15.08 -30.35 21.68
N ASP D 454 15.12 -34.22 17.17
N ASP D 454 15.12 -31.53 22.29
CA ASP D 454 15.04 -35.37 16.27
CA ASP D 454 15.42 -32.77 21.60
C ASP D 454 14.09 -36.38 16.89
C ASP D 454 14.46 -33.82 22.15
N TYR D 455 13.56 -37.28 16.07
N TYR D 455 14.22 -34.86 21.35
CA TYR D 455 12.69 -38.32 16.60
CA TYR D 455 13.40 -35.97 21.80
C TYR D 455 13.50 -39.32 17.42
C TYR D 455 14.15 -36.77 22.85
N ILE D 456 12.83 -39.91 18.41
N ILE D 456 13.40 -37.31 23.82
CA ILE D 456 13.47 -40.89 19.28
CA ILE D 456 14.00 -38.11 24.87
C ILE D 456 13.70 -42.19 18.53
C ILE D 456 14.28 -39.53 24.37
#